data_6UIZ
# 
_entry.id   6UIZ 
# 
_audit_conform.dict_name       mmcif_pdbx.dic 
_audit_conform.dict_version    5.380 
_audit_conform.dict_location   http://mmcif.pdb.org/dictionaries/ascii/mmcif_pdbx.dic 
# 
loop_
_database_2.database_id 
_database_2.database_code 
_database_2.pdbx_database_accession 
_database_2.pdbx_DOI 
PDB   6UIZ         pdb_00006uiz 10.2210/pdb6uiz/pdb 
WWPDB D_1000244704 ?            ?                   
# 
_pdbx_database_status.status_code                     REL 
_pdbx_database_status.status_code_sf                  REL 
_pdbx_database_status.status_code_mr                  ? 
_pdbx_database_status.entry_id                        6UIZ 
_pdbx_database_status.recvd_initial_deposition_date   2019-10-01 
_pdbx_database_status.SG_entry                        N 
_pdbx_database_status.deposit_site                    RCSB 
_pdbx_database_status.process_site                    RCSB 
_pdbx_database_status.status_code_cs                  ? 
_pdbx_database_status.methods_development_category    ? 
_pdbx_database_status.pdb_format_compatible           Y 
_pdbx_database_status.status_code_nmr_data            ? 
# 
loop_
_audit_author.name 
_audit_author.pdbx_ordinal 
_audit_author.identifier_ORCID 
'Miller, K.R.'    1  0000-0003-1963-2908 
'Paretsky, J.D.'  2  ?                   
'Follmer, A.H.'   3  0000-0002-6244-6804 
'Heinisch, T.'    4  ?                   
'Mittra, K.'      5  0000-0003-2325-1972 
'Gul, S.'         6  ?                   
'Kim, I.-S.'      7  ?                   
'Fuller, F.D.'    8  ?                   
'Batyuk, A.'      9  ?                   
'Sutherlin, K.D.' 10 ?                   
'Brewster, A.S.'  11 ?                   
'Bhowmick, A.'    12 ?                   
'Sauter, N.K.'    13 ?                   
'Kern, J.'        14 0000-0002-7272-1603 
'Yano, J.'        15 0000-0001-6308-9071 
'Green, M.T.'     16 0000-0001-8658-8420 
'Ward, T.R.'      17 0000-0001-8602-5468 
'Borovik, A.S.'   18 0000-0001-5049-9952 
# 
_citation.abstract                  ? 
_citation.abstract_id_CAS           ? 
_citation.book_id_ISBN              ? 
_citation.book_publisher            ? 
_citation.book_publisher_city       ? 
_citation.book_title                ? 
_citation.coordinate_linkage        ? 
_citation.country                   US 
_citation.database_id_Medline       ? 
_citation.details                   ? 
_citation.id                        primary 
_citation.journal_abbrev            Inorg.Chem. 
_citation.journal_id_ASTM           INOCAJ 
_citation.journal_id_CSD            0009 
_citation.journal_id_ISSN           0020-1669 
_citation.journal_full              ? 
_citation.journal_issue             ? 
_citation.journal_volume            59 
_citation.language                  ? 
_citation.page_first                6000 
_citation.page_last                 6009 
_citation.title                     'Artificial Iron Proteins: Modeling the Active Sites in Non-Heme Dioxygenases.' 
_citation.year                      2020 
_citation.database_id_CSD           ? 
_citation.pdbx_database_id_DOI      10.1021/acs.inorgchem.9b03791 
_citation.pdbx_database_id_PubMed   32309932 
_citation.unpublished_flag          ? 
# 
loop_
_citation_author.citation_id 
_citation_author.name 
_citation_author.ordinal 
_citation_author.identifier_ORCID 
primary 'Miller, K.R.'    1  ?                   
primary 'Paretsky, J.D.'  2  ?                   
primary 'Follmer, A.H.'   3  0000-0002-6244-6804 
primary 'Heinisch, T.'    4  ?                   
primary 'Mittra, K.'      5  0000-0003-2325-1972 
primary 'Gul, S.'         6  ?                   
primary 'Kim, I.S.'       7  ?                   
primary 'Fuller, F.D.'    8  ?                   
primary 'Batyuk, A.'      9  ?                   
primary 'Sutherlin, K.D.' 10 ?                   
primary 'Brewster, A.S.'  11 ?                   
primary 'Bhowmick, A.'    12 ?                   
primary 'Sauter, N.K.'    13 ?                   
primary 'Kern, J.'        14 0000-0002-7272-1603 
primary 'Yano, J.'        15 0000-0001-6308-9071 
primary 'Green, M.T.'     16 0000-0001-8658-8420 
primary 'Ward, T.R.'      17 0000-0001-8602-5468 
primary 'Borovik, A.S.'   18 0000-0001-5049-9952 
# 
_cell.angle_alpha                  90.000 
_cell.angle_alpha_esd              ? 
_cell.angle_beta                   90.000 
_cell.angle_beta_esd               ? 
_cell.angle_gamma                  90.000 
_cell.angle_gamma_esd              ? 
_cell.entry_id                     6UIZ 
_cell.details                      ? 
_cell.formula_units_Z              ? 
_cell.length_a                     57.750 
_cell.length_a_esd                 ? 
_cell.length_b                     57.750 
_cell.length_b_esd                 ? 
_cell.length_c                     184.499 
_cell.length_c_esd                 ? 
_cell.volume                       ? 
_cell.volume_esd                   ? 
_cell.Z_PDB                        16 
_cell.reciprocal_angle_alpha       ? 
_cell.reciprocal_angle_beta        ? 
_cell.reciprocal_angle_gamma       ? 
_cell.reciprocal_angle_alpha_esd   ? 
_cell.reciprocal_angle_beta_esd    ? 
_cell.reciprocal_angle_gamma_esd   ? 
_cell.reciprocal_length_a          ? 
_cell.reciprocal_length_b          ? 
_cell.reciprocal_length_c          ? 
_cell.reciprocal_length_a_esd      ? 
_cell.reciprocal_length_b_esd      ? 
_cell.reciprocal_length_c_esd      ? 
_cell.pdbx_unique_axis             ? 
# 
_symmetry.entry_id                         6UIZ 
_symmetry.cell_setting                     ? 
_symmetry.Int_Tables_number                98 
_symmetry.space_group_name_Hall            ? 
_symmetry.space_group_name_H-M             'I 41 2 2' 
_symmetry.pdbx_full_space_group_name_H-M   ? 
# 
loop_
_entity.id 
_entity.type 
_entity.src_method 
_entity.pdbx_description 
_entity.formula_weight 
_entity.pdbx_number_of_molecules 
_entity.pdbx_ec 
_entity.pdbx_mutation 
_entity.pdbx_fragment 
_entity.details 
1 polymer     man Streptavidin 16552.965 1   ? 'E101Q, S112E, K121A' ? ? 
2 non-polymer syn 
;{N-(2-{bis[(pyridin-2-yl-kappaN)methyl]amino-kappaN}ethyl)-5-[(3aS,4S,6aR)-2-oxohexahydro-1H-thieno[3,4-d]imidazol-4-yl]pentanamide}(triaza-1,2-dien-2-ium-1-ide-kappaN~1~)iron(4+)
;
567.488   1   ? ?                     ? ? 
3 non-polymer syn 'ACETATE ION' 59.044    3   ? ?                     ? ? 
4 water       nat water 18.015    107 ? ?                     ? ? 
# 
_entity_poly.entity_id                      1 
_entity_poly.type                           'polypeptide(L)' 
_entity_poly.nstd_linkage                   no 
_entity_poly.nstd_monomer                   no 
_entity_poly.pdbx_seq_one_letter_code       
;MASMTGGQQMGRDEAGITGTWYNQLGSTFIVTAGADGALTGTYESAVGNAESRYVLTGRYDSAPATDGSGTALGWTVAWK
NNYRNAHSATTWSGQYVGGAQARINTQWLLTEGTTEANAWASTLVGHDTFTKVKPSAASIDAAKKAGVNNGNPLDAVQQ
;
_entity_poly.pdbx_seq_one_letter_code_can   
;MASMTGGQQMGRDEAGITGTWYNQLGSTFIVTAGADGALTGTYESAVGNAESRYVLTGRYDSAPATDGSGTALGWTVAWK
NNYRNAHSATTWSGQYVGGAQARINTQWLLTEGTTEANAWASTLVGHDTFTKVKPSAASIDAAKKAGVNNGNPLDAVQQ
;
_entity_poly.pdbx_strand_id                 A 
_entity_poly.pdbx_target_identifier         ? 
# 
loop_
_entity_poly_seq.entity_id 
_entity_poly_seq.num 
_entity_poly_seq.mon_id 
_entity_poly_seq.hetero 
1 1   MET n 
1 2   ALA n 
1 3   SER n 
1 4   MET n 
1 5   THR n 
1 6   GLY n 
1 7   GLY n 
1 8   GLN n 
1 9   GLN n 
1 10  MET n 
1 11  GLY n 
1 12  ARG n 
1 13  ASP n 
1 14  GLU n 
1 15  ALA n 
1 16  GLY n 
1 17  ILE n 
1 18  THR n 
1 19  GLY n 
1 20  THR n 
1 21  TRP n 
1 22  TYR n 
1 23  ASN n 
1 24  GLN n 
1 25  LEU n 
1 26  GLY n 
1 27  SER n 
1 28  THR n 
1 29  PHE n 
1 30  ILE n 
1 31  VAL n 
1 32  THR n 
1 33  ALA n 
1 34  GLY n 
1 35  ALA n 
1 36  ASP n 
1 37  GLY n 
1 38  ALA n 
1 39  LEU n 
1 40  THR n 
1 41  GLY n 
1 42  THR n 
1 43  TYR n 
1 44  GLU n 
1 45  SER n 
1 46  ALA n 
1 47  VAL n 
1 48  GLY n 
1 49  ASN n 
1 50  ALA n 
1 51  GLU n 
1 52  SER n 
1 53  ARG n 
1 54  TYR n 
1 55  VAL n 
1 56  LEU n 
1 57  THR n 
1 58  GLY n 
1 59  ARG n 
1 60  TYR n 
1 61  ASP n 
1 62  SER n 
1 63  ALA n 
1 64  PRO n 
1 65  ALA n 
1 66  THR n 
1 67  ASP n 
1 68  GLY n 
1 69  SER n 
1 70  GLY n 
1 71  THR n 
1 72  ALA n 
1 73  LEU n 
1 74  GLY n 
1 75  TRP n 
1 76  THR n 
1 77  VAL n 
1 78  ALA n 
1 79  TRP n 
1 80  LYS n 
1 81  ASN n 
1 82  ASN n 
1 83  TYR n 
1 84  ARG n 
1 85  ASN n 
1 86  ALA n 
1 87  HIS n 
1 88  SER n 
1 89  ALA n 
1 90  THR n 
1 91  THR n 
1 92  TRP n 
1 93  SER n 
1 94  GLY n 
1 95  GLN n 
1 96  TYR n 
1 97  VAL n 
1 98  GLY n 
1 99  GLY n 
1 100 ALA n 
1 101 GLN n 
1 102 ALA n 
1 103 ARG n 
1 104 ILE n 
1 105 ASN n 
1 106 THR n 
1 107 GLN n 
1 108 TRP n 
1 109 LEU n 
1 110 LEU n 
1 111 THR n 
1 112 GLU n 
1 113 GLY n 
1 114 THR n 
1 115 THR n 
1 116 GLU n 
1 117 ALA n 
1 118 ASN n 
1 119 ALA n 
1 120 TRP n 
1 121 ALA n 
1 122 SER n 
1 123 THR n 
1 124 LEU n 
1 125 VAL n 
1 126 GLY n 
1 127 HIS n 
1 128 ASP n 
1 129 THR n 
1 130 PHE n 
1 131 THR n 
1 132 LYS n 
1 133 VAL n 
1 134 LYS n 
1 135 PRO n 
1 136 SER n 
1 137 ALA n 
1 138 ALA n 
1 139 SER n 
1 140 ILE n 
1 141 ASP n 
1 142 ALA n 
1 143 ALA n 
1 144 LYS n 
1 145 LYS n 
1 146 ALA n 
1 147 GLY n 
1 148 VAL n 
1 149 ASN n 
1 150 ASN n 
1 151 GLY n 
1 152 ASN n 
1 153 PRO n 
1 154 LEU n 
1 155 ASP n 
1 156 ALA n 
1 157 VAL n 
1 158 GLN n 
1 159 GLN n 
# 
_entity_src_gen.entity_id                          1 
_entity_src_gen.pdbx_src_id                        1 
_entity_src_gen.pdbx_alt_source_flag               sample 
_entity_src_gen.pdbx_seq_type                      'Biological sequence' 
_entity_src_gen.pdbx_beg_seq_num                   1 
_entity_src_gen.pdbx_end_seq_num                   159 
_entity_src_gen.gene_src_common_name               ? 
_entity_src_gen.gene_src_genus                     ? 
_entity_src_gen.pdbx_gene_src_gene                 ? 
_entity_src_gen.gene_src_species                   ? 
_entity_src_gen.gene_src_strain                    ? 
_entity_src_gen.gene_src_tissue                    ? 
_entity_src_gen.gene_src_tissue_fraction           ? 
_entity_src_gen.gene_src_details                   ? 
_entity_src_gen.pdbx_gene_src_fragment             ? 
_entity_src_gen.pdbx_gene_src_scientific_name      'Streptomyces avidinii' 
_entity_src_gen.pdbx_gene_src_ncbi_taxonomy_id     1895 
_entity_src_gen.pdbx_gene_src_variant              ? 
_entity_src_gen.pdbx_gene_src_cell_line            ? 
_entity_src_gen.pdbx_gene_src_atcc                 ? 
_entity_src_gen.pdbx_gene_src_organ                ? 
_entity_src_gen.pdbx_gene_src_organelle            ? 
_entity_src_gen.pdbx_gene_src_cell                 ? 
_entity_src_gen.pdbx_gene_src_cellular_location    ? 
_entity_src_gen.host_org_common_name               ? 
_entity_src_gen.pdbx_host_org_scientific_name      'Escherichia coli' 
_entity_src_gen.pdbx_host_org_ncbi_taxonomy_id     562 
_entity_src_gen.host_org_genus                     ? 
_entity_src_gen.pdbx_host_org_gene                 ? 
_entity_src_gen.pdbx_host_org_organ                ? 
_entity_src_gen.host_org_species                   ? 
_entity_src_gen.pdbx_host_org_tissue               ? 
_entity_src_gen.pdbx_host_org_tissue_fraction      ? 
_entity_src_gen.pdbx_host_org_strain               ? 
_entity_src_gen.pdbx_host_org_variant              ? 
_entity_src_gen.pdbx_host_org_cell_line            ? 
_entity_src_gen.pdbx_host_org_atcc                 ? 
_entity_src_gen.pdbx_host_org_culture_collection   ? 
_entity_src_gen.pdbx_host_org_cell                 ? 
_entity_src_gen.pdbx_host_org_organelle            ? 
_entity_src_gen.pdbx_host_org_cellular_location    ? 
_entity_src_gen.pdbx_host_org_vector_type          ? 
_entity_src_gen.pdbx_host_org_vector               ? 
_entity_src_gen.host_org_details                   ? 
_entity_src_gen.expression_system_id               ? 
_entity_src_gen.plasmid_name                       ? 
_entity_src_gen.plasmid_details                    ? 
_entity_src_gen.pdbx_description                   ? 
# 
_struct_ref.id                         1 
_struct_ref.db_name                    UNP 
_struct_ref.db_code                    SAV_STRAV 
_struct_ref.pdbx_db_accession          P22629 
_struct_ref.pdbx_db_isoform            ? 
_struct_ref.entity_id                  1 
_struct_ref.pdbx_seq_one_letter_code   
;EAGITGTWYNQLGSTFIVTAGADGALTGTYESAVGNAESRYVLTGRYDSAPATDGSGTALGWTVAWKNNYRNAHSATTWS
GQYVGGAEARINTQWLLTSGTTEANAWKSTLVGHDTFTKVKPSAASIDAAKKAGVNNGNPLDAVQQ
;
_struct_ref.pdbx_align_begin           38 
# 
_struct_ref_seq.align_id                      1 
_struct_ref_seq.ref_id                        1 
_struct_ref_seq.pdbx_PDB_id_code              6UIZ 
_struct_ref_seq.pdbx_strand_id                A 
_struct_ref_seq.seq_align_beg                 14 
_struct_ref_seq.pdbx_seq_align_beg_ins_code   ? 
_struct_ref_seq.seq_align_end                 159 
_struct_ref_seq.pdbx_seq_align_end_ins_code   ? 
_struct_ref_seq.pdbx_db_accession             P22629 
_struct_ref_seq.db_align_beg                  38 
_struct_ref_seq.pdbx_db_align_beg_ins_code    ? 
_struct_ref_seq.db_align_end                  183 
_struct_ref_seq.pdbx_db_align_end_ins_code    ? 
_struct_ref_seq.pdbx_auth_seq_align_beg       14 
_struct_ref_seq.pdbx_auth_seq_align_end       159 
# 
loop_
_struct_ref_seq_dif.align_id 
_struct_ref_seq_dif.pdbx_pdb_id_code 
_struct_ref_seq_dif.mon_id 
_struct_ref_seq_dif.pdbx_pdb_strand_id 
_struct_ref_seq_dif.seq_num 
_struct_ref_seq_dif.pdbx_pdb_ins_code 
_struct_ref_seq_dif.pdbx_seq_db_name 
_struct_ref_seq_dif.pdbx_seq_db_accession_code 
_struct_ref_seq_dif.db_mon_id 
_struct_ref_seq_dif.pdbx_seq_db_seq_num 
_struct_ref_seq_dif.details 
_struct_ref_seq_dif.pdbx_auth_seq_num 
_struct_ref_seq_dif.pdbx_ordinal 
1 6UIZ MET A 1   ? UNP P22629 ?   ?   'initiating methionine' 1   1  
1 6UIZ ALA A 2   ? UNP P22629 ?   ?   'expression tag'        2   2  
1 6UIZ SER A 3   ? UNP P22629 ?   ?   'expression tag'        3   3  
1 6UIZ MET A 4   ? UNP P22629 ?   ?   'expression tag'        4   4  
1 6UIZ THR A 5   ? UNP P22629 ?   ?   'expression tag'        5   5  
1 6UIZ GLY A 6   ? UNP P22629 ?   ?   'expression tag'        6   6  
1 6UIZ GLY A 7   ? UNP P22629 ?   ?   'expression tag'        7   7  
1 6UIZ GLN A 8   ? UNP P22629 ?   ?   'expression tag'        8   8  
1 6UIZ GLN A 9   ? UNP P22629 ?   ?   'expression tag'        9   9  
1 6UIZ MET A 10  ? UNP P22629 ?   ?   'expression tag'        10  10 
1 6UIZ GLY A 11  ? UNP P22629 ?   ?   'expression tag'        11  11 
1 6UIZ ARG A 12  ? UNP P22629 ?   ?   'expression tag'        12  12 
1 6UIZ ASP A 13  ? UNP P22629 ?   ?   'expression tag'        13  13 
1 6UIZ GLN A 101 ? UNP P22629 GLU 125 'engineered mutation'   101 14 
1 6UIZ GLU A 112 ? UNP P22629 SER 136 'engineered mutation'   112 15 
1 6UIZ ALA A 121 ? UNP P22629 LYS 145 'engineered mutation'   121 16 
# 
loop_
_chem_comp.id 
_chem_comp.type 
_chem_comp.mon_nstd_flag 
_chem_comp.name 
_chem_comp.pdbx_synonyms 
_chem_comp.formula 
_chem_comp.formula_weight 
ACT non-polymer         . 'ACETATE ION' ? 'C2 H3 O2 -1'          59.044  
ALA 'L-peptide linking' y ALANINE ? 'C3 H7 N O2'           89.093  
ARG 'L-peptide linking' y ARGININE ? 'C6 H15 N4 O2 1'       175.209 
ASN 'L-peptide linking' y ASPARAGINE ? 'C4 H8 N2 O3'          132.118 
ASP 'L-peptide linking' y 'ASPARTIC ACID' ? 'C4 H7 N O4'           133.103 
GLN 'L-peptide linking' y GLUTAMINE ? 'C5 H10 N2 O3'         146.144 
GLU 'L-peptide linking' y 'GLUTAMIC ACID' ? 'C5 H9 N O4'           147.129 
GLY 'peptide linking'   y GLYCINE ? 'C2 H5 N O2'           75.067  
HIS 'L-peptide linking' y HISTIDINE ? 'C6 H10 N3 O2 1'       156.162 
HOH non-polymer         . WATER ? 'H2 O'                 18.015  
ILE 'L-peptide linking' y ISOLEUCINE ? 'C6 H13 N O2'          131.173 
LEU 'L-peptide linking' y LEUCINE ? 'C6 H13 N O2'          131.173 
LYS 'L-peptide linking' y LYSINE ? 'C6 H15 N2 O2 1'       147.195 
MET 'L-peptide linking' y METHIONINE ? 'C5 H11 N O2 S'        149.211 
PHE 'L-peptide linking' y PHENYLALANINE ? 'C9 H11 N O2'          165.189 
PRO 'L-peptide linking' y PROLINE ? 'C5 H9 N O2'           115.130 
QG4 non-polymer         . 
;{N-(2-{bis[(pyridin-2-yl-kappaN)methyl]amino-kappaN}ethyl)-5-[(3aS,4S,6aR)-2-oxohexahydro-1H-thieno[3,4-d]imidazol-4-yl]pentanamide}(triaza-1,2-dien-2-ium-1-ide-kappaN~1~)iron(4+)
;
? 'C24 H33 Fe N9 O2 S 4' 567.488 
SER 'L-peptide linking' y SERINE ? 'C3 H7 N O3'           105.093 
THR 'L-peptide linking' y THREONINE ? 'C4 H9 N O3'           119.119 
TRP 'L-peptide linking' y TRYPTOPHAN ? 'C11 H12 N2 O2'        204.225 
TYR 'L-peptide linking' y TYROSINE ? 'C9 H11 N O3'          181.189 
VAL 'L-peptide linking' y VALINE ? 'C5 H11 N O2'          117.146 
# 
_exptl.absorpt_coefficient_mu     ? 
_exptl.absorpt_correction_T_max   ? 
_exptl.absorpt_correction_T_min   ? 
_exptl.absorpt_correction_type    ? 
_exptl.absorpt_process_details    ? 
_exptl.entry_id                   6UIZ 
_exptl.crystals_number            1 
_exptl.details                    ? 
_exptl.method                     'X-RAY DIFFRACTION' 
_exptl.method_details             ? 
# 
_exptl_crystal.colour                      ? 
_exptl_crystal.density_diffrn              ? 
_exptl_crystal.density_Matthews            2.32 
_exptl_crystal.density_method              ? 
_exptl_crystal.density_percent_sol         47.06 
_exptl_crystal.description                 ? 
_exptl_crystal.F_000                       ? 
_exptl_crystal.id                          1 
_exptl_crystal.preparation                 ? 
_exptl_crystal.size_max                    ? 
_exptl_crystal.size_mid                    ? 
_exptl_crystal.size_min                    ? 
_exptl_crystal.size_rad                    ? 
_exptl_crystal.colour_lustre               ? 
_exptl_crystal.colour_modifier             ? 
_exptl_crystal.colour_primary              ? 
_exptl_crystal.density_meas                ? 
_exptl_crystal.density_meas_esd            ? 
_exptl_crystal.density_meas_gt             ? 
_exptl_crystal.density_meas_lt             ? 
_exptl_crystal.density_meas_temp           ? 
_exptl_crystal.density_meas_temp_esd       ? 
_exptl_crystal.density_meas_temp_gt        ? 
_exptl_crystal.density_meas_temp_lt        ? 
_exptl_crystal.pdbx_crystal_image_url      ? 
_exptl_crystal.pdbx_crystal_image_format   ? 
_exptl_crystal.pdbx_mosaicity              ? 
_exptl_crystal.pdbx_mosaicity_esd          ? 
# 
_exptl_crystal_grow.apparatus       ? 
_exptl_crystal_grow.atmosphere      ? 
_exptl_crystal_grow.crystal_id      1 
_exptl_crystal_grow.details         ? 
_exptl_crystal_grow.method          'VAPOR DIFFUSION, SITTING DROP' 
_exptl_crystal_grow.method_ref      ? 
_exptl_crystal_grow.pH              4 
_exptl_crystal_grow.pressure        ? 
_exptl_crystal_grow.pressure_esd    ? 
_exptl_crystal_grow.seeding         ? 
_exptl_crystal_grow.seeding_ref     ? 
_exptl_crystal_grow.temp            295 
_exptl_crystal_grow.temp_details    ? 
_exptl_crystal_grow.temp_esd        ? 
_exptl_crystal_grow.time            ? 
_exptl_crystal_grow.pdbx_details    '26 mg/mL, 2.0 M ammonium sulfate, 0.1 M sodium acetate pH 4' 
_exptl_crystal_grow.pdbx_pH_range   ? 
# 
_diffrn.ambient_environment              ? 
_diffrn.ambient_temp                     100 
_diffrn.ambient_temp_details             ? 
_diffrn.ambient_temp_esd                 ? 
_diffrn.crystal_id                       1 
_diffrn.crystal_support                  ? 
_diffrn.crystal_treatment                ? 
_diffrn.details                          ? 
_diffrn.id                               1 
_diffrn.ambient_pressure                 ? 
_diffrn.ambient_pressure_esd             ? 
_diffrn.ambient_pressure_gt              ? 
_diffrn.ambient_pressure_lt              ? 
_diffrn.ambient_temp_gt                  ? 
_diffrn.ambient_temp_lt                  ? 
_diffrn.pdbx_serial_crystal_experiment   N 
# 
_diffrn_detector.details                      ? 
_diffrn_detector.detector                     PIXEL 
_diffrn_detector.diffrn_id                    1 
_diffrn_detector.type                         'DECTRIS PILATUS 6M' 
_diffrn_detector.area_resol_mean              ? 
_diffrn_detector.dtime                        ? 
_diffrn_detector.pdbx_frames_total            ? 
_diffrn_detector.pdbx_collection_time_total   ? 
_diffrn_detector.pdbx_collection_date         2018-11-19 
_diffrn_detector.pdbx_frequency               ? 
# 
_diffrn_radiation.collimation                      ? 
_diffrn_radiation.diffrn_id                        1 
_diffrn_radiation.filter_edge                      ? 
_diffrn_radiation.inhomogeneity                    ? 
_diffrn_radiation.monochromator                    'Double crystal Si(111) and Si(220)' 
_diffrn_radiation.polarisn_norm                    ? 
_diffrn_radiation.polarisn_ratio                   ? 
_diffrn_radiation.probe                            ? 
_diffrn_radiation.type                             ? 
_diffrn_radiation.xray_symbol                      ? 
_diffrn_radiation.wavelength_id                    1 
_diffrn_radiation.pdbx_monochromatic_or_laue_m_l   M 
_diffrn_radiation.pdbx_wavelength_list             ? 
_diffrn_radiation.pdbx_wavelength                  ? 
_diffrn_radiation.pdbx_diffrn_protocol             'SINGLE WAVELENGTH' 
_diffrn_radiation.pdbx_analyzer                    ? 
_diffrn_radiation.pdbx_scattering_type             x-ray 
# 
_diffrn_radiation_wavelength.id           1 
_diffrn_radiation_wavelength.wavelength   0.9795 
_diffrn_radiation_wavelength.wt           1.0 
# 
_diffrn_source.current                     ? 
_diffrn_source.details                     ? 
_diffrn_source.diffrn_id                   1 
_diffrn_source.power                       ? 
_diffrn_source.size                        ? 
_diffrn_source.source                      SYNCHROTRON 
_diffrn_source.target                      ? 
_diffrn_source.type                        'SSRL BEAMLINE BL9-2' 
_diffrn_source.voltage                     ? 
_diffrn_source.take-off_angle              ? 
_diffrn_source.pdbx_wavelength_list        0.9795 
_diffrn_source.pdbx_wavelength             ? 
_diffrn_source.pdbx_synchrotron_beamline   BL9-2 
_diffrn_source.pdbx_synchrotron_site       SSRL 
# 
_reflns.B_iso_Wilson_estimate            ? 
_reflns.entry_id                         6UIZ 
_reflns.data_reduction_details           ? 
_reflns.data_reduction_method            ? 
_reflns.d_resolution_high                1.850 
_reflns.d_resolution_low                 37.37 
_reflns.details                          ? 
_reflns.limit_h_max                      ? 
_reflns.limit_h_min                      ? 
_reflns.limit_k_max                      ? 
_reflns.limit_k_min                      ? 
_reflns.limit_l_max                      ? 
_reflns.limit_l_min                      ? 
_reflns.number_all                       ? 
_reflns.number_obs                       13859 
_reflns.observed_criterion               ? 
_reflns.observed_criterion_F_max         ? 
_reflns.observed_criterion_F_min         ? 
_reflns.observed_criterion_I_max         ? 
_reflns.observed_criterion_I_min         ? 
_reflns.observed_criterion_sigma_F       ? 
_reflns.observed_criterion_sigma_I       ? 
_reflns.percent_possible_obs             99.900 
_reflns.R_free_details                   ? 
_reflns.Rmerge_F_all                     ? 
_reflns.Rmerge_F_obs                     ? 
_reflns.Friedel_coverage                 ? 
_reflns.number_gt                        ? 
_reflns.threshold_expression             ? 
_reflns.pdbx_redundancy                  10.900 
_reflns.pdbx_Rmerge_I_obs                0.223 
_reflns.pdbx_Rmerge_I_all                ? 
_reflns.pdbx_Rsym_value                  ? 
_reflns.pdbx_netI_over_av_sigmaI         ? 
_reflns.pdbx_netI_over_sigmaI            10.100 
_reflns.pdbx_res_netI_over_av_sigmaI_2   ? 
_reflns.pdbx_res_netI_over_sigmaI_2      ? 
_reflns.pdbx_chi_squared                 ? 
_reflns.pdbx_scaling_rejects             ? 
_reflns.pdbx_d_res_high_opt              ? 
_reflns.pdbx_d_res_low_opt               ? 
_reflns.pdbx_d_res_opt_method            ? 
_reflns.phase_calculation_details        ? 
_reflns.pdbx_Rrim_I_all                  0.234 
_reflns.pdbx_Rpim_I_all                  0.070 
_reflns.pdbx_d_opt                       ? 
_reflns.pdbx_number_measured_all         ? 
_reflns.pdbx_diffrn_id                   1 
_reflns.pdbx_ordinal                     1 
_reflns.pdbx_CC_half                     0.996 
_reflns.pdbx_CC_star                     ? 
_reflns.pdbx_R_split                     ? 
# 
loop_
_reflns_shell.d_res_high 
_reflns_shell.d_res_low 
_reflns_shell.meanI_over_sigI_all 
_reflns_shell.meanI_over_sigI_obs 
_reflns_shell.number_measured_all 
_reflns_shell.number_measured_obs 
_reflns_shell.number_possible 
_reflns_shell.number_unique_all 
_reflns_shell.number_unique_obs 
_reflns_shell.percent_possible_all 
_reflns_shell.percent_possible_obs 
_reflns_shell.Rmerge_F_all 
_reflns_shell.Rmerge_F_obs 
_reflns_shell.Rmerge_I_all 
_reflns_shell.Rmerge_I_obs 
_reflns_shell.meanI_over_sigI_gt 
_reflns_shell.meanI_over_uI_all 
_reflns_shell.meanI_over_uI_gt 
_reflns_shell.number_measured_gt 
_reflns_shell.number_unique_gt 
_reflns_shell.percent_possible_gt 
_reflns_shell.Rmerge_F_gt 
_reflns_shell.Rmerge_I_gt 
_reflns_shell.pdbx_redundancy 
_reflns_shell.pdbx_Rsym_value 
_reflns_shell.pdbx_chi_squared 
_reflns_shell.pdbx_netI_over_sigmaI_all 
_reflns_shell.pdbx_netI_over_sigmaI_obs 
_reflns_shell.pdbx_Rrim_I_all 
_reflns_shell.pdbx_Rpim_I_all 
_reflns_shell.pdbx_rejects 
_reflns_shell.pdbx_ordinal 
_reflns_shell.pdbx_diffrn_id 
_reflns_shell.pdbx_CC_half 
_reflns_shell.pdbx_CC_star 
_reflns_shell.pdbx_R_split 
1.850 1.890  ? 2.3  ? ? ? ? 827 100.000 ? ? ? ? 1.396 ? ? ? ? ? ? ? ? 11.300 ? ? ? ? 1.461 0.425 ? 1 1 0.793 ? ? 
9.060 37.340 ? 24.7 ? ? ? ? 155 98.500  ? ? ? ? 0.064 ? ? ? ? ? ? ? ? 9.200  ? ? ? ? 0.068 0.022 ? 2 1 0.997 ? ? 
# 
_refine.aniso_B[1][1]                            -0.2100 
_refine.aniso_B[1][2]                            0.0000 
_refine.aniso_B[1][3]                            -0.0000 
_refine.aniso_B[2][2]                            -0.2100 
_refine.aniso_B[2][3]                            0.0000 
_refine.aniso_B[3][3]                            0.4200 
_refine.B_iso_max                                80.410 
_refine.B_iso_mean                               19.5450 
_refine.B_iso_min                                9.840 
_refine.correlation_coeff_Fo_to_Fc               0.9520 
_refine.correlation_coeff_Fo_to_Fc_free          0.9210 
_refine.details                                  
'HYDROGENS HAVE BEEN ADDED IN THE RIDING POSITIONS U VALUES      : REFINED INDIVIDUALLY' 
_refine.diff_density_max                         ? 
_refine.diff_density_max_esd                     ? 
_refine.diff_density_min                         ? 
_refine.diff_density_min_esd                     ? 
_refine.diff_density_rms                         ? 
_refine.diff_density_rms_esd                     ? 
_refine.entry_id                                 6UIZ 
_refine.pdbx_refine_id                           'X-RAY DIFFRACTION' 
_refine.ls_abs_structure_details                 ? 
_refine.ls_abs_structure_Flack                   ? 
_refine.ls_abs_structure_Flack_esd               ? 
_refine.ls_abs_structure_Rogers                  ? 
_refine.ls_abs_structure_Rogers_esd              ? 
_refine.ls_d_res_high                            1.8500 
_refine.ls_d_res_low                             37.370 
_refine.ls_extinction_coef                       ? 
_refine.ls_extinction_coef_esd                   ? 
_refine.ls_extinction_expression                 ? 
_refine.ls_extinction_method                     ? 
_refine.ls_goodness_of_fit_all                   ? 
_refine.ls_goodness_of_fit_all_esd               ? 
_refine.ls_goodness_of_fit_obs                   ? 
_refine.ls_goodness_of_fit_obs_esd               ? 
_refine.ls_hydrogen_treatment                    ? 
_refine.ls_matrix_type                           ? 
_refine.ls_number_constraints                    ? 
_refine.ls_number_parameters                     ? 
_refine.ls_number_reflns_all                     ? 
_refine.ls_number_reflns_obs                     13100 
_refine.ls_number_reflns_R_free                  722 
_refine.ls_number_reflns_R_work                  ? 
_refine.ls_number_restraints                     ? 
_refine.ls_percent_reflns_obs                    99.7300 
_refine.ls_percent_reflns_R_free                 5.2000 
_refine.ls_R_factor_all                          ? 
_refine.ls_R_factor_obs                          0.1863 
_refine.ls_R_factor_R_free                       0.2335 
_refine.ls_R_factor_R_free_error                 ? 
_refine.ls_R_factor_R_free_error_details         ? 
_refine.ls_R_factor_R_work                       0.1838 
_refine.ls_R_Fsqd_factor_obs                     ? 
_refine.ls_R_I_factor_obs                        ? 
_refine.ls_redundancy_reflns_all                 ? 
_refine.ls_redundancy_reflns_obs                 ? 
_refine.ls_restrained_S_all                      ? 
_refine.ls_restrained_S_obs                      ? 
_refine.ls_shift_over_esd_max                    ? 
_refine.ls_shift_over_esd_mean                   ? 
_refine.ls_structure_factor_coef                 ? 
_refine.ls_weighting_details                     ? 
_refine.ls_weighting_scheme                      ? 
_refine.ls_wR_factor_all                         ? 
_refine.ls_wR_factor_obs                         ? 
_refine.ls_wR_factor_R_free                      ? 
_refine.ls_wR_factor_R_work                      ? 
_refine.occupancy_max                            ? 
_refine.occupancy_min                            ? 
_refine.solvent_model_details                    ? 
_refine.solvent_model_param_bsol                 ? 
_refine.solvent_model_param_ksol                 ? 
_refine.pdbx_R_complete                          ? 
_refine.ls_R_factor_gt                           ? 
_refine.ls_goodness_of_fit_gt                    ? 
_refine.ls_goodness_of_fit_ref                   ? 
_refine.ls_shift_over_su_max                     ? 
_refine.ls_shift_over_su_max_lt                  ? 
_refine.ls_shift_over_su_mean                    ? 
_refine.ls_shift_over_su_mean_lt                 ? 
_refine.pdbx_ls_sigma_I                          ? 
_refine.pdbx_ls_sigma_F                          0.000 
_refine.pdbx_ls_sigma_Fsqd                       ? 
_refine.pdbx_data_cutoff_high_absF               ? 
_refine.pdbx_data_cutoff_high_rms_absF           ? 
_refine.pdbx_data_cutoff_low_absF                ? 
_refine.pdbx_isotropic_thermal_model             ? 
_refine.pdbx_ls_cross_valid_method               THROUGHOUT 
_refine.pdbx_method_to_determine_struct          'MOLECULAR REPLACEMENT' 
_refine.pdbx_starting_model                      2QCB 
_refine.pdbx_stereochemistry_target_values       ? 
_refine.pdbx_R_Free_selection_details            RANDOM 
_refine.pdbx_stereochem_target_val_spec_case     ? 
_refine.pdbx_overall_ESU_R                       0.1230 
_refine.pdbx_overall_ESU_R_Free                  0.1280 
_refine.pdbx_solvent_vdw_probe_radii             1.2000 
_refine.pdbx_solvent_ion_probe_radii             0.8000 
_refine.pdbx_solvent_shrinkage_radii             0.8000 
_refine.pdbx_real_space_R                        ? 
_refine.pdbx_density_correlation                 ? 
_refine.pdbx_pd_number_of_powder_patterns        ? 
_refine.pdbx_pd_number_of_points                 ? 
_refine.pdbx_pd_meas_number_of_points            ? 
_refine.pdbx_pd_proc_ls_prof_R_factor            ? 
_refine.pdbx_pd_proc_ls_prof_wR_factor           ? 
_refine.pdbx_pd_Marquardt_correlation_coeff      ? 
_refine.pdbx_pd_Fsqrd_R_factor                   ? 
_refine.pdbx_pd_ls_matrix_band_width             ? 
_refine.pdbx_overall_phase_error                 ? 
_refine.pdbx_overall_SU_R_free_Cruickshank_DPI   ? 
_refine.pdbx_overall_SU_R_free_Blow_DPI          ? 
_refine.pdbx_overall_SU_R_Blow_DPI               ? 
_refine.pdbx_TLS_residual_ADP_flag               ? 
_refine.pdbx_diffrn_id                           1 
_refine.overall_SU_B                             ? 
_refine.overall_SU_ML                            ? 
_refine.overall_SU_R_Cruickshank_DPI             ? 
_refine.overall_SU_R_free                        ? 
_refine.overall_FOM_free_R_set                   ? 
_refine.overall_FOM_work_R_set                   ? 
_refine.pdbx_average_fsc_overall                 ? 
_refine.pdbx_average_fsc_work                    ? 
_refine.pdbx_average_fsc_free                    ? 
# 
_refine_hist.pdbx_refine_id                   'X-RAY DIFFRACTION' 
_refine_hist.cycle_id                         final 
_refine_hist.details                          ? 
_refine_hist.d_res_high                       1.8500 
_refine_hist.d_res_low                        37.370 
_refine_hist.number_atoms_solvent             107 
_refine_hist.number_atoms_total               1083 
_refine_hist.number_reflns_all                ? 
_refine_hist.number_reflns_obs                ? 
_refine_hist.number_reflns_R_free             ? 
_refine_hist.number_reflns_R_work             ? 
_refine_hist.R_factor_all                     ? 
_refine_hist.R_factor_obs                     ? 
_refine_hist.R_factor_R_free                  ? 
_refine_hist.R_factor_R_work                  ? 
_refine_hist.pdbx_number_residues_total       124 
_refine_hist.pdbx_B_iso_mean_ligand           26.28 
_refine_hist.pdbx_B_iso_mean_solvent          32.75 
_refine_hist.pdbx_number_atoms_protein        927 
_refine_hist.pdbx_number_atoms_nucleic_acid   0 
_refine_hist.pdbx_number_atoms_ligand         49 
_refine_hist.pdbx_number_atoms_lipid          ? 
_refine_hist.pdbx_number_atoms_carb           ? 
_refine_hist.pdbx_pseudo_atom_details         ? 
# 
loop_
_refine_ls_restr.pdbx_refine_id 
_refine_ls_restr.criterion 
_refine_ls_restr.dev_ideal 
_refine_ls_restr.dev_ideal_target 
_refine_ls_restr.number 
_refine_ls_restr.rejects 
_refine_ls_restr.type 
_refine_ls_restr.weight 
_refine_ls_restr.pdbx_restraint_function 
'X-RAY DIFFRACTION' ? 0.017  0.014  1020 ? r_bond_refined_d       ? ? 
'X-RAY DIFFRACTION' ? 0.038  0.018  833  ? r_bond_other_d         ? ? 
'X-RAY DIFFRACTION' ? 2.994  1.758  1394 ? r_angle_refined_deg    ? ? 
'X-RAY DIFFRACTION' ? 3.305  1.574  1919 ? r_angle_other_deg      ? ? 
'X-RAY DIFFRACTION' ? 8.008  5.000  125  ? r_dihedral_angle_1_deg ? ? 
'X-RAY DIFFRACTION' ? 27.205 22.157 51   ? r_dihedral_angle_2_deg ? ? 
'X-RAY DIFFRACTION' ? 15.352 15.000 133  ? r_dihedral_angle_3_deg ? ? 
'X-RAY DIFFRACTION' ? 19.241 15.000 6    ? r_dihedral_angle_4_deg ? ? 
'X-RAY DIFFRACTION' ? 0.084  0.200  131  ? r_chiral_restr         ? ? 
'X-RAY DIFFRACTION' ? 0.013  0.020  1166 ? r_gen_planes_refined   ? ? 
'X-RAY DIFFRACTION' ? 0.023  0.020  228  ? r_gen_planes_other     ? ? 
# 
_refine_ls_shell.pdbx_refine_id                   'X-RAY DIFFRACTION' 
_refine_ls_shell.d_res_high                       1.8500 
_refine_ls_shell.d_res_low                        1.8980 
_refine_ls_shell.number_reflns_all                996 
_refine_ls_shell.number_reflns_obs                ? 
_refine_ls_shell.number_reflns_R_free             45 
_refine_ls_shell.number_reflns_R_work             951 
_refine_ls_shell.percent_reflns_obs               100.0000 
_refine_ls_shell.percent_reflns_R_free            ? 
_refine_ls_shell.R_factor_all                     ? 
_refine_ls_shell.R_factor_obs                     ? 
_refine_ls_shell.R_factor_R_free                  0.2800 
_refine_ls_shell.R_factor_R_free_error            0.0000 
_refine_ls_shell.R_factor_R_work                  0.2350 
_refine_ls_shell.redundancy_reflns_all            ? 
_refine_ls_shell.redundancy_reflns_obs            ? 
_refine_ls_shell.wR_factor_all                    ? 
_refine_ls_shell.wR_factor_obs                    ? 
_refine_ls_shell.wR_factor_R_free                 ? 
_refine_ls_shell.wR_factor_R_work                 ? 
_refine_ls_shell.pdbx_R_complete                  ? 
_refine_ls_shell.pdbx_total_number_of_bins_used   20 
_refine_ls_shell.pdbx_phase_error                 ? 
_refine_ls_shell.pdbx_fsc_work                    ? 
_refine_ls_shell.pdbx_fsc_free                    ? 
# 
_struct.entry_id                     6UIZ 
_struct.title                        'Artificial Iron Proteins: Modelling the Active Sites in Non-Heme Dioxygenases' 
_struct.pdbx_model_details           ? 
_struct.pdbx_formula_weight          ? 
_struct.pdbx_formula_weight_method   ? 
_struct.pdbx_model_type_details      ? 
_struct.pdbx_CASP_flag               N 
# 
_struct_keywords.entry_id        6UIZ 
_struct_keywords.text            'Biotin binding artificial metalloprotein, METAL BINDING PROTEIN' 
_struct_keywords.pdbx_keywords   'METAL BINDING PROTEIN' 
# 
loop_
_struct_asym.id 
_struct_asym.pdbx_blank_PDB_chainid_flag 
_struct_asym.pdbx_modified 
_struct_asym.entity_id 
_struct_asym.details 
A N N 1 ? 
B N N 2 ? 
C N N 3 ? 
D N N 3 ? 
E N N 3 ? 
F N N 4 ? 
# 
loop_
_struct_conf.conf_type_id 
_struct_conf.id 
_struct_conf.pdbx_PDB_helix_id 
_struct_conf.beg_label_comp_id 
_struct_conf.beg_label_asym_id 
_struct_conf.beg_label_seq_id 
_struct_conf.pdbx_beg_PDB_ins_code 
_struct_conf.end_label_comp_id 
_struct_conf.end_label_asym_id 
_struct_conf.end_label_seq_id 
_struct_conf.pdbx_end_PDB_ins_code 
_struct_conf.beg_auth_comp_id 
_struct_conf.beg_auth_asym_id 
_struct_conf.beg_auth_seq_id 
_struct_conf.end_auth_comp_id 
_struct_conf.end_auth_asym_id 
_struct_conf.end_auth_seq_id 
_struct_conf.pdbx_PDB_helix_class 
_struct_conf.details 
_struct_conf.pdbx_PDB_helix_length 
HELX_P HELX_P1 AA1 ASP A 13  ? THR A 18  ? ASP A 13  THR A 18  1 ? 6 
HELX_P HELX_P2 AA2 THR A 115 ? ALA A 121 ? THR A 115 ALA A 121 5 ? 7 
# 
_struct_conf_type.id          HELX_P 
_struct_conf_type.criteria    ? 
_struct_conf_type.reference   ? 
# 
loop_
_struct_conn.id 
_struct_conn.conn_type_id 
_struct_conn.pdbx_leaving_atom_flag 
_struct_conn.pdbx_PDB_id 
_struct_conn.ptnr1_label_asym_id 
_struct_conn.ptnr1_label_comp_id 
_struct_conn.ptnr1_label_seq_id 
_struct_conn.ptnr1_label_atom_id 
_struct_conn.pdbx_ptnr1_label_alt_id 
_struct_conn.pdbx_ptnr1_PDB_ins_code 
_struct_conn.pdbx_ptnr1_standard_comp_id 
_struct_conn.ptnr1_symmetry 
_struct_conn.ptnr2_label_asym_id 
_struct_conn.ptnr2_label_comp_id 
_struct_conn.ptnr2_label_seq_id 
_struct_conn.ptnr2_label_atom_id 
_struct_conn.pdbx_ptnr2_label_alt_id 
_struct_conn.pdbx_ptnr2_PDB_ins_code 
_struct_conn.ptnr1_auth_asym_id 
_struct_conn.ptnr1_auth_comp_id 
_struct_conn.ptnr1_auth_seq_id 
_struct_conn.ptnr2_auth_asym_id 
_struct_conn.ptnr2_auth_comp_id 
_struct_conn.ptnr2_auth_seq_id 
_struct_conn.ptnr2_symmetry 
_struct_conn.pdbx_ptnr3_label_atom_id 
_struct_conn.pdbx_ptnr3_label_seq_id 
_struct_conn.pdbx_ptnr3_label_comp_id 
_struct_conn.pdbx_ptnr3_label_asym_id 
_struct_conn.pdbx_ptnr3_label_alt_id 
_struct_conn.pdbx_ptnr3_PDB_ins_code 
_struct_conn.details 
_struct_conn.pdbx_dist_value 
_struct_conn.pdbx_value_order 
_struct_conn.pdbx_role 
metalc1 metalc ? ? A GLU 112 OE1 A ? ? 1_555 B QG4 . FE1 ? ? A GLU 112 A QG4 201 1_555 ? ? ? ? ? ? ? 2.347 ? ? 
metalc2 metalc ? ? B QG4 .   FE1 ? ? ? 1_555 C ACT . OXT ? ? A QG4 201 A ACT 202 1_555 ? ? ? ? ? ? ? 2.002 ? ? 
# 
_struct_conn_type.id          metalc 
_struct_conn_type.criteria    ? 
_struct_conn_type.reference   ? 
# 
_struct_sheet.id               AA1 
_struct_sheet.type             ? 
_struct_sheet.number_strands   9 
_struct_sheet.details          ? 
# 
loop_
_struct_sheet_order.sheet_id 
_struct_sheet_order.range_id_1 
_struct_sheet_order.range_id_2 
_struct_sheet_order.offset 
_struct_sheet_order.sense 
AA1 1 2 ? anti-parallel 
AA1 2 3 ? anti-parallel 
AA1 3 4 ? anti-parallel 
AA1 4 5 ? anti-parallel 
AA1 5 6 ? anti-parallel 
AA1 6 7 ? anti-parallel 
AA1 7 8 ? anti-parallel 
AA1 8 9 ? anti-parallel 
# 
loop_
_struct_sheet_range.sheet_id 
_struct_sheet_range.id 
_struct_sheet_range.beg_label_comp_id 
_struct_sheet_range.beg_label_asym_id 
_struct_sheet_range.beg_label_seq_id 
_struct_sheet_range.pdbx_beg_PDB_ins_code 
_struct_sheet_range.end_label_comp_id 
_struct_sheet_range.end_label_asym_id 
_struct_sheet_range.end_label_seq_id 
_struct_sheet_range.pdbx_end_PDB_ins_code 
_struct_sheet_range.beg_auth_comp_id 
_struct_sheet_range.beg_auth_asym_id 
_struct_sheet_range.beg_auth_seq_id 
_struct_sheet_range.end_auth_comp_id 
_struct_sheet_range.end_auth_asym_id 
_struct_sheet_range.end_auth_seq_id 
AA1 1 GLY A 19  ? ASN A 23  ? GLY A 19  ASN A 23  
AA1 2 THR A 28  ? ALA A 33  ? THR A 28  ALA A 33  
AA1 3 ALA A 38  ? GLU A 44  ? ALA A 38  GLU A 44  
AA1 4 TYR A 54  ? TYR A 60  ? TYR A 54  TYR A 60  
AA1 5 THR A 71  ? LYS A 80  ? THR A 71  LYS A 80  
AA1 6 ASN A 85  ? VAL A 97  ? ASN A 85  VAL A 97  
AA1 7 ARG A 103 ? GLU A 112 ? ARG A 103 GLU A 112 
AA1 8 THR A 123 ? THR A 131 ? THR A 123 THR A 131 
AA1 9 GLY A 19  ? ASN A 23  ? GLY A 19  ASN A 23  
# 
loop_
_pdbx_struct_sheet_hbond.sheet_id 
_pdbx_struct_sheet_hbond.range_id_1 
_pdbx_struct_sheet_hbond.range_id_2 
_pdbx_struct_sheet_hbond.range_1_label_atom_id 
_pdbx_struct_sheet_hbond.range_1_label_comp_id 
_pdbx_struct_sheet_hbond.range_1_label_asym_id 
_pdbx_struct_sheet_hbond.range_1_label_seq_id 
_pdbx_struct_sheet_hbond.range_1_PDB_ins_code 
_pdbx_struct_sheet_hbond.range_1_auth_atom_id 
_pdbx_struct_sheet_hbond.range_1_auth_comp_id 
_pdbx_struct_sheet_hbond.range_1_auth_asym_id 
_pdbx_struct_sheet_hbond.range_1_auth_seq_id 
_pdbx_struct_sheet_hbond.range_2_label_atom_id 
_pdbx_struct_sheet_hbond.range_2_label_comp_id 
_pdbx_struct_sheet_hbond.range_2_label_asym_id 
_pdbx_struct_sheet_hbond.range_2_label_seq_id 
_pdbx_struct_sheet_hbond.range_2_PDB_ins_code 
_pdbx_struct_sheet_hbond.range_2_auth_atom_id 
_pdbx_struct_sheet_hbond.range_2_auth_comp_id 
_pdbx_struct_sheet_hbond.range_2_auth_asym_id 
_pdbx_struct_sheet_hbond.range_2_auth_seq_id 
AA1 1 2 N TRP A 21  ? N TRP A 21  O PHE A 29  ? O PHE A 29  
AA1 2 3 N ILE A 30  ? N ILE A 30  O THR A 42  ? O THR A 42  
AA1 3 4 N LEU A 39  ? N LEU A 39  O GLY A 58  ? O GLY A 58  
AA1 4 5 N THR A 57  ? N THR A 57  O THR A 76  ? O THR A 76  
AA1 5 6 N LEU A 73  ? N LEU A 73  O GLY A 94  ? O GLY A 94  
AA1 6 7 N VAL A 97  ? N VAL A 97  O ARG A 103 ? O ARG A 103 
AA1 7 8 N LEU A 110 ? N LEU A 110 O LEU A 124 ? O LEU A 124 
AA1 8 9 O THR A 131 ? O THR A 131 N TYR A 22  ? N TYR A 22  
# 
loop_
_struct_site.id 
_struct_site.pdbx_evidence_code 
_struct_site.pdbx_auth_asym_id 
_struct_site.pdbx_auth_comp_id 
_struct_site.pdbx_auth_seq_id 
_struct_site.pdbx_auth_ins_code 
_struct_site.pdbx_num_residues 
_struct_site.details 
AC1 Software A QG4 201 ? 20 'binding site for residue QG4 A 201' 
AC2 Software A ACT 202 ? 3  'binding site for residue ACT A 202' 
AC3 Software A ACT 203 ? 3  'binding site for residue ACT A 203' 
AC4 Software A ACT 204 ? 2  'binding site for residue ACT A 204' 
# 
loop_
_struct_site_gen.id 
_struct_site_gen.site_id 
_struct_site_gen.pdbx_num_res 
_struct_site_gen.label_comp_id 
_struct_site_gen.label_asym_id 
_struct_site_gen.label_seq_id 
_struct_site_gen.pdbx_auth_ins_code 
_struct_site_gen.auth_comp_id 
_struct_site_gen.auth_asym_id 
_struct_site_gen.auth_seq_id 
_struct_site_gen.label_atom_id 
_struct_site_gen.label_alt_id 
_struct_site_gen.symmetry 
_struct_site_gen.details 
1  AC1 20 ASN A 23  ? ASN A 23  . ? 1_555 ? 
2  AC1 20 LEU A 25  ? LEU A 25  . ? 1_555 ? 
3  AC1 20 SER A 27  ? SER A 27  . ? 1_555 ? 
4  AC1 20 TYR A 43  ? TYR A 43  . ? 1_555 ? 
5  AC1 20 SER A 45  ? SER A 45  . ? 1_555 ? 
6  AC1 20 VAL A 47  ? VAL A 47  . ? 1_555 ? 
7  AC1 20 GLY A 48  ? GLY A 48  . ? 1_555 ? 
8  AC1 20 ASN A 49  ? ASN A 49  . ? 1_555 ? 
9  AC1 20 TRP A 79  ? TRP A 79  . ? 1_555 ? 
10 AC1 20 ALA A 86  ? ALA A 86  . ? 1_555 ? 
11 AC1 20 SER A 88  ? SER A 88  . ? 1_555 ? 
12 AC1 20 THR A 90  ? THR A 90  . ? 1_555 ? 
13 AC1 20 TRP A 108 ? TRP A 108 . ? 1_555 ? 
14 AC1 20 LEU A 110 ? LEU A 110 . ? 1_555 ? 
15 AC1 20 GLU A 112 ? GLU A 112 . ? 1_555 ? 
16 AC1 20 ALA A 121 ? ALA A 121 . ? 1_555 ? 
17 AC1 20 SER A 122 ? SER A 122 . ? 1_555 ? 
18 AC1 20 ASP A 128 ? ASP A 128 . ? 1_555 ? 
19 AC1 20 ACT C .   ? ACT A 202 . ? 1_555 ? 
20 AC1 20 HOH F .   ? HOH A 359 . ? 1_555 ? 
21 AC2 3  GLU A 112 ? GLU A 112 . ? 1_555 ? 
22 AC2 3  QG4 B .   ? QG4 A 201 . ? 1_555 ? 
23 AC2 3  HOH F .   ? HOH A 353 . ? 1_555 ? 
24 AC3 3  ASN A 82  ? ASN A 82  . ? 1_555 ? 
25 AC3 3  HOH F .   ? HOH A 302 . ? 5_554 ? 
26 AC3 3  HOH F .   ? HOH A 302 . ? 1_555 ? 
27 AC4 2  ARG A 84  ? ARG A 84  . ? 5_554 ? 
28 AC4 2  ARG A 84  ? ARG A 84  . ? 1_555 ? 
# 
_atom_sites.entry_id                    6UIZ 
_atom_sites.Cartn_transf_matrix[1][1]   ? 
_atom_sites.Cartn_transf_matrix[1][2]   ? 
_atom_sites.Cartn_transf_matrix[1][3]   ? 
_atom_sites.Cartn_transf_matrix[2][1]   ? 
_atom_sites.Cartn_transf_matrix[2][2]   ? 
_atom_sites.Cartn_transf_matrix[2][3]   ? 
_atom_sites.Cartn_transf_matrix[3][1]   ? 
_atom_sites.Cartn_transf_matrix[3][2]   ? 
_atom_sites.Cartn_transf_matrix[3][3]   ? 
_atom_sites.Cartn_transf_vector[1]      ? 
_atom_sites.Cartn_transf_vector[2]      ? 
_atom_sites.Cartn_transf_vector[3]      ? 
_atom_sites.fract_transf_matrix[1][1]   0.00825009 
_atom_sites.fract_transf_matrix[1][2]   0.00284900 
_atom_sites.fract_transf_matrix[1][3]   -0.01495537 
_atom_sites.fract_transf_matrix[2][1]   -0.01476379 
_atom_sites.fract_transf_matrix[2][2]   0.00564933 
_atom_sites.fract_transf_matrix[2][3]   -0.00706820 
_atom_sites.fract_transf_matrix[3][1]   0.00116321 
_atom_sites.fract_transf_matrix[3][2]   0.00504523 
_atom_sites.fract_transf_matrix[3][3]   0.00160280 
_atom_sites.fract_transf_vector[1]      0.241571 
_atom_sites.fract_transf_vector[2]      0.424061 
_atom_sites.fract_transf_vector[3]      -0.009731 
_atom_sites.solution_primary            ? 
_atom_sites.solution_secondary          ? 
_atom_sites.solution_hydrogens          ? 
_atom_sites.special_details             ? 
# 
loop_
_atom_type.symbol 
C  
FE 
N  
O  
S  
# 
loop_
_atom_site.group_PDB 
_atom_site.id 
_atom_site.type_symbol 
_atom_site.label_atom_id 
_atom_site.label_alt_id 
_atom_site.label_comp_id 
_atom_site.label_asym_id 
_atom_site.label_entity_id 
_atom_site.label_seq_id 
_atom_site.pdbx_PDB_ins_code 
_atom_site.Cartn_x 
_atom_site.Cartn_y 
_atom_site.Cartn_z 
_atom_site.occupancy 
_atom_site.B_iso_or_equiv 
_atom_site.pdbx_formal_charge 
_atom_site.auth_seq_id 
_atom_site.auth_comp_id 
_atom_site.auth_asym_id 
_atom_site.auth_atom_id 
_atom_site.pdbx_PDB_model_num 
ATOM   1    N  N   . GLY A 1 11  ? 4.059   10.188  15.805  1.00 44.44 ? 11  GLY A N   1 
ATOM   2    C  CA  . GLY A 1 11  ? 3.786   10.764  14.433  1.00 43.08 ? 11  GLY A CA  1 
ATOM   3    C  C   . GLY A 1 11  ? 2.490   11.563  14.424  1.00 44.28 ? 11  GLY A C   1 
ATOM   4    O  O   . GLY A 1 11  ? 1.564   11.174  15.165  1.00 34.20 ? 11  GLY A O   1 
ATOM   5    N  N   . ARG A 1 12  ? 2.392   12.634  13.621  1.00 48.01 ? 12  ARG A N   1 
ATOM   6    C  CA  . ARG A 1 12  ? 1.189   13.523  13.596  1.00 46.06 ? 12  ARG A CA  1 
ATOM   7    C  C   . ARG A 1 12  ? -0.043  12.679  13.214  1.00 45.72 ? 12  ARG A C   1 
ATOM   8    O  O   . ARG A 1 12  ? -1.065  12.761  13.918  1.00 44.69 ? 12  ARG A O   1 
ATOM   9    C  CB  . ARG A 1 12  ? 1.428   14.713  12.659  1.00 51.78 ? 12  ARG A CB  1 
ATOM   10   C  CG  . ARG A 1 12  ? 0.195   15.548  12.328  1.00 59.86 ? 12  ARG A CG  1 
ATOM   11   C  CD  . ARG A 1 12  ? -0.353  16.306  13.523  1.00 67.10 ? 12  ARG A CD  1 
ATOM   12   N  NE  . ARG A 1 12  ? -1.575  17.047  13.215  1.00 73.49 ? 12  ARG A NE  1 
ATOM   13   C  CZ  . ARG A 1 12  ? -2.820  16.546  13.212  1.00 80.41 ? 12  ARG A CZ  1 
ATOM   14   N  NH1 . ARG A 1 12  ? -3.040  15.267  13.481  1.00 77.70 ? 12  ARG A NH1 1 
ATOM   15   N  NH2 . ARG A 1 12  ? -3.847  17.336  12.929  1.00 79.86 ? 12  ARG A NH2 1 
ATOM   16   N  N   . ASP A 1 13  ? 0.057   11.846  12.168  1.00 40.52 ? 13  ASP A N   1 
ATOM   17   C  CA  . ASP A 1 13  ? -1.083  11.045  11.643  1.00 35.50 ? 13  ASP A CA  1 
ATOM   18   C  C   . ASP A 1 13  ? -0.939  9.587   12.070  1.00 34.57 ? 13  ASP A C   1 
ATOM   19   O  O   . ASP A 1 13  ? -1.596  8.757   11.452  1.00 33.21 ? 13  ASP A O   1 
ATOM   20   C  CB  . ASP A 1 13  ? -1.176  11.207  10.126  1.00 36.30 ? 13  ASP A CB  1 
ATOM   21   C  CG  . ASP A 1 13  ? -1.228  12.672  9.762   1.00 33.88 ? 13  ASP A CG  1 
ATOM   22   O  OD1 . ASP A 1 13  ? -2.174  13.366  10.211  1.00 36.25 ? 13  ASP A OD1 1 
ATOM   23   O  OD2 . ASP A 1 13  ? -0.300  13.123  9.123   1.00 33.73 ? 13  ASP A OD2 1 
ATOM   24   N  N   . GLU A 1 14  ? -0.133  9.285   13.101  1.00 33.14 ? 14  GLU A N   1 
ATOM   25   C  CA  . GLU A 1 14  ? 0.104   7.880   13.551  1.00 34.37 ? 14  GLU A CA  1 
ATOM   26   C  C   . GLU A 1 14  ? -1.260  7.209   13.839  1.00 34.47 ? 14  GLU A C   1 
ATOM   27   O  O   . GLU A 1 14  ? -1.579  6.136   13.264  1.00 29.69 ? 14  GLU A O   1 
ATOM   28   C  CB  . GLU A 1 14  ? 1.051   7.914   14.755  1.00 33.28 ? 14  GLU A CB  1 
ATOM   29   C  CG  . GLU A 1 14  ? 1.352   6.558   15.318  1.00 33.67 ? 14  GLU A CG  1 
ATOM   30   C  CD  . GLU A 1 14  ? 2.315   6.535   16.489  1.00 37.13 ? 14  GLU A CD  1 
ATOM   31   O  OE1 . GLU A 1 14  ? 2.350   5.490   17.180  1.00 35.29 ? 14  GLU A OE1 1 
ATOM   32   O  OE2 . GLU A 1 14  ? 3.003   7.566   16.730  1.00 37.66 ? 14  GLU A OE2 1 
ATOM   33   N  N   . ALA A 1 15  ? -2.058  7.841   14.696  1.00 32.44 ? 15  ALA A N   1 
ATOM   34   C  CA  . ALA A 1 15  ? -3.436  7.420   15.051  1.00 32.84 ? 15  ALA A CA  1 
ATOM   35   C  C   . ALA A 1 15  ? -4.335  7.309   13.806  1.00 30.62 ? 15  ALA A C   1 
ATOM   36   O  O   . ALA A 1 15  ? -4.992  6.246   13.666  1.00 32.33 ? 15  ALA A O   1 
ATOM   37   C  CB  . ALA A 1 15  ? -3.979  8.416   16.049  1.00 33.92 ? 15  ALA A CB  1 
ATOM   38   N  N   . GLY A 1 16  ? -4.335  8.343   12.940  1.00 25.29 ? 16  GLY A N   1 
ATOM   39   C  CA  . GLY A 1 16  ? -5.127  8.445   11.691  1.00 22.73 ? 16  GLY A CA  1 
ATOM   40   C  C   . GLY A 1 16  ? -4.813  7.328   10.706  1.00 20.36 ? 16  GLY A C   1 
ATOM   41   O  O   . GLY A 1 16  ? -5.770  6.762   10.102  1.00 19.55 ? 16  GLY A O   1 
ATOM   42   N  N   . ILE A 1 17  ? -3.539  6.935   10.584  1.00 18.04 ? 17  ILE A N   1 
ATOM   43   C  CA  . ILE A 1 17  ? -3.127  5.924   9.567   1.00 17.80 ? 17  ILE A CA  1 
ATOM   44   C  C   . ILE A 1 17  ? -3.368  4.508   10.067  1.00 17.69 ? 17  ILE A C   1 
ATOM   45   O  O   . ILE A 1 17  ? -3.816  3.656   9.293   1.00 15.81 ? 17  ILE A O   1 
ATOM   46   C  CB  . ILE A 1 17  ? -1.669  6.139   9.138   1.00 18.43 ? 17  ILE A CB  1 
ATOM   47   C  CG1 . ILE A 1 17  ? -1.534  7.473   8.397   1.00 18.70 ? 17  ILE A CG1 1 
ATOM   48   C  CG2 . ILE A 1 17  ? -1.204  4.959   8.301   1.00 18.12 ? 17  ILE A CG2 1 
ATOM   49   C  CD1 . ILE A 1 17  ? -0.083  7.942   8.262   1.00 19.80 ? 17  ILE A CD1 1 
ATOM   50   N  N   . THR A 1 18  ? -3.044  4.250   11.326  1.00 19.50 ? 18  THR A N   1 
ATOM   51   C  CA  . THR A 1 18  ? -3.054  2.898   11.911  1.00 20.13 ? 18  THR A CA  1 
ATOM   52   C  C   . THR A 1 18  ? -4.483  2.347   11.810  1.00 20.71 ? 18  THR A C   1 
ATOM   53   O  O   . THR A 1 18  ? -5.421  3.082   12.177  1.00 18.77 ? 18  THR A O   1 
ATOM   54   C  CB  . THR A 1 18  ? -2.536  2.939   13.350  1.00 20.12 ? 18  THR A CB  1 
ATOM   55   O  OG1 . THR A 1 18  ? -1.131  3.230   13.354  1.00 19.62 ? 18  THR A OG1 1 
ATOM   56   C  CG2 . THR A 1 18  ? -2.827  1.615   14.036  1.00 20.96 ? 18  THR A CG2 1 
ATOM   57   N  N   . GLY A 1 19  ? -4.638  1.123   11.295  1.00 17.71 ? 19  GLY A N   1 
ATOM   58   C  CA  . GLY A 1 19  ? -5.919  0.404   11.284  1.00 17.76 ? 19  GLY A CA  1 
ATOM   59   C  C   . GLY A 1 19  ? -6.154  -0.299  9.967   1.00 18.40 ? 19  GLY A C   1 
ATOM   60   O  O   . GLY A 1 19  ? -5.144  -0.566  9.218   1.00 17.48 ? 19  GLY A O   1 
ATOM   61   N  N   . THR A 1 20  ? -7.425  -0.511  9.644   1.00 18.18 ? 20  THR A N   1 
ATOM   62   C  CA  . THR A 1 20  ? -7.859  -1.338  8.505   1.00 18.95 ? 20  THR A CA  1 
ATOM   63   C  C   . THR A 1 20  ? -8.400  -0.384  7.442   1.00 19.12 ? 20  THR A C   1 
ATOM   64   O  O   . THR A 1 20  ? -9.193  0.501   7.779   1.00 19.30 ? 20  THR A O   1 
ATOM   65   C  CB  . THR A 1 20  ? -8.855  -2.433  8.919   1.00 19.34 ? 20  THR A CB  1 
ATOM   66   O  OG1 . THR A 1 20  ? -8.230  -3.289  9.878   1.00 21.13 ? 20  THR A OG1 1 
ATOM   67   C  CG2 . THR A 1 20  ? -9.282  -3.277  7.750   1.00 20.05 ? 20  THR A CG2 1 
ATOM   68   N  N   . TRP A 1 21  ? -7.888  -0.551  6.221   1.00 17.90 ? 21  TRP A N   1 
ATOM   69   C  CA  . TRP A 1 21  ? -8.330  0.174   5.021   1.00 16.22 ? 21  TRP A CA  1 
ATOM   70   C  C   . TRP A 1 21  ? -8.798  -0.787  3.947   1.00 15.29 ? 21  TRP A C   1 
ATOM   71   O  O   . TRP A 1 21  ? -8.307  -1.919  3.875   1.00 14.59 ? 21  TRP A O   1 
ATOM   72   C  CB  . TRP A 1 21  ? -7.200  1.069   4.530   1.00 15.04 ? 21  TRP A CB  1 
ATOM   73   C  CG  . TRP A 1 21  ? -6.748  2.080   5.528   1.00 15.87 ? 21  TRP A CG  1 
ATOM   74   C  CD1 . TRP A 1 21  ? -5.839  1.904   6.533   1.00 14.60 ? 21  TRP A CD1 1 
ATOM   75   C  CD2 . TRP A 1 21  ? -7.121  3.465   5.546   1.00 15.33 ? 21  TRP A CD2 1 
ATOM   76   N  NE1 . TRP A 1 21  ? -5.630  3.082   7.188   1.00 16.69 ? 21  TRP A NE1 1 
ATOM   77   C  CE2 . TRP A 1 21  ? -6.409  4.062   6.604   1.00 16.99 ? 21  TRP A CE2 1 
ATOM   78   C  CE3 . TRP A 1 21  ? -7.991  4.250   4.782   1.00 16.78 ? 21  TRP A CE3 1 
ATOM   79   C  CZ2 . TRP A 1 21  ? -6.511  5.428   6.881   1.00 17.08 ? 21  TRP A CZ2 1 
ATOM   80   C  CZ3 . TRP A 1 21  ? -8.072  5.597   5.053   1.00 17.35 ? 21  TRP A CZ3 1 
ATOM   81   C  CH2 . TRP A 1 21  ? -7.387  6.162   6.122   1.00 16.83 ? 21  TRP A CH2 1 
ATOM   82   N  N   . TYR A 1 22  ? -9.691  -0.280  3.079   1.00 14.58 ? 22  TYR A N   1 
ATOM   83   C  CA  . TYR A 1 22  ? -10.304 -1.035  1.968   1.00 15.51 ? 22  TYR A CA  1 
ATOM   84   C  C   . TYR A 1 22  ? -10.200 -0.188  0.687   1.00 15.43 ? 22  TYR A C   1 
ATOM   85   O  O   . TYR A 1 22  ? -10.414 1.018   0.725   1.00 14.64 ? 22  TYR A O   1 
ATOM   86   C  CB  . TYR A 1 22  ? -11.782 -1.317  2.275   1.00 18.45 ? 22  TYR A CB  1 
ATOM   87   C  CG  . TYR A 1 22  ? -12.029 -1.946  3.612   1.00 17.12 ? 22  TYR A CG  1 
ATOM   88   C  CD1 . TYR A 1 22  ? -11.940 -3.309  3.790   1.00 19.33 ? 22  TYR A CD1 1 
ATOM   89   C  CD2 . TYR A 1 22  ? -12.280 -1.156  4.727   1.00 22.11 ? 22  TYR A CD2 1 
ATOM   90   C  CE1 . TYR A 1 22  ? -12.144 -3.890  5.043   1.00 20.08 ? 22  TYR A CE1 1 
ATOM   91   C  CE2 . TYR A 1 22  ? -12.456 -1.712  5.982   1.00 20.27 ? 22  TYR A CE2 1 
ATOM   92   C  CZ  . TYR A 1 22  ? -12.433 -3.094  6.137   1.00 20.91 ? 22  TYR A CZ  1 
ATOM   93   O  OH  . TYR A 1 22  ? -12.617 -3.669  7.380   1.00 20.76 ? 22  TYR A OH  1 
ATOM   94   N  N   . ASN A 1 23  ? -9.829  -0.793  -0.431  1.00 14.37 ? 23  ASN A N   1 
ATOM   95   C  CA  . ASN A 1 23  ? -9.727  -0.031  -1.695  1.00 14.21 ? 23  ASN A CA  1 
ATOM   96   C  C   . ASN A 1 23  ? -10.957 -0.324  -2.567  1.00 16.24 ? 23  ASN A C   1 
ATOM   97   O  O   . ASN A 1 23  ? -11.834 -1.127  -2.179  1.00 17.52 ? 23  ASN A O   1 
ATOM   98   C  CB  . ASN A 1 23  ? -8.384  -0.207  -2.425  1.00 11.70 ? 23  ASN A CB  1 
ATOM   99   C  CG  . ASN A 1 23  ? -8.182  -1.549  -3.101  1.00 11.79 ? 23  ASN A CG  1 
ATOM   100  O  OD1 . ASN A 1 23  ? -9.088  -2.384  -3.197  1.00 11.42 ? 23  ASN A OD1 1 
ATOM   101  N  ND2 . ASN A 1 23  ? -6.970  -1.799  -3.583  1.00 10.91 ? 23  ASN A ND2 1 
ATOM   102  N  N   . GLN A 1 24  ? -10.953 0.263   -3.743  1.00 15.96 ? 24  GLN A N   1 
ATOM   103  C  CA  . GLN A 1 24  ? -12.077 0.216   -4.713  1.00 17.72 ? 24  GLN A CA  1 
ATOM   104  C  C   . GLN A 1 24  ? -12.229 -1.206  -5.273  1.00 18.64 ? 24  GLN A C   1 
ATOM   105  O  O   . GLN A 1 24  ? -13.282 -1.490  -5.816  1.00 19.50 ? 24  GLN A O   1 
ATOM   106  C  CB  . GLN A 1 24  ? -11.878 1.289   -5.785  1.00 16.53 ? 24  GLN A CB  1 
ATOM   107  C  CG  . GLN A 1 24  ? -10.843 0.981   -6.881  1.00 16.39 ? 24  GLN A CG  1 
ATOM   108  C  CD  . GLN A 1 24  ? -9.409  1.007   -6.398  1.00 16.15 ? 24  GLN A CD  1 
ATOM   109  O  OE1 . GLN A 1 24  ? -9.089  1.526   -5.315  1.00 16.29 ? 24  GLN A OE1 1 
ATOM   110  N  NE2 . GLN A 1 24  ? -8.503  0.471   -7.226  1.00 16.00 ? 24  GLN A NE2 1 
ATOM   111  N  N   . LEU A 1 25  ? -11.239 -2.085  -5.126  1.00 15.78 ? 25  LEU A N   1 
ATOM   112  C  CA  . LEU A 1 25  ? -11.325 -3.474  -5.650  1.00 16.21 ? 25  LEU A CA  1 
ATOM   113  C  C   . LEU A 1 25  ? -11.850 -4.382  -4.546  1.00 16.18 ? 25  LEU A C   1 
ATOM   114  O  O   . LEU A 1 25  ? -12.036 -5.577  -4.805  1.00 19.17 ? 25  LEU A O   1 
ATOM   115  C  CB  . LEU A 1 25  ? -9.931  -3.946  -6.046  1.00 16.64 ? 25  LEU A CB  1 
ATOM   116  C  CG  . LEU A 1 25  ? -9.272  -3.179  -7.187  1.00 18.92 ? 25  LEU A CG  1 
ATOM   117  C  CD1 . LEU A 1 25  ? -7.810  -3.556  -7.318  1.00 18.39 ? 25  LEU A CD1 1 
ATOM   118  C  CD2 . LEU A 1 25  ? -10.008 -3.461  -8.478  1.00 21.80 ? 25  LEU A CD2 1 
ATOM   119  N  N   . GLY A 1 26  ? -11.936 -3.877  -3.330  1.00 16.73 ? 26  GLY A N   1 
ATOM   120  C  CA  . GLY A 1 26  ? -12.353 -4.694  -2.180  1.00 18.35 ? 26  GLY A CA  1 
ATOM   121  C  C   . GLY A 1 26  ? -11.168 -5.332  -1.485  1.00 17.53 ? 26  GLY A C   1 
ATOM   122  O  O   . GLY A 1 26  ? -11.379 -6.172  -0.583  1.00 16.34 ? 26  GLY A O   1 
ATOM   123  N  N   . SER A 1 27  ? -9.943  -4.932  -1.821  1.00 15.86 ? 27  SER A N   1 
ATOM   124  C  CA  . SER A 1 27  ? -8.741  -5.359  -1.068  1.00 14.67 ? 27  SER A CA  1 
ATOM   125  C  C   . SER A 1 27  ? -8.678  -4.750  0.343   1.00 14.02 ? 27  SER A C   1 
ATOM   126  O  O   . SER A 1 27  ? -9.073  -3.621  0.535   1.00 15.24 ? 27  SER A O   1 
ATOM   127  C  CB  . SER A 1 27  ? -7.471  -4.993  -1.838  1.00 14.69 ? 27  SER A CB  1 
ATOM   128  O  OG  . SER A 1 27  ? -7.421  -5.669  -3.060  1.00 14.01 ? 27  SER A OG  1 
ATOM   129  N  N   . THR A 1 28  ? -7.982  -5.417  1.258   1.00 16.27 ? 28  THR A N   1 
ATOM   130  C  CA  . THR A 1 28  ? -7.866  -5.073  2.692   1.00 16.30 ? 28  THR A CA  1 
ATOM   131  C  C   . THR A 1 28  ? -6.412  -4.818  3.069   1.00 15.99 ? 28  THR A C   1 
ATOM   132  O  O   . THR A 1 28  ? -5.604  -5.723  2.926   1.00 16.09 ? 28  THR A O   1 
ATOM   133  C  CB  . THR A 1 28  ? -8.383  -6.200  3.580   1.00 19.22 ? 28  THR A CB  1 
ATOM   134  O  OG1 . THR A 1 28  ? -9.672  -6.558  3.100   1.00 20.28 ? 28  THR A OG1 1 
ATOM   135  C  CG2 . THR A 1 28  ? -8.463  -5.771  5.023   1.00 20.54 ? 28  THR A CG2 1 
ATOM   136  N  N   . PHE A 1 29  ? -6.138  -3.626  3.601   1.00 15.71 ? 29  PHE A N   1 
ATOM   137  C  CA  . PHE A 1 29  ? -4.794  -3.111  3.944   1.00 17.07 ? 29  PHE A CA  1 
ATOM   138  C  C   . PHE A 1 29  ? -4.834  -2.848  5.451   1.00 18.97 ? 29  PHE A C   1 
ATOM   139  O  O   . PHE A 1 29  ? -5.646  -1.985  5.872   1.00 18.57 ? 29  PHE A O   1 
ATOM   140  C  CB  . PHE A 1 29  ? -4.522  -1.865  3.110   1.00 15.86 ? 29  PHE A CB  1 
ATOM   141  C  CG  . PHE A 1 29  ? -3.406  -0.951  3.534   1.00 15.63 ? 29  PHE A CG  1 
ATOM   142  C  CD1 . PHE A 1 29  ? -2.112  -1.423  3.745   1.00 15.26 ? 29  PHE A CD1 1 
ATOM   143  C  CD2 . PHE A 1 29  ? -3.634  0.422   3.619   1.00 14.96 ? 29  PHE A CD2 1 
ATOM   144  C  CE1 . PHE A 1 29  ? -1.077  -0.538  4.007   1.00 14.67 ? 29  PHE A CE1 1 
ATOM   145  C  CE2 . PHE A 1 29  ? -2.609  1.293   3.933   1.00 15.14 ? 29  PHE A CE2 1 
ATOM   146  C  CZ  . PHE A 1 29  ? -1.321  0.821   4.104   1.00 14.83 ? 29  PHE A CZ  1 
ATOM   147  N  N   . ILE A 1 30  ? -4.060  -3.627  6.184   1.00 17.19 ? 30  ILE A N   1 
ATOM   148  C  CA  . ILE A 1 30  ? -4.003  -3.605  7.656   1.00 19.50 ? 30  ILE A CA  1 
ATOM   149  C  C   . ILE A 1 30  ? -2.642  -3.061  8.045   1.00 18.06 ? 30  ILE A C   1 
ATOM   150  O  O   . ILE A 1 30  ? -1.635  -3.661  7.701   1.00 17.61 ? 30  ILE A O   1 
ATOM   151  C  CB  . ILE A 1 30  ? -4.317  -4.984  8.252   1.00 23.05 ? 30  ILE A CB  1 
ATOM   152  C  CG1 . ILE A 1 30  ? -5.780  -5.359  7.992   1.00 22.02 ? 30  ILE A CG1 1 
ATOM   153  C  CG2 . ILE A 1 30  ? -3.981  -4.985  9.744   1.00 25.42 ? 30  ILE A CG2 1 
ATOM   154  C  CD1 . ILE A 1 30  ? -6.140  -6.761  8.414   1.00 23.39 ? 30  ILE A CD1 1 
ATOM   155  N  N   . VAL A 1 31  ? -2.612  -1.892  8.666   1.00 17.61 ? 31  VAL A N   1 
ATOM   156  C  CA  . VAL A 1 31  ? -1.306  -1.209  8.857   1.00 18.44 ? 31  VAL A CA  1 
ATOM   157  C  C   . VAL A 1 31  ? -1.193  -0.650  10.278  1.00 19.42 ? 31  VAL A C   1 
ATOM   158  O  O   . VAL A 1 31  ? -2.192  -0.176  10.852  1.00 20.02 ? 31  VAL A O   1 
ATOM   159  C  CB  . VAL A 1 31  ? -1.096  -0.121  7.794   1.00 18.19 ? 31  VAL A CB  1 
ATOM   160  C  CG1 . VAL A 1 31  ? -2.090  1.016   7.922   1.00 18.69 ? 31  VAL A CG1 1 
ATOM   161  C  CG2 . VAL A 1 31  ? 0.343   0.351   7.807   1.00 19.21 ? 31  VAL A CG2 1 
ATOM   162  N  N   . THR A 1 32  ? 0.025   -0.701  10.805  1.00 18.27 ? 32  THR A N   1 
ATOM   163  C  CA  . THR A 1 32  ? 0.431   0.045   12.009  1.00 20.75 ? 32  THR A CA  1 
ATOM   164  C  C   . THR A 1 32  ? 1.470   1.087   11.617  1.00 19.44 ? 32  THR A C   1 
ATOM   165  O  O   . THR A 1 32  ? 2.536   0.713   11.017  1.00 17.11 ? 32  THR A O   1 
ATOM   166  C  CB  . THR A 1 32  ? 0.926   -0.898  13.107  1.00 21.85 ? 32  THR A CB  1 
ATOM   167  O  OG1 . THR A 1 32  ? -0.139  -1.827  13.340  1.00 23.16 ? 32  THR A OG1 1 
ATOM   168  C  CG2 . THR A 1 32  ? 1.290   -0.150  14.375  1.00 24.81 ? 32  THR A CG2 1 
ATOM   169  N  N   . ALA A 1 33  ? 1.186   2.341   11.965  1.00 19.97 ? 33  ALA A N   1 
ATOM   170  C  CA  . ALA A 1 33  ? 2.132   3.472   11.819  1.00 19.64 ? 33  ALA A CA  1 
ATOM   171  C  C   . ALA A 1 33  ? 2.901   3.633   13.126  1.00 22.89 ? 33  ALA A C   1 
ATOM   172  O  O   . ALA A 1 33  ? 2.219   3.833   14.195  1.00 18.17 ? 33  ALA A O   1 
ATOM   173  C  CB  . ALA A 1 33  ? 1.352   4.697   11.446  1.00 20.74 ? 33  ALA A CB  1 
ATOM   174  N  N   . GLY A 1 34  ? 4.241   3.523   13.063  1.00 19.67 ? 34  GLY A N   1 
ATOM   175  C  CA  . GLY A 1 34  ? 5.143   3.773   14.207  1.00 20.99 ? 34  GLY A CA  1 
ATOM   176  C  C   . GLY A 1 34  ? 5.455   5.270   14.380  1.00 20.69 ? 34  GLY A C   1 
ATOM   177  O  O   . GLY A 1 34  ? 5.413   6.036   13.412  1.00 22.58 ? 34  GLY A O   1 
ATOM   178  N  N   . ALA A 1 35  ? 5.793   5.716   15.584  1.00 22.52 ? 35  ALA A N   1 
ATOM   179  C  CA  . ALA A 1 35  ? 6.059   7.147   15.888  1.00 25.35 ? 35  ALA A CA  1 
ATOM   180  C  C   . ALA A 1 35  ? 7.220   7.676   15.030  1.00 26.45 ? 35  ALA A C   1 
ATOM   181  O  O   . ALA A 1 35  ? 7.306   8.897   14.850  1.00 34.20 ? 35  ALA A O   1 
ATOM   182  C  CB  . ALA A 1 35  ? 6.402   7.284   17.351  1.00 28.00 ? 35  ALA A CB  1 
ATOM   183  N  N   . ASP A 1 36  ? 8.071   6.748   14.594  1.00 26.64 ? 36  ASP A N   1 
ATOM   184  C  CA  . ASP A 1 36  ? 9.377   6.874   13.901  1.00 31.85 ? 36  ASP A CA  1 
ATOM   185  C  C   . ASP A 1 36  ? 9.220   6.826   12.365  1.00 28.12 ? 36  ASP A C   1 
ATOM   186  O  O   . ASP A 1 36  ? 10.266  6.761   11.682  1.00 32.27 ? 36  ASP A O   1 
ATOM   187  C  CB  . ASP A 1 36  ? 10.266  5.680   14.313  1.00 34.34 ? 36  ASP A CB  1 
ATOM   188  C  CG  . ASP A 1 36  ? 9.746   4.284   13.884  1.00 40.52 ? 36  ASP A CG  1 
ATOM   189  O  OD1 . ASP A 1 36  ? 8.513   4.118   13.700  1.00 30.10 ? 36  ASP A OD1 1 
ATOM   190  O  OD2 . ASP A 1 36  ? 10.592  3.336   13.731  1.00 45.86 ? 36  ASP A OD2 1 
ATOM   191  N  N   . GLY A 1 37  ? 7.996   6.807   11.820  1.00 22.71 ? 37  GLY A N   1 
ATOM   192  C  CA  . GLY A 1 37  ? 7.772   6.786   10.364  1.00 19.49 ? 37  GLY A CA  1 
ATOM   193  C  C   . GLY A 1 37  ? 7.580   5.386   9.806   1.00 17.99 ? 37  GLY A C   1 
ATOM   194  O  O   . GLY A 1 37  ? 7.412   5.274   8.577   1.00 16.51 ? 37  GLY A O   1 
ATOM   195  N  N   . ALA A 1 38  ? 7.606   4.341   10.631  1.00 17.30 ? 38  ALA A N   1 
ATOM   196  C  CA  . ALA A 1 38  ? 7.497   2.954   10.110  1.00 17.80 ? 38  ALA A CA  1 
ATOM   197  C  C   . ALA A 1 38  ? 6.050   2.653   9.716   1.00 17.37 ? 38  ALA A C   1 
ATOM   198  O  O   . ALA A 1 38  ? 5.164   3.041   10.449  1.00 15.99 ? 38  ALA A O   1 
ATOM   199  C  CB  . ALA A 1 38  ? 8.001   1.965   11.125  1.00 19.55 ? 38  ALA A CB  1 
ATOM   200  N  N   . LEU A 1 39  ? 5.839   1.865   8.659   1.00 16.90 ? 39  LEU A N   1 
ATOM   201  C  CA  . LEU A 1 39  ? 4.538   1.206   8.380   1.00 16.66 ? 39  LEU A CA  1 
ATOM   202  C  C   . LEU A 1 39  ? 4.821   -0.292  8.331   1.00 14.44 ? 39  LEU A C   1 
ATOM   203  O  O   . LEU A 1 39  ? 5.796   -0.711  7.677   1.00 14.82 ? 39  LEU A O   1 
ATOM   204  C  CB  . LEU A 1 39  ? 3.934   1.630   7.029   1.00 15.84 ? 39  LEU A CB  1 
ATOM   205  C  CG  . LEU A 1 39  ? 3.646   3.111   6.866   1.00 15.80 ? 39  LEU A CG  1 
ATOM   206  C  CD1 . LEU A 1 39  ? 3.112   3.409   5.465   1.00 14.94 ? 39  LEU A CD1 1 
ATOM   207  C  CD2 . LEU A 1 39  ? 2.692   3.569   7.915   1.00 16.25 ? 39  LEU A CD2 1 
ATOM   208  N  N   . THR A 1 40  ? 4.012   -1.068  8.996   1.00 15.40 ? 40  THR A N   1 
ATOM   209  C  CA  . THR A 1 40  ? 4.108   -2.543  9.033   1.00 15.99 ? 40  THR A CA  1 
ATOM   210  C  C   . THR A 1 40  ? 2.690   -3.090  8.977   1.00 16.84 ? 40  THR A C   1 
ATOM   211  O  O   . THR A 1 40  ? 1.810   -2.495  9.636   1.00 16.39 ? 40  THR A O   1 
ATOM   212  C  CB  . THR A 1 40  ? 4.779   -3.011  10.335  1.00 18.49 ? 40  THR A CB  1 
ATOM   213  O  OG1 A THR A 1 40  ? 3.959   -2.575  11.419  0.50 22.16 ? 40  THR A OG1 1 
ATOM   214  O  OG1 B THR A 1 40  ? 3.959   -2.575  11.419  0.50 22.16 ? 40  THR A OG1 1 
ATOM   215  C  CG2 A THR A 1 40  ? 6.147   -2.416  10.558  0.50 18.74 ? 40  THR A CG2 1 
ATOM   216  C  CG2 B THR A 1 40  ? 6.147   -2.416  10.557  0.50 18.74 ? 40  THR A CG2 1 
ATOM   217  N  N   . GLY A 1 41  ? 2.484   -4.253  8.361   1.00 15.57 ? 41  GLY A N   1 
ATOM   218  C  CA  . GLY A 1 41  ? 1.155   -4.880  8.443   1.00 14.87 ? 41  GLY A CA  1 
ATOM   219  C  C   . GLY A 1 41  ? 0.987   -5.963  7.402   1.00 14.81 ? 41  GLY A C   1 
ATOM   220  O  O   . GLY A 1 41  ? 1.993   -6.640  7.058   1.00 12.72 ? 41  GLY A O   1 
ATOM   221  N  N   . THR A 1 42  ? -0.237  -6.089  6.888   1.00 14.16 ? 42  THR A N   1 
ATOM   222  C  CA  . THR A 1 42  ? -0.621  -7.158  5.947   1.00 15.25 ? 42  THR A CA  1 
ATOM   223  C  C   . THR A 1 42  ? -1.528  -6.564  4.872   1.00 14.43 ? 42  THR A C   1 
ATOM   224  O  O   . THR A 1 42  ? -2.212  -5.550  5.128   1.00 15.19 ? 42  THR A O   1 
ATOM   225  C  CB  . THR A 1 42  ? -1.262  -8.362  6.645   1.00 15.69 ? 42  THR A CB  1 
ATOM   226  O  OG1 . THR A 1 42  ? -2.504  -7.948  7.213   1.00 15.19 ? 42  THR A OG1 1 
ATOM   227  C  CG2 . THR A 1 42  ? -0.346  -8.961  7.687   1.00 16.89 ? 42  THR A CG2 1 
ATOM   228  N  N   . TYR A 1 43  ? -1.472  -7.191  3.711   1.00 14.81 ? 43  TYR A N   1 
ATOM   229  C  CA  . TYR A 1 43  ? -2.285  -6.825  2.546   1.00 13.49 ? 43  TYR A CA  1 
ATOM   230  C  C   . TYR A 1 43  ? -2.949  -8.101  2.054   1.00 13.10 ? 43  TYR A C   1 
ATOM   231  O  O   . TYR A 1 43  ? -2.267  -9.100  1.818   1.00 14.13 ? 43  TYR A O   1 
ATOM   232  C  CB  . TYR A 1 43  ? -1.428  -6.199  1.456   1.00 14.56 ? 43  TYR A CB  1 
ATOM   233  C  CG  . TYR A 1 43  ? -2.207  -5.339  0.496   1.00 14.17 ? 43  TYR A CG  1 
ATOM   234  C  CD1 . TYR A 1 43  ? -2.865  -5.915  -0.577  1.00 13.79 ? 43  TYR A CD1 1 
ATOM   235  C  CD2 . TYR A 1 43  ? -2.298  -3.955  0.675   1.00 13.05 ? 43  TYR A CD2 1 
ATOM   236  C  CE1 . TYR A 1 43  ? -3.594  -5.129  -1.458  1.00 14.01 ? 43  TYR A CE1 1 
ATOM   237  C  CE2 . TYR A 1 43  ? -2.997  -3.152  -0.220  1.00 12.23 ? 43  TYR A CE2 1 
ATOM   238  C  CZ  . TYR A 1 43  ? -3.655  -3.750  -1.273  1.00 13.32 ? 43  TYR A CZ  1 
ATOM   239  O  OH  . TYR A 1 43  ? -4.421  -3.017  -2.121  1.00 14.57 ? 43  TYR A OH  1 
ATOM   240  N  N   . GLU A 1 44  ? -4.232  -7.980  1.742   1.00 14.00 ? 44  GLU A N   1 
ATOM   241  C  CA  . GLU A 1 44  ? -5.018  -9.074  1.126   1.00 15.03 ? 44  GLU A CA  1 
ATOM   242  C  C   . GLU A 1 44  ? -5.628  -8.505  -0.156  1.00 14.60 ? 44  GLU A C   1 
ATOM   243  O  O   . GLU A 1 44  ? -6.488  -7.625  -0.067  1.00 15.87 ? 44  GLU A O   1 
ATOM   244  C  CB  . GLU A 1 44  ? -6.125  -9.521  2.081   1.00 16.54 ? 44  GLU A CB  1 
ATOM   245  C  CG  . GLU A 1 44  ? -6.939  -10.674 1.521   1.00 18.82 ? 44  GLU A CG  1 
ATOM   246  C  CD  . GLU A 1 44  ? -7.787  -11.417 2.540   1.00 21.97 ? 44  GLU A CD  1 
ATOM   247  O  OE1 . GLU A 1 44  ? -8.279  -12.494 2.172   1.00 23.14 ? 44  GLU A OE1 1 
ATOM   248  O  OE2 . GLU A 1 44  ? -7.815  -10.985 3.699   1.00 21.32 ? 44  GLU A OE2 1 
ATOM   249  N  N   . SER A 1 45  ? -5.214  -9.017  -1.300  1.00 14.44 ? 45  SER A N   1 
ATOM   250  C  CA  . SER A 1 45  ? -5.758  -8.589  -2.614  1.00 14.05 ? 45  SER A CA  1 
ATOM   251  C  C   . SER A 1 45  ? -7.052  -9.319  -2.951  1.00 14.58 ? 45  SER A C   1 
ATOM   252  O  O   . SER A 1 45  ? -7.053  -10.564 -2.957  1.00 15.81 ? 45  SER A O   1 
ATOM   253  C  CB  . SER A 1 45  ? -4.781  -8.740  -3.705  1.00 13.51 ? 45  SER A CB  1 
ATOM   254  O  OG  . SER A 1 45  ? -5.333  -8.210  -4.917  1.00 14.03 ? 45  SER A OG  1 
ATOM   255  N  N   . ALA A 1 46  ? -8.051  -8.569  -3.385  1.00 15.37 ? 46  ALA A N   1 
ATOM   256  C  CA  . ALA A 1 46  ? -9.303  -9.118  -3.954  1.00 17.23 ? 46  ALA A CA  1 
ATOM   257  C  C   . ALA A 1 46  ? -9.114  -9.619  -5.400  1.00 18.78 ? 46  ALA A C   1 
ATOM   258  O  O   . ALA A 1 46  ? -9.997  -10.366 -5.908  1.00 17.05 ? 46  ALA A O   1 
ATOM   259  C  CB  . ALA A 1 46  ? -10.391 -8.082  -3.852  1.00 18.04 ? 46  ALA A CB  1 
ATOM   260  N  N   . VAL A 1 47  ? -8.010  -9.268  -6.072  1.00 17.58 ? 47  VAL A N   1 
ATOM   261  C  CA  . VAL A 1 47  ? -7.779  -9.652  -7.500  1.00 15.80 ? 47  VAL A CA  1 
ATOM   262  C  C   . VAL A 1 47  ? -6.355  -10.196 -7.679  1.00 15.88 ? 47  VAL A C   1 
ATOM   263  O  O   . VAL A 1 47  ? -5.495  -9.983  -6.809  1.00 16.08 ? 47  VAL A O   1 
ATOM   264  C  CB  . VAL A 1 47  ? -8.017  -8.461  -8.445  1.00 15.58 ? 47  VAL A CB  1 
ATOM   265  C  CG1 . VAL A 1 47  ? -9.418  -7.891  -8.302  1.00 16.44 ? 47  VAL A CG1 1 
ATOM   266  C  CG2 . VAL A 1 47  ? -6.960  -7.365  -8.220  1.00 16.28 ? 47  VAL A CG2 1 
ATOM   267  N  N   . GLY A 1 48  ? -6.137  -10.892 -8.785  1.00 17.27 ? 48  GLY A N   1 
ATOM   268  C  CA  . GLY A 1 48  ? -4.804  -11.310 -9.240  1.00 17.48 ? 48  GLY A CA  1 
ATOM   269  C  C   . GLY A 1 48  ? -4.375  -12.650 -8.669  1.00 17.97 ? 48  GLY A C   1 
ATOM   270  O  O   . GLY A 1 48  ? -5.235  -13.376 -8.138  1.00 18.16 ? 48  GLY A O   1 
ATOM   271  N  N   . ASN A 1 49  ? -3.082  -12.949 -8.793  1.00 19.23 ? 49  ASN A N   1 
ATOM   272  C  CA  . ASN A 1 49  ? -2.441  -14.224 -8.395  1.00 17.33 ? 49  ASN A CA  1 
ATOM   273  C  C   . ASN A 1 49  ? -2.045  -14.122 -6.914  1.00 16.58 ? 49  ASN A C   1 
ATOM   274  O  O   . ASN A 1 49  ? -0.892  -13.970 -6.590  1.00 16.42 ? 49  ASN A O   1 
ATOM   275  C  CB  . ASN A 1 49  ? -1.292  -14.592 -9.335  1.00 19.58 ? 49  ASN A CB  1 
ATOM   276  C  CG  . ASN A 1 49  ? -0.801  -16.001 -9.050  1.00 18.53 ? 49  ASN A CG  1 
ATOM   277  O  OD1 . ASN A 1 49  ? -1.457  -16.724 -8.286  1.00 16.72 ? 49  ASN A OD1 1 
ATOM   278  N  ND2 . ASN A 1 49  ? 0.393   -16.320 -9.503  1.00 14.70 ? 49  ASN A ND2 1 
ATOM   279  N  N   . ALA A 1 50  ? -3.036  -14.191 -6.047  1.00 14.98 ? 50  ALA A N   1 
ATOM   280  C  CA  . ALA A 1 50  ? -2.920  -13.883 -4.619  1.00 16.58 ? 50  ALA A CA  1 
ATOM   281  C  C   . ALA A 1 50  ? -4.016  -14.568 -3.857  1.00 14.73 ? 50  ALA A C   1 
ATOM   282  O  O   . ALA A 1 50  ? -5.173  -14.511 -4.264  1.00 16.92 ? 50  ALA A O   1 
ATOM   283  C  CB  . ALA A 1 50  ? -2.956  -12.396 -4.376  1.00 18.06 ? 50  ALA A CB  1 
ATOM   284  N  N   . GLU A 1 51  ? -3.675  -15.011 -2.667  1.00 18.09 ? 51  GLU A N   1 
ATOM   285  C  CA  . GLU A 1 51  ? -4.693  -15.433 -1.683  1.00 18.01 ? 51  GLU A CA  1 
ATOM   286  C  C   . GLU A 1 51  ? -4.182  -15.192 -0.267  1.00 15.60 ? 51  GLU A C   1 
ATOM   287  O  O   . GLU A 1 51  ? -3.015  -15.381 -0.014  1.00 15.42 ? 51  GLU A O   1 
ATOM   288  C  CB  . GLU A 1 51  ? -5.066  -16.909 -1.934  1.00 22.89 ? 51  GLU A CB  1 
ATOM   289  C  CG  . GLU A 1 51  ? -4.281  -17.917 -1.139  1.00 25.83 ? 51  GLU A CG  1 
ATOM   290  C  CD  . GLU A 1 51  ? -4.573  -19.365 -1.541  1.00 29.38 ? 51  GLU A CD  1 
ATOM   291  O  OE1 . GLU A 1 51  ? -5.037  -20.096 -0.694  1.00 30.39 ? 51  GLU A OE1 1 
ATOM   292  O  OE2 . GLU A 1 51  ? -4.313  -19.753 -2.703  1.00 31.41 ? 51  GLU A OE2 1 
ATOM   293  N  N   . SER A 1 52  ? -5.094  -14.837 0.605   1.00 16.13 ? 52  SER A N   1 
ATOM   294  C  CA  . SER A 1 52  ? -4.853  -14.601 2.038   1.00 19.18 ? 52  SER A CA  1 
ATOM   295  C  C   . SER A 1 52  ? -3.962  -13.354 2.196   1.00 17.72 ? 52  SER A C   1 
ATOM   296  O  O   . SER A 1 52  ? -3.883  -12.531 1.253   1.00 17.85 ? 52  SER A O   1 
ATOM   297  C  CB  . SER A 1 52  ? -4.292  -15.853 2.673   1.00 23.78 ? 52  SER A CB  1 
ATOM   298  O  OG  . SER A 1 52  ? -4.220  -15.696 4.083   1.00 27.71 ? 52  SER A OG  1 
ATOM   299  N  N   . ARG A 1 53  ? -3.329  -13.213 3.364   1.00 16.84 ? 53  ARG A N   1 
ATOM   300  C  CA  . ARG A 1 53  ? -2.532  -11.995 3.672   1.00 17.39 ? 53  ARG A CA  1 
ATOM   301  C  C   . ARG A 1 53  ? -1.049  -12.151 3.309   1.00 17.67 ? 53  ARG A C   1 
ATOM   302  O  O   . ARG A 1 53  ? -0.517  -13.275 3.393   1.00 18.09 ? 53  ARG A O   1 
ATOM   303  C  CB  . ARG A 1 53  ? -2.685  -11.622 5.149   1.00 19.92 ? 53  ARG A CB  1 
ATOM   304  C  CG  . ARG A 1 53  ? -4.129  -11.467 5.606   1.00 20.94 ? 53  ARG A CG  1 
ATOM   305  C  CD  . ARG A 1 53  ? -4.269  -11.543 7.115   1.00 26.18 ? 53  ARG A CD  1 
ATOM   306  N  NE  A ARG A 1 53  ? -5.269  -10.624 7.772   0.50 27.56 ? 53  ARG A NE  1 
ATOM   307  N  NE  B ARG A 1 53  ? -4.307  -12.938 7.785   0.50 28.80 ? 53  ARG A NE  1 
ATOM   308  C  CZ  A ARG A 1 53  ? -5.492  -10.576 9.080   0.50 30.18 ? 53  ARG A CZ  1 
ATOM   309  C  CZ  B ARG A 1 53  ? -3.913  -13.357 8.986   0.50 33.35 ? 53  ARG A CZ  1 
ATOM   310  N  NH1 A ARG A 1 53  ? -6.465  -9.821  9.559   0.50 30.51 ? 53  ARG A NH1 1 
ATOM   311  N  NH1 B ARG A 1 53  ? -4.303  -14.550 9.384   0.50 34.50 ? 53  ARG A NH1 1 
ATOM   312  N  NH2 A ARG A 1 53  ? -4.740  -11.283 9.905   0.50 28.25 ? 53  ARG A NH2 1 
ATOM   313  N  NH2 B ARG A 1 53  ? -3.132  -12.605 9.758   0.50 36.44 ? 53  ARG A NH2 1 
ATOM   314  N  N   . TYR A 1 54  ? -0.440  -11.026 2.921   1.00 14.78 ? 54  TYR A N   1 
ATOM   315  C  CA  . TYR A 1 54  ? 0.985   -10.878 2.592   1.00 14.01 ? 54  TYR A CA  1 
ATOM   316  C  C   . TYR A 1 54  ? 1.553   -9.779  3.494   1.00 13.16 ? 54  TYR A C   1 
ATOM   317  O  O   . TYR A 1 54  ? 0.867   -8.816  3.761   1.00 13.55 ? 54  TYR A O   1 
ATOM   318  C  CB  . TYR A 1 54  ? 1.139   -10.484 1.122   1.00 13.89 ? 54  TYR A CB  1 
ATOM   319  C  CG  . TYR A 1 54  ? 0.647   -11.536 0.158   1.00 13.95 ? 54  TYR A CG  1 
ATOM   320  C  CD1 . TYR A 1 54  ? -0.697  -11.674 -0.124  1.00 13.59 ? 54  TYR A CD1 1 
ATOM   321  C  CD2 . TYR A 1 54  ? 1.530   -12.389 -0.479  1.00 14.79 ? 54  TYR A CD2 1 
ATOM   322  C  CE1 . TYR A 1 54  ? -1.146  -12.656 -0.994  1.00 13.95 ? 54  TYR A CE1 1 
ATOM   323  C  CE2 . TYR A 1 54  ? 1.108   -13.368 -1.377  1.00 14.00 ? 54  TYR A CE2 1 
ATOM   324  C  CZ  . TYR A 1 54  ? -0.251  -13.516 -1.604  1.00 15.05 ? 54  TYR A CZ  1 
ATOM   325  O  OH  . TYR A 1 54  ? -0.677  -14.523 -2.427  1.00 17.40 ? 54  TYR A OH  1 
ATOM   326  N  N   . VAL A 1 55  ? 2.811   -9.941  3.876   1.00 13.16 ? 55  VAL A N   1 
ATOM   327  C  CA  . VAL A 1 55  ? 3.582   -8.978  4.695   1.00 13.69 ? 55  VAL A CA  1 
ATOM   328  C  C   . VAL A 1 55  ? 3.763   -7.703  3.909   1.00 13.33 ? 55  VAL A C   1 
ATOM   329  O  O   . VAL A 1 55  ? 4.020   -7.767  2.673   1.00 13.33 ? 55  VAL A O   1 
ATOM   330  C  CB  . VAL A 1 55  ? 4.939   -9.567  5.121   1.00 14.48 ? 55  VAL A CB  1 
ATOM   331  C  CG1 . VAL A 1 55  ? 5.827   -8.516  5.798   1.00 15.63 ? 55  VAL A CG1 1 
ATOM   332  C  CG2 . VAL A 1 55  ? 4.693   -10.762 6.023   1.00 15.08 ? 55  VAL A CG2 1 
ATOM   333  N  N   . LEU A 1 56  ? 3.567   -6.583  4.565   1.00 14.14 ? 56  LEU A N   1 
ATOM   334  C  CA  . LEU A 1 56  ? 3.936   -5.311  3.919   1.00 15.37 ? 56  LEU A CA  1 
ATOM   335  C  C   . LEU A 1 56  ? 4.792   -4.526  4.870   1.00 15.17 ? 56  LEU A C   1 
ATOM   336  O  O   . LEU A 1 56  ? 4.603   -4.659  6.098   1.00 14.17 ? 56  LEU A O   1 
ATOM   337  C  CB  . LEU A 1 56  ? 2.719   -4.475  3.511   1.00 15.92 ? 56  LEU A CB  1 
ATOM   338  C  CG  . LEU A 1 56  ? 1.867   -3.885  4.633   1.00 16.94 ? 56  LEU A CG  1 
ATOM   339  C  CD1 . LEU A 1 56  ? 2.354   -2.481  5.047   1.00 16.82 ? 56  LEU A CD1 1 
ATOM   340  C  CD2 . LEU A 1 56  ? 0.416   -3.786  4.165   1.00 18.18 ? 56  LEU A CD2 1 
ATOM   341  N  N   . THR A 1 57  ? 5.647   -3.688  4.293   1.00 13.86 ? 57  THR A N   1 
ATOM   342  C  CA  . THR A 1 57  ? 6.413   -2.690  5.050   1.00 14.68 ? 57  THR A CA  1 
ATOM   343  C  C   . THR A 1 57  ? 6.486   -1.383  4.274   1.00 13.96 ? 57  THR A C   1 
ATOM   344  O  O   . THR A 1 57  ? 6.494   -1.410  3.038   1.00 14.23 ? 57  THR A O   1 
ATOM   345  C  CB  . THR A 1 57  ? 7.796   -3.267  5.380   1.00 16.78 ? 57  THR A CB  1 
ATOM   346  O  OG1 . THR A 1 57  ? 8.465   -2.342  6.223   1.00 21.38 ? 57  THR A OG1 1 
ATOM   347  C  CG2 . THR A 1 57  ? 8.690   -3.483  4.190   1.00 15.59 ? 57  THR A CG2 1 
ATOM   348  N  N   . GLY A 1 58  ? 6.584   -0.273  4.992   1.00 12.86 ? 58  GLY A N   1 
ATOM   349  C  CA  . GLY A 1 58  ? 6.782   1.019   4.317   1.00 12.07 ? 58  GLY A CA  1 
ATOM   350  C  C   . GLY A 1 58  ? 7.173   2.097   5.275   1.00 11.40 ? 58  GLY A C   1 
ATOM   351  O  O   . GLY A 1 58  ? 7.609   1.794   6.426   1.00 11.28 ? 58  GLY A O   1 
ATOM   352  N  N   . ARG A 1 59  ? 7.049   3.313   4.806   1.00 12.06 ? 59  ARG A N   1 
ATOM   353  C  CA  . ARG A 1 59  ? 7.416   4.551   5.537   1.00 12.37 ? 59  ARG A CA  1 
ATOM   354  C  C   . ARG A 1 59  ? 6.328   5.625   5.324   1.00 13.59 ? 59  ARG A C   1 
ATOM   355  O  O   . ARG A 1 59  ? 5.680   5.729   4.197   1.00 13.21 ? 59  ARG A O   1 
ATOM   356  C  CB  . ARG A 1 59  ? 8.768   5.029   5.004   1.00 13.11 ? 59  ARG A CB  1 
ATOM   357  C  CG  . ARG A 1 59  ? 9.918   4.067   5.228   1.00 13.67 ? 59  ARG A CG  1 
ATOM   358  C  CD  . ARG A 1 59  ? 10.329  3.793   6.653   1.00 13.39 ? 59  ARG A CD  1 
ATOM   359  N  NE  . ARG A 1 59  ? 10.805  5.025   7.259   1.00 14.50 ? 59  ARG A NE  1 
ATOM   360  C  CZ  . ARG A 1 59  ? 11.012  5.164   8.549   1.00 15.52 ? 59  ARG A CZ  1 
ATOM   361  N  NH1 . ARG A 1 59  ? 10.812  4.143   9.369   1.00 15.61 ? 59  ARG A NH1 1 
ATOM   362  N  NH2 . ARG A 1 59  ? 11.406  6.333   9.021   1.00 17.26 ? 59  ARG A NH2 1 
ATOM   363  N  N   . TYR A 1 60  ? 6.209   6.545   6.288   1.00 12.96 ? 60  TYR A N   1 
ATOM   364  C  CA  . TYR A 1 60  ? 5.378   7.747   6.092   1.00 13.31 ? 60  TYR A CA  1 
ATOM   365  C  C   . TYR A 1 60  ? 6.095   8.944   6.744   1.00 12.72 ? 60  TYR A C   1 
ATOM   366  O  O   . TYR A 1 60  ? 6.973   8.733   7.607   1.00 11.98 ? 60  TYR A O   1 
ATOM   367  C  CB  . TYR A 1 60  ? 3.994   7.485   6.689   1.00 13.31 ? 60  TYR A CB  1 
ATOM   368  C  CG  . TYR A 1 60  ? 3.920   7.574   8.196   1.00 14.59 ? 60  TYR A CG  1 
ATOM   369  C  CD1 . TYR A 1 60  ? 4.400   6.548   8.981   1.00 15.89 ? 60  TYR A CD1 1 
ATOM   370  C  CD2 . TYR A 1 60  ? 3.343   8.666   8.840   1.00 14.82 ? 60  TYR A CD2 1 
ATOM   371  C  CE1 . TYR A 1 60  ? 4.280   6.577   10.365  1.00 18.02 ? 60  TYR A CE1 1 
ATOM   372  C  CE2 . TYR A 1 60  ? 3.258   8.731   10.226  1.00 17.62 ? 60  TYR A CE2 1 
ATOM   373  C  CZ  . TYR A 1 60  ? 3.753   7.690   10.995  1.00 18.10 ? 60  TYR A CZ  1 
ATOM   374  O  OH  . TYR A 1 60  ? 3.672   7.703   12.364  1.00 19.96 ? 60  TYR A OH  1 
ATOM   375  N  N   . ASP A 1 61  ? 5.679   10.138  6.367   1.00 12.98 ? 61  ASP A N   1 
ATOM   376  C  CA  . ASP A 1 61  ? 6.114   11.432  6.943   1.00 13.92 ? 61  ASP A CA  1 
ATOM   377  C  C   . ASP A 1 61  ? 5.407   11.593  8.290   1.00 15.33 ? 61  ASP A C   1 
ATOM   378  O  O   . ASP A 1 61  ? 4.211   11.924  8.283   1.00 16.24 ? 61  ASP A O   1 
ATOM   379  C  CB  . ASP A 1 61  ? 5.809   12.566  5.987   1.00 14.29 ? 61  ASP A CB  1 
ATOM   380  C  CG  . ASP A 1 61  ? 6.267   13.914  6.515   1.00 14.77 ? 61  ASP A CG  1 
ATOM   381  O  OD1 . ASP A 1 61  ? 6.900   13.942  7.610   1.00 15.64 ? 61  ASP A OD1 1 
ATOM   382  O  OD2 . ASP A 1 61  ? 5.946   14.888  5.851   1.00 14.82 ? 61  ASP A OD2 1 
ATOM   383  N  N   . SER A 1 62  ? 6.136   11.342  9.380   1.00 16.91 ? 62  SER A N   1 
ATOM   384  C  CA  . SER A 1 62  ? 5.650   11.481  10.782  1.00 19.06 ? 62  SER A CA  1 
ATOM   385  C  C   . SER A 1 62  ? 5.578   12.963  11.223  1.00 20.65 ? 62  SER A C   1 
ATOM   386  O  O   . SER A 1 62  ? 5.125   13.207  12.372  1.00 21.18 ? 62  SER A O   1 
ATOM   387  C  CB  . SER A 1 62  ? 6.520   10.682  11.693  1.00 20.85 ? 62  SER A CB  1 
ATOM   388  O  OG  . SER A 1 62  ? 7.881   11.052  11.532  1.00 23.11 ? 62  SER A OG  1 
ATOM   389  N  N   . ALA A 1 63  ? 5.998   13.925  10.404  1.00 17.70 ? 63  ALA A N   1 
ATOM   390  C  CA  . ALA A 1 63  ? 5.914   15.370  10.764  1.00 20.56 ? 63  ALA A CA  1 
ATOM   391  C  C   . ALA A 1 63  ? 5.514   16.150  9.522   1.00 21.43 ? 63  ALA A C   1 
ATOM   392  O  O   . ALA A 1 63  ? 6.340   16.868  8.949   1.00 21.50 ? 63  ALA A O   1 
ATOM   393  C  CB  . ALA A 1 63  ? 7.228   15.870  11.311  1.00 22.27 ? 63  ALA A CB  1 
ATOM   394  N  N   . PRO A 1 64  ? 4.274   15.951  9.035   1.00 23.88 ? 64  PRO A N   1 
ATOM   395  C  CA  . PRO A 1 64  ? 3.795   16.579  7.797   1.00 25.72 ? 64  PRO A CA  1 
ATOM   396  C  C   . PRO A 1 64  ? 3.638   18.099  7.909   1.00 26.75 ? 64  PRO A C   1 
ATOM   397  O  O   . PRO A 1 64  ? 3.729   18.615  9.000   1.00 27.83 ? 64  PRO A O   1 
ATOM   398  C  CB  . PRO A 1 64  ? 2.420   15.931  7.556   1.00 24.80 ? 64  PRO A CB  1 
ATOM   399  C  CG  . PRO A 1 64  ? 1.981   15.499  8.913   1.00 25.70 ? 64  PRO A CG  1 
ATOM   400  C  CD  . PRO A 1 64  ? 3.250   15.067  9.624   1.00 26.00 ? 64  PRO A CD  1 
ATOM   401  N  N   . ALA A 1 65  ? 3.438   18.763  6.783   1.00 27.79 ? 65  ALA A N   1 
ATOM   402  C  CA  . ALA A 1 65  ? 3.126   20.204  6.736   1.00 28.77 ? 65  ALA A CA  1 
ATOM   403  C  C   . ALA A 1 65  ? 1.799   20.426  7.476   1.00 32.17 ? 65  ALA A C   1 
ATOM   404  O  O   . ALA A 1 65  ? 0.945   19.499  7.512   1.00 28.78 ? 65  ALA A O   1 
ATOM   405  C  CB  . ALA A 1 65  ? 3.129   20.678  5.300   1.00 29.49 ? 65  ALA A CB  1 
ATOM   406  N  N   . THR A 1 66  ? 1.653   21.583  8.123   1.00 35.61 ? 66  THR A N   1 
ATOM   407  C  CA  . THR A 1 66  ? 0.483   21.903  8.983   1.00 40.69 ? 66  THR A CA  1 
ATOM   408  C  C   . THR A 1 66  ? -0.453  22.837  8.210   1.00 40.69 ? 66  THR A C   1 
ATOM   409  O  O   . THR A 1 66  ? -1.282  23.492  8.853   1.00 47.90 ? 66  THR A O   1 
ATOM   410  C  CB  . THR A 1 66  ? 0.967   22.522  10.298  1.00 42.55 ? 66  THR A CB  1 
ATOM   411  O  OG1 . THR A 1 66  ? 1.800   23.618  9.920   1.00 44.76 ? 66  THR A OG1 1 
ATOM   412  C  CG2 . THR A 1 66  ? 1.761   21.559  11.152  1.00 43.86 ? 66  THR A CG2 1 
ATOM   413  N  N   . ASP A 1 67  ? -0.328  22.860  6.883   1.00 34.21 ? 67  ASP A N   1 
ATOM   414  C  CA  . ASP A 1 67  ? -0.932  23.865  5.976   1.00 34.26 ? 67  ASP A CA  1 
ATOM   415  C  C   . ASP A 1 67  ? -2.109  23.253  5.199   1.00 33.30 ? 67  ASP A C   1 
ATOM   416  O  O   . ASP A 1 67  ? -2.544  23.868  4.221   1.00 39.41 ? 67  ASP A O   1 
ATOM   417  C  CB  . ASP A 1 67  ? 0.134   24.377  5.009   1.00 32.83 ? 67  ASP A CB  1 
ATOM   418  C  CG  . ASP A 1 67  ? 0.611   23.327  4.020   1.00 34.53 ? 67  ASP A CG  1 
ATOM   419  O  OD1 . ASP A 1 67  ? 0.204   22.145  4.163   1.00 27.83 ? 67  ASP A OD1 1 
ATOM   420  O  OD2 . ASP A 1 67  ? 1.355   23.707  3.105   1.00 35.76 ? 67  ASP A OD2 1 
ATOM   421  N  N   . GLY A 1 68  ? -2.565  22.058  5.578   1.00 34.66 ? 68  GLY A N   1 
ATOM   422  C  CA  . GLY A 1 68  ? -3.678  21.345  4.915   1.00 31.80 ? 68  GLY A CA  1 
ATOM   423  C  C   . GLY A 1 68  ? -3.200  20.362  3.855   1.00 29.12 ? 68  GLY A C   1 
ATOM   424  O  O   . GLY A 1 68  ? -4.072  19.770  3.175   1.00 30.79 ? 68  GLY A O   1 
ATOM   425  N  N   . SER A 1 69  ? -1.889  20.218  3.672   1.00 23.77 ? 69  SER A N   1 
ATOM   426  C  CA  . SER A 1 69  ? -1.298  19.200  2.772   1.00 23.12 ? 69  SER A CA  1 
ATOM   427  C  C   . SER A 1 69  ? -1.586  17.818  3.349   1.00 21.54 ? 69  SER A C   1 
ATOM   428  O  O   . SER A 1 69  ? -1.680  17.698  4.594   1.00 20.57 ? 69  SER A O   1 
ATOM   429  C  CB  . SER A 1 69  ? 0.157   19.409  2.590   1.00 24.17 ? 69  SER A CB  1 
ATOM   430  O  OG  . SER A 1 69  ? 0.396   20.665  1.978   1.00 27.78 ? 69  SER A OG  1 
ATOM   431  N  N   . GLY A 1 70  ? -1.720  16.819  2.483   1.00 18.76 ? 70  GLY A N   1 
ATOM   432  C  CA  . GLY A 1 70  ? -1.715  15.407  2.879   1.00 19.01 ? 70  GLY A CA  1 
ATOM   433  C  C   . GLY A 1 70  ? -0.364  14.954  3.438   1.00 16.48 ? 70  GLY A C   1 
ATOM   434  O  O   . GLY A 1 70  ? 0.635   15.724  3.429   1.00 16.95 ? 70  GLY A O   1 
ATOM   435  N  N   . THR A 1 71  ? -0.328  13.726  3.919   1.00 17.25 ? 71  THR A N   1 
ATOM   436  C  CA  . THR A 1 71  ? 0.866   13.067  4.528   1.00 15.85 ? 71  THR A CA  1 
ATOM   437  C  C   . THR A 1 71  ? 1.439   12.038  3.555   1.00 15.50 ? 71  THR A C   1 
ATOM   438  O  O   . THR A 1 71  ? 0.794   11.000  3.311   1.00 16.35 ? 71  THR A O   1 
ATOM   439  C  CB  . THR A 1 71  ? 0.465   12.463  5.872   1.00 17.82 ? 71  THR A CB  1 
ATOM   440  O  OG1 . THR A 1 71  ? -0.038  13.514  6.712   1.00 19.95 ? 71  THR A OG1 1 
ATOM   441  C  CG2 . THR A 1 71  ? 1.634   11.799  6.545   1.00 17.96 ? 71  THR A CG2 1 
ATOM   442  N  N   . ALA A 1 72  ? 2.648   12.275  3.049   1.00 15.80 ? 72  ALA A N   1 
ATOM   443  C  CA  . ALA A 1 72  ? 3.251   11.373  2.056   1.00 13.82 ? 72  ALA A CA  1 
ATOM   444  C  C   . ALA A 1 72  ? 3.570   10.035  2.706   1.00 13.14 ? 72  ALA A C   1 
ATOM   445  O  O   . ALA A 1 72  ? 3.959   9.968   3.925   1.00 13.32 ? 72  ALA A O   1 
ATOM   446  C  CB  . ALA A 1 72  ? 4.491   11.967  1.433   1.00 13.75 ? 72  ALA A CB  1 
ATOM   447  N  N   . LEU A 1 73  ? 3.411   8.956   1.928   1.00 13.40 ? 73  LEU A N   1 
ATOM   448  C  CA  . LEU A 1 73  ? 3.701   7.605   2.467   1.00 15.00 ? 73  LEU A CA  1 
ATOM   449  C  C   . LEU A 1 73  ? 3.825   6.619   1.318   1.00 12.66 ? 73  LEU A C   1 
ATOM   450  O  O   . LEU A 1 73  ? 3.351   6.942   0.210   1.00 14.06 ? 73  LEU A O   1 
ATOM   451  C  CB  . LEU A 1 73  ? 2.609   7.177   3.470   1.00 16.73 ? 73  LEU A CB  1 
ATOM   452  C  CG  . LEU A 1 73  ? 1.321   6.537   2.914   1.00 19.94 ? 73  LEU A CG  1 
ATOM   453  C  CD1 . LEU A 1 73  ? 0.406   6.054   4.039   1.00 23.28 ? 73  LEU A CD1 1 
ATOM   454  C  CD2 . LEU A 1 73  ? 0.536   7.448   2.026   1.00 22.37 ? 73  LEU A CD2 1 
ATOM   455  N  N   . GLY A 1 74  ? 4.393   5.461   1.616   1.00 11.99 ? 74  GLY A N   1 
ATOM   456  C  CA  . GLY A 1 74  ? 4.480   4.368   0.660   1.00 11.20 ? 74  GLY A CA  1 
ATOM   457  C  C   . GLY A 1 74  ? 4.695   3.064   1.329   1.00 10.86 ? 74  GLY A C   1 
ATOM   458  O  O   . GLY A 1 74  ? 5.151   3.043   2.517   1.00 11.59 ? 74  GLY A O   1 
ATOM   459  N  N   . TRP A 1 75  ? 4.354   1.998   0.627   1.00 10.11 ? 75  TRP A N   1 
ATOM   460  C  CA  . TRP A 1 75  ? 4.629   0.634   1.145   1.00 11.42 ? 75  TRP A CA  1 
ATOM   461  C  C   . TRP A 1 75  ? 4.824   -0.357  0.008   1.00 11.83 ? 75  TRP A C   1 
ATOM   462  O  O   . TRP A 1 75  ? 4.418   -0.079  -1.111  1.00 11.54 ? 75  TRP A O   1 
ATOM   463  C  CB  . TRP A 1 75  ? 3.559   0.143   2.121   1.00 11.55 ? 75  TRP A CB  1 
ATOM   464  C  CG  . TRP A 1 75  ? 2.212   -0.107  1.508   1.00 12.11 ? 75  TRP A CG  1 
ATOM   465  C  CD1 . TRP A 1 75  ? 1.738   -1.304  1.026   1.00 12.36 ? 75  TRP A CD1 1 
ATOM   466  C  CD2 . TRP A 1 75  ? 1.161   0.855   1.312   1.00 11.77 ? 75  TRP A CD2 1 
ATOM   467  N  NE1 . TRP A 1 75  ? 0.445   -1.130  0.597   1.00 12.14 ? 75  TRP A NE1 1 
ATOM   468  C  CE2 . TRP A 1 75  ? 0.091   0.184   0.718   1.00 11.88 ? 75  TRP A CE2 1 
ATOM   469  C  CE3 . TRP A 1 75  ? 1.000   2.214   1.619   1.00 12.48 ? 75  TRP A CE3 1 
ATOM   470  C  CZ2 . TRP A 1 75  ? -1.140  0.815   0.421   1.00 13.20 ? 75  TRP A CZ2 1 
ATOM   471  C  CZ3 . TRP A 1 75  ? -0.183  2.837   1.309   1.00 14.33 ? 75  TRP A CZ3 1 
ATOM   472  C  CH2 . TRP A 1 75  ? -1.228  2.156   0.685   1.00 14.60 ? 75  TRP A CH2 1 
ATOM   473  N  N   . THR A 1 76  ? 5.425   -1.510  0.339   1.00 12.47 ? 76  THR A N   1 
ATOM   474  C  CA  . THR A 1 76  ? 5.673   -2.610  -0.602  1.00 11.34 ? 76  THR A CA  1 
ATOM   475  C  C   . THR A 1 76  ? 5.046   -3.905  -0.106  1.00 11.49 ? 76  THR A C   1 
ATOM   476  O  O   . THR A 1 76  ? 5.094   -4.204  1.129   1.00 13.70 ? 76  THR A O   1 
ATOM   477  C  CB  . THR A 1 76  ? 7.172   -2.858  -0.793  1.00 11.70 ? 76  THR A CB  1 
ATOM   478  O  OG1 . THR A 1 76  ? 7.767   -1.610  -1.148  1.00 12.55 ? 76  THR A OG1 1 
ATOM   479  C  CG2 . THR A 1 76  ? 7.426   -3.920  -1.838  1.00 12.04 ? 76  THR A CG2 1 
ATOM   480  N  N   . VAL A 1 77  ? 4.575   -4.674  -1.071  1.00 12.79 ? 77  VAL A N   1 
ATOM   481  C  CA  . VAL A 1 77  ? 4.175   -6.101  -0.925  1.00 12.59 ? 77  VAL A CA  1 
ATOM   482  C  C   . VAL A 1 77  ? 4.932   -6.897  -1.969  1.00 13.04 ? 77  VAL A C   1 
ATOM   483  O  O   . VAL A 1 77  ? 4.809   -6.611  -3.167  1.00 13.24 ? 77  VAL A O   1 
ATOM   484  C  CB  . VAL A 1 77  ? 2.662   -6.334  -1.057  1.00 13.99 ? 77  VAL A CB  1 
ATOM   485  C  CG1 . VAL A 1 77  ? 2.313   -7.831  -1.133  1.00 15.10 ? 77  VAL A CG1 1 
ATOM   486  C  CG2 . VAL A 1 77  ? 1.908   -5.658  0.058   1.00 14.53 ? 77  VAL A CG2 1 
ATOM   487  N  N   . ALA A 1 78  ? 5.675   -7.902  -1.517  1.00 12.50 ? 78  ALA A N   1 
ATOM   488  C  CA  . ALA A 1 78  ? 6.144   -9.011  -2.361  1.00 12.10 ? 78  ALA A CA  1 
ATOM   489  C  C   . ALA A 1 78  ? 5.113   -10.135 -2.296  1.00 13.35 ? 78  ALA A C   1 
ATOM   490  O  O   . ALA A 1 78  ? 4.762   -10.594 -1.219  1.00 14.93 ? 78  ALA A O   1 
ATOM   491  C  CB  . ALA A 1 78  ? 7.507   -9.498  -1.902  1.00 13.23 ? 78  ALA A CB  1 
ATOM   492  N  N   . TRP A 1 79  ? 4.681   -10.607 -3.445  1.00 13.97 ? 79  TRP A N   1 
ATOM   493  C  CA  . TRP A 1 79  ? 3.491   -11.487 -3.575  1.00 14.02 ? 79  TRP A CA  1 
ATOM   494  C  C   . TRP A 1 79  ? 3.912   -12.954 -3.420  1.00 14.17 ? 79  TRP A C   1 
ATOM   495  O  O   . TRP A 1 79  ? 3.491   -13.832 -4.235  1.00 13.55 ? 79  TRP A O   1 
ATOM   496  C  CB  . TRP A 1 79  ? 2.776   -11.217 -4.887  1.00 13.19 ? 79  TRP A CB  1 
ATOM   497  C  CG  . TRP A 1 79  ? 2.246   -9.829  -4.968  1.00 13.85 ? 79  TRP A CG  1 
ATOM   498  C  CD1 . TRP A 1 79  ? 2.711   -8.793  -5.746  1.00 14.39 ? 79  TRP A CD1 1 
ATOM   499  C  CD2 . TRP A 1 79  ? 1.095   -9.346  -4.267  1.00 13.69 ? 79  TRP A CD2 1 
ATOM   500  N  NE1 . TRP A 1 79  ? 1.928   -7.702  -5.562  1.00 14.35 ? 79  TRP A NE1 1 
ATOM   501  C  CE2 . TRP A 1 79  ? 0.970   -7.982  -4.616  1.00 13.88 ? 79  TRP A CE2 1 
ATOM   502  C  CE3 . TRP A 1 79  ? 0.205   -9.917  -3.340  1.00 13.38 ? 79  TRP A CE3 1 
ATOM   503  C  CZ2 . TRP A 1 79  ? -0.090  -7.207  -4.137  1.00 13.68 ? 79  TRP A CZ2 1 
ATOM   504  C  CZ3 . TRP A 1 79  ? -0.791  -9.120  -2.796  1.00 13.27 ? 79  TRP A CZ3 1 
ATOM   505  C  CH2 . TRP A 1 79  ? -0.918  -7.786  -3.187  1.00 13.35 ? 79  TRP A CH2 1 
ATOM   506  N  N   . LYS A 1 80  ? 4.614   -13.198 -2.325  1.00 14.88 ? 80  LYS A N   1 
ATOM   507  C  CA  . LYS A 1 80  ? 5.010   -14.544 -1.842  1.00 16.02 ? 80  LYS A CA  1 
ATOM   508  C  C   . LYS A 1 80  ? 4.486   -14.684 -0.409  1.00 14.46 ? 80  LYS A C   1 
ATOM   509  O  O   . LYS A 1 80  ? 4.783   -13.828 0.430   1.00 13.57 ? 80  LYS A O   1 
ATOM   510  C  CB  . LYS A 1 80  ? 6.510   -14.808 -1.928  1.00 16.26 ? 80  LYS A CB  1 
ATOM   511  C  CG  . LYS A 1 80  ? 6.941   -16.081 -1.195  1.00 18.07 ? 80  LYS A CG  1 
ATOM   512  C  CD  . LYS A 1 80  ? 8.428   -16.382 -1.330  1.00 20.71 ? 80  LYS A CD  1 
ATOM   513  C  CE  . LYS A 1 80  ? 8.763   -17.763 -0.819  1.00 22.25 ? 80  LYS A CE  1 
ATOM   514  N  NZ  . LYS A 1 80  ? 8.644   -17.783 0.654   1.00 23.60 ? 80  LYS A NZ  1 
ATOM   515  N  N   . ASN A 1 81  ? 3.722   -15.743 -0.154  1.00 14.64 ? 81  ASN A N   1 
ATOM   516  C  CA  . ASN A 1 81  ? 3.350   -16.152 1.224   1.00 14.76 ? 81  ASN A CA  1 
ATOM   517  C  C   . ASN A 1 81  ? 3.348   -17.692 1.281   1.00 16.20 ? 81  ASN A C   1 
ATOM   518  O  O   . ASN A 1 81  ? 3.907   -18.289 0.386   1.00 15.94 ? 81  ASN A O   1 
ATOM   519  C  CB  . ASN A 1 81  ? 2.015   -15.519 1.631   1.00 15.03 ? 81  ASN A CB  1 
ATOM   520  C  CG  . ASN A 1 81  ? 0.801   -16.005 0.858   1.00 13.41 ? 81  ASN A CG  1 
ATOM   521  O  OD1 . ASN A 1 81  ? 0.886   -16.959 0.065   1.00 14.73 ? 81  ASN A OD1 1 
ATOM   522  N  ND2 . ASN A 1 81  ? -0.338  -15.340 1.076   1.00 14.44 ? 81  ASN A ND2 1 
ATOM   523  N  N   . ASN A 1 82  ? 2.748   -18.295 2.296   1.00 16.83 ? 82  ASN A N   1 
ATOM   524  C  CA  . ASN A 1 82  ? 2.781   -19.788 2.453   1.00 21.35 ? 82  ASN A CA  1 
ATOM   525  C  C   . ASN A 1 82  ? 1.916   -20.488 1.405   1.00 20.56 ? 82  ASN A C   1 
ATOM   526  O  O   . ASN A 1 82  ? 2.069   -21.729 1.241   1.00 21.86 ? 82  ASN A O   1 
ATOM   527  C  CB  . ASN A 1 82  ? 2.389   -20.216 3.877   1.00 24.62 ? 82  ASN A CB  1 
ATOM   528  C  CG  . ASN A 1 82  ? 3.492   -19.917 4.865   1.00 30.22 ? 82  ASN A CG  1 
ATOM   529  O  OD1 . ASN A 1 82  ? 4.661   -19.954 4.489   1.00 34.99 ? 82  ASN A OD1 1 
ATOM   530  N  ND2 . ASN A 1 82  ? 3.133   -19.610 6.106   1.00 33.09 ? 82  ASN A ND2 1 
ATOM   531  N  N   . TYR A 1 83  ? 1.037   -19.759 0.710   1.00 19.04 ? 83  TYR A N   1 
ATOM   532  C  CA  . TYR A 1 83  ? 0.027   -20.308 -0.223  1.00 19.44 ? 83  TYR A CA  1 
ATOM   533  C  C   . TYR A 1 83  ? 0.490   -20.183 -1.663  1.00 19.77 ? 83  TYR A C   1 
ATOM   534  O  O   . TYR A 1 83  ? 0.264   -21.115 -2.454  1.00 18.38 ? 83  TYR A O   1 
ATOM   535  C  CB  . TYR A 1 83  ? -1.307  -19.588 -0.040  1.00 19.87 ? 83  TYR A CB  1 
ATOM   536  C  CG  . TYR A 1 83  ? -1.841  -19.740 1.355   1.00 22.91 ? 83  TYR A CG  1 
ATOM   537  C  CD1 . TYR A 1 83  ? -2.345  -20.953 1.791   1.00 32.40 ? 83  TYR A CD1 1 
ATOM   538  C  CD2 . TYR A 1 83  ? -1.750  -18.715 2.273   1.00 24.84 ? 83  TYR A CD2 1 
ATOM   539  C  CE1 . TYR A 1 83  ? -2.798  -21.122 3.097   1.00 33.83 ? 83  TYR A CE1 1 
ATOM   540  C  CE2 . TYR A 1 83  ? -2.189  -18.863 3.578   1.00 30.12 ? 83  TYR A CE2 1 
ATOM   541  C  CZ  . TYR A 1 83  ? -2.729  -20.067 3.991   1.00 34.35 ? 83  TYR A CZ  1 
ATOM   542  O  OH  . TYR A 1 83  ? -3.169  -20.198 5.272   1.00 34.49 ? 83  TYR A OH  1 
ATOM   543  N  N   . ARG A 1 84  ? 1.096   -19.057 -2.027  1.00 18.14 ? 84  ARG A N   1 
ATOM   544  C  CA  . ARG A 1 84  ? 1.394   -18.758 -3.447  1.00 19.49 ? 84  ARG A CA  1 
ATOM   545  C  C   . ARG A 1 84  ? 2.614   -17.874 -3.582  1.00 18.54 ? 84  ARG A C   1 
ATOM   546  O  O   . ARG A 1 84  ? 2.899   -17.138 -2.625  1.00 19.48 ? 84  ARG A O   1 
ATOM   547  C  CB  . ARG A 1 84  ? 0.298   -17.919 -4.107  1.00 23.28 ? 84  ARG A CB  1 
ATOM   548  C  CG  . ARG A 1 84  ? -1.083  -18.544 -4.039  1.00 29.43 ? 84  ARG A CG  1 
ATOM   549  C  CD  . ARG A 1 84  ? -1.873  -18.196 -5.267  1.00 30.64 ? 84  ARG A CD  1 
ATOM   550  N  NE  . ARG A 1 84  ? -3.256  -18.557 -5.036  1.00 28.26 ? 84  ARG A NE  1 
ATOM   551  C  CZ  . ARG A 1 84  ? -4.233  -18.186 -5.814  1.00 28.65 ? 84  ARG A CZ  1 
ATOM   552  N  NH1 . ARG A 1 84  ? -5.466  -18.571 -5.545  1.00 30.20 ? 84  ARG A NH1 1 
ATOM   553  N  NH2 . ARG A 1 84  ? -3.969  -17.428 -6.869  1.00 27.28 ? 84  ARG A NH2 1 
ATOM   554  N  N   . ASN A 1 85  ? 3.178   -17.885 -4.790  1.00 18.50 ? 85  ASN A N   1 
ATOM   555  C  CA  . ASN A 1 85  ? 4.296   -16.997 -5.165  1.00 17.51 ? 85  ASN A CA  1 
ATOM   556  C  C   . ASN A 1 85  ? 4.047   -16.504 -6.593  1.00 17.46 ? 85  ASN A C   1 
ATOM   557  O  O   . ASN A 1 85  ? 4.212   -17.310 -7.524  1.00 16.31 ? 85  ASN A O   1 
ATOM   558  C  CB  . ASN A 1 85  ? 5.635   -17.705 -4.998  1.00 17.38 ? 85  ASN A CB  1 
ATOM   559  C  CG  . ASN A 1 85  ? 6.774   -16.716 -5.094  1.00 16.54 ? 85  ASN A CG  1 
ATOM   560  O  OD1 . ASN A 1 85  ? 6.527   -15.582 -5.495  1.00 16.52 ? 85  ASN A OD1 1 
ATOM   561  N  ND2 . ASN A 1 85  ? 7.987   -17.134 -4.765  1.00 13.70 ? 85  ASN A ND2 1 
ATOM   562  N  N   . ALA A 1 86  ? 3.673   -15.222 -6.751  1.00 14.04 ? 86  ALA A N   1 
ATOM   563  C  CA  . ALA A 1 86  ? 3.372   -14.591 -8.048  1.00 14.39 ? 86  ALA A CA  1 
ATOM   564  C  C   . ALA A 1 86  ? 4.629   -13.947 -8.642  1.00 14.48 ? 86  ALA A C   1 
ATOM   565  O  O   . ALA A 1 86  ? 4.484   -13.248 -9.624  1.00 16.21 ? 86  ALA A O   1 
ATOM   566  C  CB  . ALA A 1 86  ? 2.283   -13.570 -7.920  1.00 14.31 ? 86  ALA A CB  1 
ATOM   567  N  N   . HIS A 1 87  ? 5.796   -14.164 -8.033  1.00 14.18 ? 87  HIS A N   1 
ATOM   568  C  CA  . HIS A 1 87  ? 7.111   -13.656 -8.490  1.00 14.76 ? 87  HIS A CA  1 
ATOM   569  C  C   . HIS A 1 87  ? 6.987   -12.171 -8.874  1.00 15.00 ? 87  HIS A C   1 
ATOM   570  O  O   . HIS A 1 87  ? 7.322   -11.807 -10.041 1.00 13.39 ? 87  HIS A O   1 
ATOM   571  C  CB  . HIS A 1 87  ? 7.630   -14.538 -9.613  1.00 15.61 ? 87  HIS A CB  1 
ATOM   572  C  CG  . HIS A 1 87  ? 7.828   -15.957 -9.201  1.00 15.98 ? 87  HIS A CG  1 
ATOM   573  N  ND1 . HIS A 1 87  ? 8.567   -16.314 -8.084  1.00 14.08 ? 87  HIS A ND1 1 
ATOM   574  C  CD2 . HIS A 1 87  ? 7.363   -17.105 -9.761  1.00 17.04 ? 87  HIS A CD2 1 
ATOM   575  C  CE1 . HIS A 1 87  ? 8.539   -17.643 -7.968  1.00 15.85 ? 87  HIS A CE1 1 
ATOM   576  N  NE2 . HIS A 1 87  ? 7.821   -18.145 -8.979  1.00 14.33 ? 87  HIS A NE2 1 
ATOM   577  N  N   . SER A 1 88  ? 6.438   -11.369 -7.957  1.00 13.39 ? 88  SER A N   1 
ATOM   578  C  CA  . SER A 1 88  ? 6.108   -9.969  -8.255  1.00 13.55 ? 88  SER A CA  1 
ATOM   579  C  C   . SER A 1 88  ? 6.095   -9.151  -6.977  1.00 12.47 ? 88  SER A C   1 
ATOM   580  O  O   . SER A 1 88  ? 5.953   -9.724  -5.883  1.00 14.27 ? 88  SER A O   1 
ATOM   581  C  CB  . SER A 1 88  ? 4.816   -9.871  -9.061  1.00 13.67 ? 88  SER A CB  1 
ATOM   582  O  OG  . SER A 1 88  ? 3.723   -10.562 -8.448  1.00 14.77 ? 88  SER A OG  1 
ATOM   583  N  N   . ALA A 1 89  ? 6.191   -7.839  -7.118  1.00 13.42 ? 89  ALA A N   1 
ATOM   584  C  CA  . ALA A 1 89  ? 6.103   -6.886  -5.995  1.00 13.62 ? 89  ALA A CA  1 
ATOM   585  C  C   . ALA A 1 89  ? 5.313   -5.658  -6.444  1.00 12.46 ? 89  ALA A C   1 
ATOM   586  O  O   . ALA A 1 89  ? 5.521   -5.211  -7.550  1.00 12.69 ? 89  ALA A O   1 
ATOM   587  C  CB  . ALA A 1 89  ? 7.479   -6.487  -5.540  1.00 13.77 ? 89  ALA A CB  1 
ATOM   588  N  N   . THR A 1 90  ? 4.421   -5.188  -5.594  1.00 11.80 ? 90  THR A N   1 
ATOM   589  C  CA  . THR A 1 90  ? 3.725   -3.907  -5.776  1.00 11.10 ? 90  THR A CA  1 
ATOM   590  C  C   . THR A 1 90  ? 4.242   -2.896  -4.770  1.00 11.01 ? 90  THR A C   1 
ATOM   591  O  O   . THR A 1 90  ? 4.386   -3.250  -3.575  1.00 12.53 ? 90  THR A O   1 
ATOM   592  C  CB  . THR A 1 90  ? 2.215   -4.109  -5.641  1.00 11.78 ? 90  THR A CB  1 
ATOM   593  O  OG1 . THR A 1 90  ? 1.823   -5.027  -6.666  1.00 11.87 ? 90  THR A OG1 1 
ATOM   594  C  CG2 . THR A 1 90  ? 1.485   -2.796  -5.848  1.00 11.70 ? 90  THR A CG2 1 
ATOM   595  N  N   . THR A 1 91  ? 4.496   -1.674  -5.205  1.00 11.01 ? 91  THR A N   1 
ATOM   596  C  CA  . THR A 1 91  ? 4.741   -0.517  -4.338  1.00 11.13 ? 91  THR A CA  1 
ATOM   597  C  C   . THR A 1 91  ? 3.629   0.481   -4.561  1.00 11.71 ? 91  THR A C   1 
ATOM   598  O  O   . THR A 1 91  ? 3.350   0.815   -5.754  1.00 11.46 ? 91  THR A O   1 
ATOM   599  C  CB  . THR A 1 91  ? 6.103   0.136   -4.573  1.00 12.90 ? 91  THR A CB  1 
ATOM   600  O  OG1 . THR A 1 91  ? 6.188   0.712   -5.878  1.00 14.11 ? 91  THR A OG1 1 
ATOM   601  C  CG2 . THR A 1 91  ? 7.220   -0.842  -4.354  1.00 14.07 ? 91  THR A CG2 1 
ATOM   602  N  N   . TRP A 1 92  ? 3.000   0.906   -3.461  1.00 10.75 ? 92  TRP A N   1 
ATOM   603  C  CA  . TRP A 1 92  ? 2.032   2.019   -3.445  1.00 10.86 ? 92  TRP A CA  1 
ATOM   604  C  C   . TRP A 1 92  ? 2.755   3.267   -2.944  1.00 11.09 ? 92  TRP A C   1 
ATOM   605  O  O   . TRP A 1 92  ? 3.389   3.203   -1.913  1.00 11.07 ? 92  TRP A O   1 
ATOM   606  C  CB  . TRP A 1 92  ? 0.808   1.716   -2.546  1.00 10.77 ? 92  TRP A CB  1 
ATOM   607  C  CG  . TRP A 1 92  ? -0.097  0.628   -3.016  1.00 9.84  ? 92  TRP A CG  1 
ATOM   608  C  CD1 . TRP A 1 92  ? -1.354  0.768   -3.534  1.00 11.11 ? 92  TRP A CD1 1 
ATOM   609  C  CD2 . TRP A 1 92  ? 0.131   -0.776  -2.884  1.00 10.34 ? 92  TRP A CD2 1 
ATOM   610  N  NE1 . TRP A 1 92  ? -1.896  -0.469  -3.779  1.00 11.66 ? 92  TRP A NE1 1 
ATOM   611  C  CE2 . TRP A 1 92  ? -1.013  -1.429  -3.359  1.00 11.38 ? 92  TRP A CE2 1 
ATOM   612  C  CE3 . TRP A 1 92  ? 1.178   -1.545  -2.353  1.00 11.09 ? 92  TRP A CE3 1 
ATOM   613  C  CZ2 . TRP A 1 92  ? -1.121  -2.820  -3.382  1.00 11.96 ? 92  TRP A CZ2 1 
ATOM   614  C  CZ3 . TRP A 1 92  ? 1.079   -2.923  -2.376  1.00 11.12 ? 92  TRP A CZ3 1 
ATOM   615  C  CH2 . TRP A 1 92  ? -0.061  -3.547  -2.887  1.00 11.63 ? 92  TRP A CH2 1 
ATOM   616  N  N   . SER A 1 93  ? 2.581   4.376   -3.628  1.00 12.39 ? 93  SER A N   1 
ATOM   617  C  CA  . SER A 1 93  ? 3.123   5.704   -3.288  1.00 12.71 ? 93  SER A CA  1 
ATOM   618  C  C   . SER A 1 93  ? 1.959   6.686   -3.280  1.00 13.98 ? 93  SER A C   1 
ATOM   619  O  O   . SER A 1 93  ? 1.193   6.711   -4.244  1.00 13.24 ? 93  SER A O   1 
ATOM   620  C  CB  . SER A 1 93  ? 4.175   6.078   -4.287  1.00 12.49 ? 93  SER A CB  1 
ATOM   621  O  OG  . SER A 1 93  ? 4.719   7.350   -3.970  1.00 13.79 ? 93  SER A OG  1 
ATOM   622  N  N   . GLY A 1 94  ? 1.760   7.443   -2.202  1.00 13.50 ? 94  GLY A N   1 
ATOM   623  C  CA  . GLY A 1 94  ? 0.615   8.360   -2.195  1.00 13.75 ? 94  GLY A CA  1 
ATOM   624  C  C   . GLY A 1 94  ? 0.553   9.238   -0.954  1.00 13.82 ? 94  GLY A C   1 
ATOM   625  O  O   . GLY A 1 94  ? 1.606   9.504   -0.355  1.00 14.33 ? 94  GLY A O   1 
ATOM   626  N  N   . GLN A 1 95  ? -0.654  9.697   -0.603  1.00 13.50 ? 95  GLN A N   1 
ATOM   627  C  CA  . GLN A 1 95  ? -0.781  10.587  0.572   1.00 15.34 ? 95  GLN A CA  1 
ATOM   628  C  C   . GLN A 1 95  ? -2.046  10.210  1.325   1.00 14.04 ? 95  GLN A C   1 
ATOM   629  O  O   . GLN A 1 95  ? -3.016  9.806   0.709   1.00 14.15 ? 95  GLN A O   1 
ATOM   630  C  CB  . GLN A 1 95  ? -0.663  12.060  0.183   1.00 16.01 ? 95  GLN A CB  1 
ATOM   631  C  CG  . GLN A 1 95  ? -1.618  12.528  -0.888  1.00 16.43 ? 95  GLN A CG  1 
ATOM   632  C  CD  . GLN A 1 95  ? -1.409  13.994  -1.190  1.00 19.01 ? 95  GLN A CD  1 
ATOM   633  O  OE1 . GLN A 1 95  ? -1.128  14.789  -0.281  1.00 19.02 ? 95  GLN A OE1 1 
ATOM   634  N  NE2 . GLN A 1 95  ? -1.594  14.369  -2.460  1.00 18.25 ? 95  GLN A NE2 1 
ATOM   635  N  N   . TYR A 1 96  ? -1.946  10.290  2.635   1.00 14.76 ? 96  TYR A N   1 
ATOM   636  C  CA  . TYR A 1 96  ? -3.070  10.205  3.592   1.00 14.98 ? 96  TYR A CA  1 
ATOM   637  C  C   . TYR A 1 96  ? -3.726  11.586  3.703   1.00 15.56 ? 96  TYR A C   1 
ATOM   638  O  O   . TYR A 1 96  ? -3.013  12.604  3.950   1.00 16.12 ? 96  TYR A O   1 
ATOM   639  C  CB  . TYR A 1 96  ? -2.529  9.617   4.896   1.00 17.15 ? 96  TYR A CB  1 
ATOM   640  C  CG  . TYR A 1 96  ? -3.419  9.860   6.081   1.00 18.96 ? 96  TYR A CG  1 
ATOM   641  C  CD1 . TYR A 1 96  ? -3.301  11.014  6.815   1.00 20.62 ? 96  TYR A CD1 1 
ATOM   642  C  CD2 . TYR A 1 96  ? -4.438  8.975   6.395   1.00 20.22 ? 96  TYR A CD2 1 
ATOM   643  C  CE1 . TYR A 1 96  ? -4.126  11.258  7.898   1.00 21.74 ? 96  TYR A CE1 1 
ATOM   644  C  CE2 . TYR A 1 96  ? -5.261  9.195   7.487   1.00 20.13 ? 96  TYR A CE2 1 
ATOM   645  C  CZ  . TYR A 1 96  ? -5.117  10.362  8.214   1.00 21.26 ? 96  TYR A CZ  1 
ATOM   646  O  OH  . TYR A 1 96  ? -5.860  10.615  9.327   1.00 23.54 ? 96  TYR A OH  1 
ATOM   647  N  N   . VAL A 1 97  ? -5.059  11.625  3.573   1.00 18.54 ? 97  VAL A N   1 
ATOM   648  C  CA  . VAL A 1 97  ? -5.869  12.867  3.724   1.00 20.80 ? 97  VAL A CA  1 
ATOM   649  C  C   . VAL A 1 97  ? -6.830  12.607  4.885   1.00 23.53 ? 97  VAL A C   1 
ATOM   650  O  O   . VAL A 1 97  ? -7.673  11.722  4.689   1.00 21.85 ? 97  VAL A O   1 
ATOM   651  C  CB  . VAL A 1 97  ? -6.631  13.180  2.427   1.00 24.33 ? 97  VAL A CB  1 
ATOM   652  C  CG1 . VAL A 1 97  ? -7.410  14.478  2.536   1.00 28.05 ? 97  VAL A CG1 1 
ATOM   653  C  CG2 . VAL A 1 97  ? -5.713  13.242  1.231   1.00 25.56 ? 97  VAL A CG2 1 
ATOM   654  N  N   . GLY A 1 98  ? -6.641  13.286  6.031   1.00 24.78 ? 98  GLY A N   1 
ATOM   655  C  CA  . GLY A 1 98  ? -7.403  13.078  7.293   1.00 29.00 ? 98  GLY A CA  1 
ATOM   656  C  C   . GLY A 1 98  ? -8.819  13.661  7.242   1.00 30.95 ? 98  GLY A C   1 
ATOM   657  O  O   . GLY A 1 98  ? -9.190  14.259  6.224   1.00 29.78 ? 98  GLY A O   1 
ATOM   658  N  N   . GLY A 1 99  ? -9.612  13.512  8.308   1.00 39.98 ? 99  GLY A N   1 
ATOM   659  C  CA  . GLY A 1 99  ? -10.941 14.157  8.391   1.00 41.89 ? 99  GLY A CA  1 
ATOM   660  C  C   . GLY A 1 99  ? -12.070 13.150  8.295   1.00 43.91 ? 99  GLY A C   1 
ATOM   661  O  O   . GLY A 1 99  ? -11.807 11.937  8.445   1.00 53.30 ? 99  GLY A O   1 
ATOM   662  N  N   . ALA A 1 100 ? -13.294 13.616  8.052   1.00 46.00 ? 100 ALA A N   1 
ATOM   663  C  CA  . ALA A 1 100 ? -14.530 12.819  8.242   1.00 42.27 ? 100 ALA A CA  1 
ATOM   664  C  C   . ALA A 1 100 ? -14.516 11.596  7.319   1.00 42.62 ? 100 ALA A C   1 
ATOM   665  O  O   . ALA A 1 100 ? -14.808 10.468  7.803   1.00 43.95 ? 100 ALA A O   1 
ATOM   666  C  CB  . ALA A 1 100 ? -15.727 13.711  8.001   1.00 47.47 ? 100 ALA A CB  1 
ATOM   667  N  N   . GLN A 1 101 ? -14.189 11.815  6.042   1.00 37.41 ? 101 GLN A N   1 
ATOM   668  C  CA  . GLN A 1 101 ? -13.976 10.743  5.036   1.00 41.08 ? 101 GLN A CA  1 
ATOM   669  C  C   . GLN A 1 101 ? -12.468 10.650  4.764   1.00 32.76 ? 101 GLN A C   1 
ATOM   670  O  O   . GLN A 1 101 ? -12.072 10.977  3.638   1.00 30.86 ? 101 GLN A O   1 
ATOM   671  C  CB  . GLN A 1 101 ? -14.692 10.971  3.691   1.00 47.89 ? 101 GLN A CB  1 
ATOM   672  C  CG  . GLN A 1 101 ? -15.535 12.235  3.581   1.00 57.54 ? 101 GLN A CG  1 
ATOM   673  C  CD  . GLN A 1 101 ? -16.801 12.140  4.389   1.00 58.17 ? 101 GLN A CD  1 
ATOM   674  O  OE1 . GLN A 1 101 ? -17.347 11.054  4.595   1.00 64.09 ? 101 GLN A OE1 1 
ATOM   675  N  NE2 . GLN A 1 101 ? -17.258 13.288  4.859   1.00 64.57 ? 101 GLN A NE2 1 
ATOM   676  N  N   . ALA A 1 102 ? -11.667 10.241  5.754   1.00 28.39 ? 102 ALA A N   1 
ATOM   677  C  CA  . ALA A 1 102 ? -10.206 10.042  5.579   1.00 24.59 ? 102 ALA A CA  1 
ATOM   678  C  C   . ALA A 1 102 ? -9.948  9.112   4.391   1.00 19.44 ? 102 ALA A C   1 
ATOM   679  O  O   . ALA A 1 102 ? -10.712 8.150   4.161   1.00 20.69 ? 102 ALA A O   1 
ATOM   680  C  CB  . ALA A 1 102 ? -9.584  9.474   6.819   1.00 25.02 ? 102 ALA A CB  1 
ATOM   681  N  N   . ARG A 1 103 ? -8.867  9.352   3.667   1.00 17.45 ? 103 ARG A N   1 
ATOM   682  C  CA  . ARG A 1 103 ? -8.557  8.581   2.447   1.00 17.11 ? 103 ARG A CA  1 
ATOM   683  C  C   . ARG A 1 103 ? -7.053  8.420   2.385   1.00 14.53 ? 103 ARG A C   1 
ATOM   684  O  O   . ARG A 1 103 ? -6.327  9.329   2.885   1.00 13.30 ? 103 ARG A O   1 
ATOM   685  C  CB  . ARG A 1 103 ? -9.044  9.305   1.191   1.00 19.75 ? 103 ARG A CB  1 
ATOM   686  C  CG  . ARG A 1 103 ? -10.503 9.043   0.873   0.50 22.27 ? 103 ARG A CG  1 
ATOM   687  C  CD  . ARG A 1 103 ? -11.012 9.874   -0.283  0.50 24.96 ? 103 ARG A CD  1 
ATOM   688  N  NE  . ARG A 1 103 ? -12.024 9.144   -1.030  0.50 26.89 ? 103 ARG A NE  1 
ATOM   689  C  CZ  . ARG A 1 103 ? -13.151 8.683   -0.512  0.50 28.24 ? 103 ARG A CZ  1 
ATOM   690  N  NH1 . ARG A 1 103 ? -14.009 8.053   -1.292  0.50 29.77 ? 103 ARG A NH1 1 
ATOM   691  N  NH2 . ARG A 1 103 ? -13.427 8.870   0.770   0.50 29.65 ? 103 ARG A NH2 1 
ATOM   692  N  N   . ILE A 1 104 ? -6.617  7.296   1.837   1.00 14.59 ? 104 ILE A N   1 
ATOM   693  C  CA  . ILE A 1 104 ? -5.237  7.168   1.294   1.00 14.92 ? 104 ILE A CA  1 
ATOM   694  C  C   . ILE A 1 104 ? -5.323  7.090   -0.229  1.00 13.80 ? 104 ILE A C   1 
ATOM   695  O  O   . ILE A 1 104 ? -5.883  6.115   -0.763  1.00 14.56 ? 104 ILE A O   1 
ATOM   696  C  CB  . ILE A 1 104 ? -4.479  6.003   1.935   1.00 15.15 ? 104 ILE A CB  1 
ATOM   697  C  CG1 . ILE A 1 104 ? -4.485  6.095   3.455   1.00 15.98 ? 104 ILE A CG1 1 
ATOM   698  C  CG2 . ILE A 1 104 ? -3.038  5.950   1.420   1.00 15.21 ? 104 ILE A CG2 1 
ATOM   699  C  CD1 . ILE A 1 104 ? -3.957  4.881   4.128   1.00 15.96 ? 104 ILE A CD1 1 
ATOM   700  N  N   . ASN A 1 105 ? -4.835  8.106   -0.912  1.00 14.06 ? 105 ASN A N   1 
ATOM   701  C  CA  . ASN A 1 105 ? -4.869  8.190   -2.396  1.00 13.97 ? 105 ASN A CA  1 
ATOM   702  C  C   . ASN A 1 105 ? -3.507  7.707   -2.882  1.00 14.64 ? 105 ASN A C   1 
ATOM   703  O  O   . ASN A 1 105 ? -2.536  8.295   -2.484  1.00 13.44 ? 105 ASN A O   1 
ATOM   704  C  CB  . ASN A 1 105 ? -5.219  9.595   -2.881  1.00 15.06 ? 105 ASN A CB  1 
ATOM   705  C  CG  . ASN A 1 105 ? -6.631  10.000  -2.486  1.00 18.11 ? 105 ASN A CG  1 
ATOM   706  O  OD1 . ASN A 1 105 ? -7.536  9.174   -2.581  1.00 17.86 ? 105 ASN A OD1 1 
ATOM   707  N  ND2 . ASN A 1 105 ? -6.805  11.228  -1.993  1.00 17.90 ? 105 ASN A ND2 1 
ATOM   708  N  N   . THR A 1 106 ? -3.464  6.641   -3.678  1.00 13.14 ? 106 THR A N   1 
ATOM   709  C  CA  . THR A 1 106 ? -2.185  6.065   -4.140  1.00 12.92 ? 106 THR A CA  1 
ATOM   710  C  C   . THR A 1 106 ? -2.119  5.942   -5.669  1.00 11.91 ? 106 THR A C   1 
ATOM   711  O  O   . THR A 1 106 ? -3.157  5.784   -6.376  1.00 10.73 ? 106 THR A O   1 
ATOM   712  C  CB  . THR A 1 106 ? -1.915  4.718   -3.473  1.00 12.68 ? 106 THR A CB  1 
ATOM   713  O  OG1 . THR A 1 106 ? -2.761  3.719   -4.058  1.00 12.67 ? 106 THR A OG1 1 
ATOM   714  C  CG2 . THR A 1 106 ? -2.073  4.800   -1.964  1.00 13.17 ? 106 THR A CG2 1 
ATOM   715  N  N   . GLN A 1 107 ? -0.879  5.848   -6.133  1.00 12.71 ? 107 GLN A N   1 
ATOM   716  C  CA  . GLN A 1 107 ? -0.503  5.234   -7.412  1.00 13.74 ? 107 GLN A CA  1 
ATOM   717  C  C   . GLN A 1 107 ? 0.430   4.064   -7.097  1.00 13.37 ? 107 GLN A C   1 
ATOM   718  O  O   . GLN A 1 107 ? 1.056   4.059   -6.028  1.00 12.25 ? 107 GLN A O   1 
ATOM   719  C  CB  . GLN A 1 107 ? 0.060   6.310   -8.339  1.00 15.33 ? 107 GLN A CB  1 
ATOM   720  C  CG  A GLN A 1 107 ? -1.025  7.311   -8.722  0.50 15.06 ? 107 GLN A CG  1 
ATOM   721  C  CG  B GLN A 1 107 ? -1.017  7.296   -8.751  0.50 18.90 ? 107 GLN A CG  1 
ATOM   722  C  CD  A GLN A 1 107 ? -0.594  8.277   -9.796  0.50 12.95 ? 107 GLN A CD  1 
ATOM   723  C  CD  B GLN A 1 107 ? -1.264  7.323   -10.237 0.50 20.17 ? 107 GLN A CD  1 
ATOM   724  O  OE1 A GLN A 1 107 ? -0.625  7.960   -10.972 0.50 12.29 ? 107 GLN A OE1 1 
ATOM   725  O  OE1 B GLN A 1 107 ? -1.532  6.311   -10.905 0.50 25.23 ? 107 GLN A OE1 1 
ATOM   726  N  NE2 A GLN A 1 107 ? -0.202  9.468   -9.394  0.50 11.62 ? 107 GLN A NE2 1 
ATOM   727  N  NE2 B GLN A 1 107 ? -1.228  8.525   -10.763 0.50 19.67 ? 107 GLN A NE2 1 
ATOM   728  N  N   . TRP A 1 108 ? 0.412   3.041   -7.945  1.00 12.17 ? 108 TRP A N   1 
ATOM   729  C  CA  . TRP A 1 108 ? 1.205   1.834   -7.653  1.00 12.06 ? 108 TRP A CA  1 
ATOM   730  C  C   . TRP A 1 108 ? 1.908   1.336   -8.910  1.00 11.87 ? 108 TRP A C   1 
ATOM   731  O  O   . TRP A 1 108 ? 1.433   1.641   -10.035 1.00 11.34 ? 108 TRP A O   1 
ATOM   732  C  CB  . TRP A 1 108 ? 0.370   0.741   -6.982  1.00 12.21 ? 108 TRP A CB  1 
ATOM   733  C  CG  . TRP A 1 108 ? -0.855  0.308   -7.698  1.00 11.63 ? 108 TRP A CG  1 
ATOM   734  C  CD1 . TRP A 1 108 ? -2.128  0.649   -7.356  1.00 12.30 ? 108 TRP A CD1 1 
ATOM   735  C  CD2 . TRP A 1 108 ? -0.959  -0.568  -8.831  1.00 12.11 ? 108 TRP A CD2 1 
ATOM   736  N  NE1 . TRP A 1 108 ? -3.021  0.082   -8.220  1.00 12.29 ? 108 TRP A NE1 1 
ATOM   737  C  CE2 . TRP A 1 108 ? -2.339  -0.642  -9.154  1.00 13.01 ? 108 TRP A CE2 1 
ATOM   738  C  CE3 . TRP A 1 108 ? -0.051  -1.218  -9.662  1.00 11.61 ? 108 TRP A CE3 1 
ATOM   739  C  CZ2 . TRP A 1 108 ? -2.809  -1.452  -10.179 1.00 11.74 ? 108 TRP A CZ2 1 
ATOM   740  C  CZ3 . TRP A 1 108 ? -0.513  -1.961  -10.716 1.00 10.71 ? 108 TRP A CZ3 1 
ATOM   741  C  CH2 . TRP A 1 108 ? -1.876  -2.039  -10.988 1.00 12.72 ? 108 TRP A CH2 1 
ATOM   742  N  N   . LEU A 1 109 ? 3.046   0.687   -8.677  1.00 12.39 ? 109 LEU A N   1 
ATOM   743  C  CA  . LEU A 1 109 ? 3.854   -0.031  -9.664  1.00 12.82 ? 109 LEU A CA  1 
ATOM   744  C  C   . LEU A 1 109 ? 3.964   -1.496  -9.274  1.00 13.25 ? 109 LEU A C   1 
ATOM   745  O  O   . LEU A 1 109 ? 4.454   -1.782  -8.172  1.00 12.68 ? 109 LEU A O   1 
ATOM   746  C  CB  . LEU A 1 109 ? 5.246   0.591   -9.721  1.00 13.68 ? 109 LEU A CB  1 
ATOM   747  C  CG  . LEU A 1 109 ? 5.330   2.047   -10.195 1.00 13.46 ? 109 LEU A CG  1 
ATOM   748  C  CD1 . LEU A 1 109 ? 6.756   2.512   -9.994  1.00 13.04 ? 109 LEU A CD1 1 
ATOM   749  C  CD2 . LEU A 1 109 ? 4.923   2.168   -11.656 1.00 13.80 ? 109 LEU A CD2 1 
ATOM   750  N  N   . LEU A 1 110 ? 3.525   -2.384  -10.156 1.00 13.01 ? 110 LEU A N   1 
ATOM   751  C  CA  . LEU A 1 110 ? 3.615   -3.858  -9.963  1.00 13.23 ? 110 LEU A CA  1 
ATOM   752  C  C   . LEU A 1 110 ? 4.642   -4.415  -10.957 1.00 13.74 ? 110 LEU A C   1 
ATOM   753  O  O   . LEU A 1 110 ? 4.366   -4.457  -12.153 1.00 12.95 ? 110 LEU A O   1 
ATOM   754  C  CB  . LEU A 1 110 ? 2.241   -4.471  -10.204 1.00 15.21 ? 110 LEU A CB  1 
ATOM   755  C  CG  . LEU A 1 110 ? 2.063   -5.949  -9.806  1.00 16.81 ? 110 LEU A CG  1 
ATOM   756  C  CD1 . LEU A 1 110 ? 0.610   -6.352  -10.031 1.00 16.35 ? 110 LEU A CD1 1 
ATOM   757  C  CD2 . LEU A 1 110 ? 2.974   -6.847  -10.580 1.00 18.17 ? 110 LEU A CD2 1 
ATOM   758  N  N   . THR A 1 111 ? 5.800   -4.820  -10.478 1.00 12.86 ? 111 THR A N   1 
ATOM   759  C  CA  . THR A 1 111 ? 6.852   -5.434  -11.344 1.00 12.59 ? 111 THR A CA  1 
ATOM   760  C  C   . THR A 1 111 ? 6.814   -6.956  -11.140 1.00 13.16 ? 111 THR A C   1 
ATOM   761  O  O   . THR A 1 111 ? 6.835   -7.446  -9.968  1.00 10.70 ? 111 THR A O   1 
ATOM   762  C  CB  . THR A 1 111 ? 8.227   -4.871  -11.051 1.00 12.14 ? 111 THR A CB  1 
ATOM   763  O  OG1 . THR A 1 111 ? 8.253   -3.447  -11.041 1.00 11.43 ? 111 THR A OG1 1 
ATOM   764  C  CG2 . THR A 1 111 ? 9.305   -5.425  -11.940 1.00 13.22 ? 111 THR A CG2 1 
ATOM   765  N  N   A GLU A 1 112 ? 6.808   -7.698  -12.243 0.80 12.99 ? 112 GLU A N   1 
ATOM   766  N  N   B GLU A 1 112 ? 6.791   -7.693  -12.244 0.20 12.90 ? 112 GLU A N   1 
ATOM   767  C  CA  A GLU A 1 112 ? 6.939   -9.173  -12.219 0.80 17.17 ? 112 GLU A CA  1 
ATOM   768  C  CA  B GLU A 1 112 ? 6.962   -9.162  -12.232 0.20 14.15 ? 112 GLU A CA  1 
ATOM   769  C  C   A GLU A 1 112 ? 8.396   -9.505  -12.551 0.80 17.17 ? 112 GLU A C   1 
ATOM   770  C  C   B GLU A 1 112 ? 8.428   -9.469  -12.523 0.20 15.49 ? 112 GLU A C   1 
ATOM   771  O  O   A GLU A 1 112 ? 8.993   -8.789  -13.339 0.80 17.86 ? 112 GLU A O   1 
ATOM   772  O  O   B GLU A 1 112 ? 9.043   -8.702  -13.280 0.20 15.86 ? 112 GLU A O   1 
ATOM   773  C  CB  A GLU A 1 112 ? 5.904   -9.796  -13.158 0.80 22.17 ? 112 GLU A CB  1 
ATOM   774  C  CB  B GLU A 1 112 ? 6.059   -9.795  -13.281 0.20 14.03 ? 112 GLU A CB  1 
ATOM   775  C  CG  A GLU A 1 112 ? 5.954   -11.320 -13.235 0.80 30.79 ? 112 GLU A CG  1 
ATOM   776  C  CG  B GLU A 1 112 ? 6.478   -9.498  -14.705 0.20 14.16 ? 112 GLU A CG  1 
ATOM   777  C  CD  A GLU A 1 112 ? 4.657   -12.083 -12.988 0.80 35.71 ? 112 GLU A CD  1 
ATOM   778  C  CD  B GLU A 1 112 ? 5.709   -10.388 -15.657 0.20 14.70 ? 112 GLU A CD  1 
ATOM   779  O  OE1 A GLU A 1 112 ? 3.569   -11.602 -13.378 0.80 34.03 ? 112 GLU A OE1 1 
ATOM   780  O  OE1 B GLU A 1 112 ? 4.949   -11.204 -15.125 0.20 13.40 ? 112 GLU A OE1 1 
ATOM   781  O  OE2 A GLU A 1 112 ? 4.745   -13.154 -12.355 0.80 41.32 ? 112 GLU A OE2 1 
ATOM   782  O  OE2 B GLU A 1 112 ? 5.837   -10.245 -16.904 0.20 15.98 ? 112 GLU A OE2 1 
ATOM   783  N  N   . GLY A 1 113 ? 8.973   -10.532 -11.935 1.00 17.30 ? 113 GLY A N   1 
ATOM   784  C  CA  . GLY A 1 113 ? 10.250  -11.072 -12.444 1.00 19.19 ? 113 GLY A CA  1 
ATOM   785  C  C   . GLY A 1 113 ? 10.122  -11.463 -13.908 1.00 17.82 ? 113 GLY A C   1 
ATOM   786  O  O   . GLY A 1 113 ? 9.178   -12.146 -14.229 1.00 20.54 ? 113 GLY A O   1 
ATOM   787  N  N   . THR A 1 114 ? 11.023  -11.043 -14.798 1.00 19.48 ? 114 THR A N   1 
ATOM   788  C  CA  . THR A 1 114 ? 10.986  -11.436 -16.230 1.00 17.67 ? 114 THR A CA  1 
ATOM   789  C  C   . THR A 1 114 ? 12.389  -11.843 -16.687 1.00 18.39 ? 114 THR A C   1 
ATOM   790  O  O   . THR A 1 114 ? 13.385  -11.508 -16.012 1.00 15.78 ? 114 THR A O   1 
ATOM   791  C  CB  . THR A 1 114 ? 10.488  -10.325 -17.159 1.00 20.14 ? 114 THR A CB  1 
ATOM   792  O  OG1 . THR A 1 114 ? 11.467  -9.286  -17.202 1.00 18.56 ? 114 THR A OG1 1 
ATOM   793  C  CG2 . THR A 1 114 ? 9.166   -9.730  -16.725 1.00 19.83 ? 114 THR A CG2 1 
ATOM   794  N  N   . THR A 1 115 ? 12.485  -12.471 -17.854 1.00 20.82 ? 115 THR A N   1 
ATOM   795  C  CA  . THR A 1 115 ? 13.788  -12.538 -18.570 1.00 21.42 ? 115 THR A CA  1 
ATOM   796  C  C   . THR A 1 115 ? 14.147  -11.135 -19.056 1.00 23.22 ? 115 THR A C   1 
ATOM   797  O  O   . THR A 1 115 ? 13.257  -10.267 -19.159 1.00 19.32 ? 115 THR A O   1 
ATOM   798  C  CB  . THR A 1 115 ? 13.722  -13.539 -19.721 1.00 22.41 ? 115 THR A CB  1 
ATOM   799  O  OG1 . THR A 1 115 ? 12.727  -13.060 -20.629 1.00 22.00 ? 115 THR A OG1 1 
ATOM   800  C  CG2 . THR A 1 115 ? 13.343  -14.928 -19.244 1.00 23.30 ? 115 THR A CG2 1 
ATOM   801  N  N   . GLU A 1 116 ? 15.414  -10.923 -19.394 1.00 21.48 ? 116 GLU A N   1 
ATOM   802  C  CA  . GLU A 1 116 ? 15.913  -9.658  -19.985 1.00 24.59 ? 116 GLU A CA  1 
ATOM   803  C  C   . GLU A 1 116 ? 15.110  -9.329  -21.266 1.00 21.24 ? 116 GLU A C   1 
ATOM   804  O  O   . GLU A 1 116 ? 14.700  -8.199  -21.410 1.00 19.25 ? 116 GLU A O   1 
ATOM   805  C  CB  . GLU A 1 116 ? 17.442  -9.753  -20.138 1.00 26.82 ? 116 GLU A CB  1 
ATOM   806  C  CG  . GLU A 1 116 ? 18.129  -9.539  -18.784 0.50 28.66 ? 116 GLU A CG  1 
ATOM   807  C  CD  . GLU A 1 116 ? 19.484  -10.190 -18.570 0.50 31.06 ? 116 GLU A CD  1 
ATOM   808  O  OE1 . GLU A 1 116 ? 19.525  -11.299 -18.000 0.50 32.63 ? 116 GLU A OE1 1 
ATOM   809  O  OE2 . GLU A 1 116 ? 20.486  -9.578  -18.937 0.50 29.67 ? 116 GLU A OE2 1 
ATOM   810  N  N   . ALA A 1 117 ? 14.791  -10.293 -22.111 1.00 22.21 ? 117 ALA A N   1 
ATOM   811  C  CA  . ALA A 1 117 ? 14.091  -10.040 -23.395 1.00 23.72 ? 117 ALA A CA  1 
ATOM   812  C  C   . ALA A 1 117 ? 12.668  -9.522  -23.128 1.00 23.92 ? 117 ALA A C   1 
ATOM   813  O  O   . ALA A 1 117 ? 12.166  -8.786  -23.977 1.00 26.92 ? 117 ALA A O   1 
ATOM   814  C  CB  . ALA A 1 117 ? 14.045  -11.302 -24.213 1.00 26.17 ? 117 ALA A CB  1 
ATOM   815  N  N   . ASN A 1 118 ? 12.053  -9.883  -22.002 1.00 20.75 ? 118 ASN A N   1 
ATOM   816  C  CA  . ASN A 1 118 ? 10.641  -9.509  -21.677 1.00 19.35 ? 118 ASN A CA  1 
ATOM   817  C  C   . ASN A 1 118 ? 10.533  -8.343  -20.679 1.00 16.89 ? 118 ASN A C   1 
ATOM   818  O  O   . ASN A 1 118 ? 9.404   -7.995  -20.271 1.00 16.10 ? 118 ASN A O   1 
ATOM   819  C  CB  . ASN A 1 118 ? 9.880   -10.722 -21.200 1.00 19.12 ? 118 ASN A CB  1 
ATOM   820  C  CG  . ASN A 1 118 ? 9.737   -11.754 -22.314 1.00 23.43 ? 118 ASN A CG  1 
ATOM   821  O  OD1 . ASN A 1 118 ? 9.710   -11.424 -23.493 1.00 26.46 ? 118 ASN A OD1 1 
ATOM   822  N  ND2 . ASN A 1 118 ? 9.680   -13.010 -21.943 1.00 23.12 ? 118 ASN A ND2 1 
ATOM   823  N  N   . ALA A 1 119 ? 11.644  -7.768  -20.285 1.00 16.77 ? 119 ALA A N   1 
ATOM   824  C  CA  . ALA A 1 119 ? 11.703  -6.745  -19.214 1.00 16.70 ? 119 ALA A CA  1 
ATOM   825  C  C   . ALA A 1 119 ? 10.935  -5.495  -19.630 1.00 15.26 ? 119 ALA A C   1 
ATOM   826  O  O   . ALA A 1 119 ? 10.404  -4.848  -18.723 1.00 16.56 ? 119 ALA A O   1 
ATOM   827  C  CB  . ALA A 1 119 ? 13.131  -6.425  -18.840 1.00 18.24 ? 119 ALA A CB  1 
ATOM   828  N  N   . TRP A 1 120 ? 10.814  -5.189  -20.932 1.00 16.18 ? 120 TRP A N   1 
ATOM   829  C  CA  . TRP A 1 120 ? 9.984   -4.041  -21.405 1.00 15.06 ? 120 TRP A CA  1 
ATOM   830  C  C   . TRP A 1 120 ? 8.551   -4.175  -20.873 1.00 15.64 ? 120 TRP A C   1 
ATOM   831  O  O   . TRP A 1 120 ? 7.870   -3.089  -20.694 1.00 13.63 ? 120 TRP A O   1 
ATOM   832  C  CB  . TRP A 1 120 ? 10.020  -3.877  -22.938 1.00 14.87 ? 120 TRP A CB  1 
ATOM   833  C  CG  . TRP A 1 120 ? 9.367   -5.016  -23.667 1.00 14.91 ? 120 TRP A CG  1 
ATOM   834  C  CD1 . TRP A 1 120 ? 9.922   -6.200  -24.042 1.00 16.22 ? 120 TRP A CD1 1 
ATOM   835  C  CD2 . TRP A 1 120 ? 7.972   -5.102  -24.016 1.00 15.46 ? 120 TRP A CD2 1 
ATOM   836  N  NE1 . TRP A 1 120 ? 8.986   -7.014  -24.618 1.00 16.78 ? 120 TRP A NE1 1 
ATOM   837  C  CE2 . TRP A 1 120 ? 7.775   -6.372  -24.610 1.00 16.82 ? 120 TRP A CE2 1 
ATOM   838  C  CE3 . TRP A 1 120 ? 6.890   -4.224  -23.935 1.00 15.25 ? 120 TRP A CE3 1 
ATOM   839  C  CZ2 . TRP A 1 120 ? 6.553   -6.754  -25.159 1.00 17.43 ? 120 TRP A CZ2 1 
ATOM   840  C  CZ3 . TRP A 1 120 ? 5.671   -4.624  -24.434 1.00 15.64 ? 120 TRP A CZ3 1 
ATOM   841  C  CH2 . TRP A 1 120 ? 5.499   -5.875  -25.024 1.00 16.54 ? 120 TRP A CH2 1 
ATOM   842  N  N   . ALA A 1 121 ? 8.091   -5.418  -20.637 1.00 13.37 ? 121 ALA A N   1 
ATOM   843  C  CA  . ALA A 1 121 ? 6.677   -5.734  -20.303 1.00 13.97 ? 121 ALA A CA  1 
ATOM   844  C  C   . ALA A 1 121 ? 6.560   -6.094  -18.813 1.00 13.30 ? 121 ALA A C   1 
ATOM   845  O  O   . ALA A 1 121 ? 5.582   -6.788  -18.409 1.00 14.83 ? 121 ALA A O   1 
ATOM   846  C  CB  . ALA A 1 121 ? 6.165   -6.848  -21.184 1.00 14.46 ? 121 ALA A CB  1 
ATOM   847  N  N   . SER A 1 122 ? 7.528   -5.703  -17.990 1.00 14.12 ? 122 SER A N   1 
ATOM   848  C  CA  . SER A 1 122 ? 7.636   -6.183  -16.579 1.00 14.70 ? 122 SER A CA  1 
ATOM   849  C  C   . SER A 1 122 ? 6.676   -5.442  -15.630 1.00 14.72 ? 122 SER A C   1 
ATOM   850  O  O   . SER A 1 122 ? 6.357   -5.989  -14.563 1.00 14.13 ? 122 SER A O   1 
ATOM   851  C  CB  . SER A 1 122 ? 9.067   -6.089  -16.073 1.00 15.38 ? 122 SER A CB  1 
ATOM   852  O  OG  . SER A 1 122 ? 9.411   -4.724  -15.905 1.00 15.53 ? 122 SER A OG  1 
ATOM   853  N  N   . THR A 1 123 ? 6.284   -4.205  -15.921 1.00 12.90 ? 123 THR A N   1 
ATOM   854  C  CA  . THR A 1 123 ? 5.712   -3.324  -14.879 1.00 13.57 ? 123 THR A CA  1 
ATOM   855  C  C   . THR A 1 123 ? 4.327   -2.792  -15.246 1.00 12.76 ? 123 THR A C   1 
ATOM   856  O  O   . THR A 1 123 ? 4.204   -2.038  -16.284 1.00 11.75 ? 123 THR A O   1 
ATOM   857  C  CB  . THR A 1 123 ? 6.653   -2.173  -14.537 1.00 13.92 ? 123 THR A CB  1 
ATOM   858  O  OG1 . THR A 1 123 ? 7.989   -2.679  -14.425 1.00 15.20 ? 123 THR A OG1 1 
ATOM   859  C  CG2 . THR A 1 123 ? 6.252   -1.507  -13.242 1.00 14.70 ? 123 THR A CG2 1 
ATOM   860  N  N   . LEU A 1 124 ? 3.348   -3.109  -14.396 1.00 13.14 ? 124 LEU A N   1 
ATOM   861  C  CA  . LEU A 1 124 ? 1.999   -2.488  -14.486 1.00 14.02 ? 124 LEU A CA  1 
ATOM   862  C  C   . LEU A 1 124 ? 1.991   -1.244  -13.598 1.00 12.36 ? 124 LEU A C   1 
ATOM   863  O  O   . LEU A 1 124 ? 2.702   -1.186  -12.541 1.00 13.86 ? 124 LEU A O   1 
ATOM   864  C  CB  . LEU A 1 124 ? 0.907   -3.461  -14.044 1.00 14.25 ? 124 LEU A CB  1 
ATOM   865  C  CG  . LEU A 1 124 ? 0.646   -4.654  -14.966 1.00 15.90 ? 124 LEU A CG  1 
ATOM   866  C  CD1 . LEU A 1 124 ? -0.162  -5.703  -14.219 1.00 16.51 ? 124 LEU A CD1 1 
ATOM   867  C  CD2 . LEU A 1 124 ? -0.076  -4.236  -16.243 1.00 17.00 ? 124 LEU A CD2 1 
ATOM   868  N  N   . VAL A 1 125 ? 1.148   -0.299  -13.955 1.00 12.95 ? 125 VAL A N   1 
ATOM   869  C  CA  . VAL A 1 125 ? 0.895   0.926   -13.155 1.00 12.86 ? 125 VAL A CA  1 
ATOM   870  C  C   . VAL A 1 125 ? -0.629  1.056   -12.994 1.00 12.36 ? 125 VAL A C   1 
ATOM   871  O  O   . VAL A 1 125 ? -1.392  0.753   -13.945 1.00 12.57 ? 125 VAL A O   1 
ATOM   872  C  CB  . VAL A 1 125 ? 1.528   2.175   -13.797 1.00 12.49 ? 125 VAL A CB  1 
ATOM   873  C  CG1 . VAL A 1 125 ? 0.943   2.477   -15.179 1.00 12.19 ? 125 VAL A CG1 1 
ATOM   874  C  CG2 . VAL A 1 125 ? 1.423   3.411   -12.931 1.00 11.68 ? 125 VAL A CG2 1 
ATOM   875  N  N   . GLY A 1 126 ? -1.058  1.478   -11.818 1.00 11.99 ? 126 GLY A N   1 
ATOM   876  C  CA  . GLY A 1 126 ? -2.481  1.762   -11.553 1.00 12.07 ? 126 GLY A CA  1 
ATOM   877  C  C   . GLY A 1 126 ? -2.650  2.712   -10.390 1.00 11.40 ? 126 GLY A C   1 
ATOM   878  O  O   . GLY A 1 126 ? -1.661  3.335   -9.924  1.00 11.11 ? 126 GLY A O   1 
ATOM   879  N  N   . HIS A 1 127 ? -3.882  2.871   -9.937  1.00 11.80 ? 127 HIS A N   1 
ATOM   880  C  CA  . HIS A 1 127 ? -4.185  3.800   -8.831  1.00 12.09 ? 127 HIS A CA  1 
ATOM   881  C  C   . HIS A 1 127 ? -5.252  3.183   -7.946  1.00 12.98 ? 127 HIS A C   1 
ATOM   882  O  O   . HIS A 1 127 ? -6.238  2.646   -8.487  1.00 12.36 ? 127 HIS A O   1 
ATOM   883  C  CB  . HIS A 1 127 ? -4.543  5.169   -9.399  1.00 12.82 ? 127 HIS A CB  1 
ATOM   884  C  CG  . HIS A 1 127 ? -5.545  5.080   -10.501 1.00 13.25 ? 127 HIS A CG  1 
ATOM   885  N  ND1 . HIS A 1 127 ? -6.925  5.184   -10.249 1.00 14.68 ? 127 HIS A ND1 1 
ATOM   886  C  CD2 . HIS A 1 127 ? -5.415  4.898   -11.829 1.00 15.14 ? 127 HIS A CD2 1 
ATOM   887  C  CE1 . HIS A 1 127 ? -7.583  5.076   -11.392 1.00 14.41 ? 127 HIS A CE1 1 
ATOM   888  N  NE2 . HIS A 1 127 ? -6.712  4.909   -12.382 1.00 16.17 ? 127 HIS A NE2 1 
ATOM   889  N  N   . ASP A 1 128 ? -5.000  3.189   -6.647  1.00 12.94 ? 128 ASP A N   1 
ATOM   890  C  CA  . ASP A 1 128 ? -5.938  2.698   -5.612  1.00 12.21 ? 128 ASP A CA  1 
ATOM   891  C  C   . ASP A 1 128 ? -6.286  3.821   -4.638  1.00 13.53 ? 128 ASP A C   1 
ATOM   892  O  O   . ASP A 1 128 ? -5.395  4.557   -4.184  1.00 13.80 ? 128 ASP A O   1 
ATOM   893  C  CB  . ASP A 1 128 ? -5.359  1.558   -4.805  1.00 12.45 ? 128 ASP A CB  1 
ATOM   894  C  CG  . ASP A 1 128 ? -5.244  0.233   -5.523  1.00 13.29 ? 128 ASP A CG  1 
ATOM   895  O  OD1 . ASP A 1 128 ? -5.746  0.108   -6.679  1.00 12.23 ? 128 ASP A OD1 1 
ATOM   896  O  OD2 . ASP A 1 128 ? -4.555  -0.620  -4.966  1.00 10.70 ? 128 ASP A OD2 1 
ATOM   897  N  N   . THR A 1 129 ? -7.568  3.888   -4.264  1.00 15.05 ? 129 THR A N   1 
ATOM   898  C  CA  . THR A 1 129 ? -8.050  4.794   -3.193  1.00 15.98 ? 129 THR A CA  1 
ATOM   899  C  C   . THR A 1 129 ? -8.605  3.967   -2.050  1.00 13.82 ? 129 THR A C   1 
ATOM   900  O  O   . THR A 1 129 ? -9.446  3.069   -2.301  1.00 14.43 ? 129 THR A O   1 
ATOM   901  C  CB  . THR A 1 129 ? -9.175  5.728   -3.626  1.00 19.41 ? 129 THR A CB  1 
ATOM   902  O  OG1 . THR A 1 129 ? -8.666  6.398   -4.764  1.00 28.03 ? 129 THR A OG1 1 
ATOM   903  C  CG2 . THR A 1 129 ? -9.531  6.708   -2.526  1.00 18.36 ? 129 THR A CG2 1 
ATOM   904  N  N   . PHE A 1 130 ? -8.055  4.186   -0.866  1.00 14.12 ? 130 PHE A N   1 
ATOM   905  C  CA  . PHE A 1 130 ? -8.380  3.434   0.369   1.00 13.34 ? 130 PHE A CA  1 
ATOM   906  C  C   . PHE A 1 130 ? -9.236  4.305   1.262   1.00 14.59 ? 130 PHE A C   1 
ATOM   907  O  O   . PHE A 1 130 ? -8.912  5.529   1.460   1.00 14.71 ? 130 PHE A O   1 
ATOM   908  C  CB  . PHE A 1 130 ? -7.113  3.026   1.113   1.00 12.83 ? 130 PHE A CB  1 
ATOM   909  C  CG  . PHE A 1 130 ? -6.216  2.087   0.345   1.00 12.46 ? 130 PHE A CG  1 
ATOM   910  C  CD1 . PHE A 1 130 ? -5.254  2.548   -0.553  1.00 12.96 ? 130 PHE A CD1 1 
ATOM   911  C  CD2 . PHE A 1 130 ? -6.414  0.720   0.441   1.00 12.99 ? 130 PHE A CD2 1 
ATOM   912  C  CE1 . PHE A 1 130 ? -4.476  1.652   -1.274  1.00 13.19 ? 130 PHE A CE1 1 
ATOM   913  C  CE2 . PHE A 1 130 ? -5.628  -0.176  -0.258  1.00 13.08 ? 130 PHE A CE2 1 
ATOM   914  C  CZ  . PHE A 1 130 ? -4.672  0.293   -1.142  1.00 13.45 ? 130 PHE A CZ  1 
ATOM   915  N  N   . THR A 1 131 ? -10.251 3.671   1.844   1.00 15.89 ? 131 THR A N   1 
ATOM   916  C  CA  . THR A 1 131 ? -11.159 4.309   2.802   1.00 17.21 ? 131 THR A CA  1 
ATOM   917  C  C   . THR A 1 131 ? -11.219 3.432   4.053   1.00 16.73 ? 131 THR A C   1 
ATOM   918  O  O   . THR A 1 131 ? -10.896 2.244   3.974   1.00 14.79 ? 131 THR A O   1 
ATOM   919  C  CB  . THR A 1 131 ? -12.543 4.605   2.188   1.00 19.50 ? 131 THR A CB  1 
ATOM   920  O  OG1 . THR A 1 131 ? -13.167 3.418   1.720   1.00 23.33 ? 131 THR A OG1 1 
ATOM   921  C  CG2 . THR A 1 131 ? -12.439 5.582   1.035   1.00 23.48 ? 131 THR A CG2 1 
ATOM   922  N  N   . LYS A 1 132 ? -11.696 3.992   5.152   1.00 19.89 ? 132 LYS A N   1 
ATOM   923  C  CA  . LYS A 1 132 ? -11.895 3.249   6.428   1.00 22.94 ? 132 LYS A CA  1 
ATOM   924  C  C   . LYS A 1 132 ? -13.161 2.385   6.371   1.00 25.99 ? 132 LYS A C   1 
ATOM   925  O  O   . LYS A 1 132 ? -13.291 1.510   7.244   1.00 22.91 ? 132 LYS A O   1 
ATOM   926  C  CB  . LYS A 1 132 ? -11.997 4.224   7.599   1.00 25.04 ? 132 LYS A CB  1 
ATOM   927  C  CG  . LYS A 1 132 ? -10.724 5.005   7.883   1.00 30.42 ? 132 LYS A CG  1 
ATOM   928  C  CD  . LYS A 1 132 ? -9.570  4.149   8.294   1.00 35.35 ? 132 LYS A CD  1 
ATOM   929  C  CE  . LYS A 1 132 ? -9.779  3.467   9.626   1.00 40.93 ? 132 LYS A CE  1 
ATOM   930  N  NZ  . LYS A 1 132 ? -8.718  2.469   9.921   1.00 40.15 ? 132 LYS A NZ  1 
ATOM   931  N  N   . VAL A 1 133 ? -14.093 2.677   5.453   1.00 30.05 ? 133 VAL A N   1 
ATOM   932  C  CA  . VAL A 1 133 ? -15.349 1.876   5.279   1.00 40.58 ? 133 VAL A CA  1 
ATOM   933  C  C   . VAL A 1 133 ? -15.342 1.119   3.940   1.00 42.12 ? 133 VAL A C   1 
ATOM   934  O  O   . VAL A 1 133 ? -14.664 1.584   3.000   1.00 44.32 ? 133 VAL A O   1 
ATOM   935  C  CB  . VAL A 1 133 ? -16.607 2.759   5.433   1.00 43.34 ? 133 VAL A CB  1 
ATOM   936  C  CG1 . VAL A 1 133 ? -16.454 3.779   6.554   1.00 44.10 ? 133 VAL A CG1 1 
ATOM   937  C  CG2 . VAL A 1 133 ? -16.997 3.460   4.140   1.00 47.04 ? 133 VAL A CG2 1 
ATOM   938  N  N   . LYS A 1 134 ? -16.070 0.000   3.871   1.00 50.44 ? 134 LYS A N   1 
ATOM   939  C  CA  . LYS A 1 134 ? -16.144 -0.820  2.631   1.00 55.54 ? 134 LYS A CA  1 
ATOM   940  C  C   . LYS A 1 134 ? -15.742 -2.263  2.955   1.00 55.72 ? 134 LYS A C   1 
ATOM   941  O  O   . LYS A 1 134 ? -16.474 -2.894  3.743   1.00 62.26 ? 134 LYS A O   1 
ATOM   942  C  CB  . LYS A 1 134 ? -15.241 -0.227  1.546   1.00 62.95 ? 134 LYS A CB  1 
ATOM   943  C  CG  . LYS A 1 134 ? -15.843 -0.188  0.147   1.00 67.76 ? 134 LYS A CG  1 
ATOM   944  C  CD  . LYS A 1 134 ? -14.811 0.004   -0.945  1.00 67.57 ? 134 LYS A CD  1 
ATOM   945  C  CE  . LYS A 1 134 ? -14.514 -1.269  -1.710  1.00 72.24 ? 134 LYS A CE  1 
ATOM   946  N  NZ  . LYS A 1 134 ? -15.465 -1.472  -2.827  1.00 74.10 ? 134 LYS A NZ  1 
HETATM 947  O  O2  . QG4 B 2 .   ? -5.405  -4.354  -4.273  1.00 11.98 ? 201 QG4 A O2  1 
HETATM 948  C  C9  . QG4 B 2 .   ? -5.018  -4.328  -5.470  1.00 12.79 ? 201 QG4 A C9  1 
HETATM 949  N  N1  . QG4 B 2 .   ? -4.427  -3.248  -6.022  1.00 11.62 ? 201 QG4 A N1  1 
HETATM 950  N  N2  . QG4 B 2 .   ? -4.744  -5.494  -6.155  1.00 11.45 ? 201 QG4 A N2  1 
HETATM 951  C  C10 . QG4 B 2 .   ? -4.040  -5.171  -7.374  1.00 11.65 ? 201 QG4 A C10 1 
HETATM 952  C  C8  . QG4 B 2 .   ? -3.790  -3.629  -7.314  1.00 10.98 ? 201 QG4 A C8  1 
HETATM 953  C  C7  . QG4 B 2 .   ? -2.251  -3.430  -7.220  1.00 12.67 ? 201 QG4 A C7  1 
HETATM 954  S  S1  . QG4 B 2 .   ? -1.593  -4.897  -6.447  1.00 13.13 ? 201 QG4 A S1  1 
HETATM 955  C  C6  . QG4 B 2 .   ? -2.666  -5.904  -7.462  1.00 12.35 ? 201 QG4 A C6  1 
HETATM 956  C  C5  . QG4 B 2 .   ? -2.722  -7.408  -7.109  1.00 12.40 ? 201 QG4 A C5  1 
HETATM 957  C  C4  . QG4 B 2 .   ? -1.462  -8.211  -7.409  1.00 11.68 ? 201 QG4 A C4  1 
HETATM 958  C  C3  . QG4 B 2 .   ? -1.537  -9.681  -6.951  1.00 12.92 ? 201 QG4 A C3  1 
HETATM 959  C  C2  . QG4 B 2 .   ? -0.267  -10.427 -7.429  1.00 13.28 ? 201 QG4 A C2  1 
HETATM 960  C  C1  . QG4 B 2 .   ? -0.192  -10.811 -8.944  1.00 13.95 ? 201 QG4 A C1  1 
HETATM 961  C  C24 . QG4 B 2 .   ? 0.879   -11.074 -10.719 1.00 17.17 ? 201 QG4 A C24 1 
HETATM 962  O  O1  . QG4 B 2 .   ? -1.302  -10.922 -9.449  1.00 16.55 ? 201 QG4 A O1  1 
HETATM 963  N  N6  . QG4 B 2 .   ? 1.066   -10.512 -9.347  1.00 15.17 ? 201 QG4 A N6  1 
HETATM 964  C  C23 . QG4 B 2 .   ? 0.267   -9.971  -11.577 1.00 22.25 ? 201 QG4 A C23 1 
HETATM 965  N  N3  . QG4 B 2 .   ? 0.624   -9.945  -12.976 1.00 27.91 ? 201 QG4 A N3  1 
HETATM 966  C  C11 . QG4 B 2 .   ? 1.980   -9.250  -13.080 1.00 29.94 ? 201 QG4 A C11 1 
HETATM 967  C  C17 . QG4 B 2 .   ? -0.531  -9.483  -13.746 1.00 29.99 ? 201 QG4 A C17 1 
HETATM 968  FE FE1 . QG4 B 2 .   ? 1.394   -11.649 -14.256 1.00 26.99 ? 201 QG4 A FE1 1 
HETATM 969  N  N4  . QG4 B 2 .   ? 2.496   -9.675  -15.361 1.00 32.12 ? 201 QG4 A N4  1 
HETATM 970  C  C16 . QG4 B 2 .   ? 2.920   -9.355  -16.634 1.00 31.62 ? 201 QG4 A C16 1 
HETATM 971  C  C15 . QG4 B 2 .   ? 3.539   -8.111  -16.873 1.00 31.44 ? 201 QG4 A C15 1 
HETATM 972  C  C14 . QG4 B 2 .   ? 3.678   -7.137  -15.862 1.00 21.56 ? 201 QG4 A C14 1 
HETATM 973  C  C13 . QG4 B 2 .   ? 3.178   -7.506  -14.571 1.00 29.69 ? 201 QG4 A C13 1 
HETATM 974  C  C12 . QG4 B 2 .   ? 2.567   -8.809  -14.372 1.00 32.27 ? 201 QG4 A C12 1 
HETATM 975  N  N5  . QG4 B 2 .   ? -0.047  -10.775 -15.773 1.00 37.07 ? 201 QG4 A N5  1 
HETATM 976  C  C18 . QG4 B 2 .   ? -0.754  -9.791  -15.177 1.00 36.26 ? 201 QG4 A C18 1 
HETATM 977  C  C22 . QG4 B 2 .   ? -0.192  -11.076 -17.113 1.00 44.25 ? 201 QG4 A C22 1 
HETATM 978  C  C21 . QG4 B 2 .   ? -1.125  -10.362 -17.931 1.00 43.17 ? 201 QG4 A C21 1 
HETATM 979  C  C20 . QG4 B 2 .   ? -1.884  -9.334  -17.307 1.00 48.93 ? 201 QG4 A C20 1 
HETATM 980  C  C19 . QG4 B 2 .   ? -1.701  -9.033  -15.909 1.00 40.35 ? 201 QG4 A C19 1 
HETATM 981  N  N7  . QG4 B 2 .   ? 0.299   -13.305 -13.420 1.00 31.74 ? 201 QG4 A N7  1 
HETATM 982  N  N8  . QG4 B 2 .   ? -0.866  -13.144 -13.025 1.00 33.28 ? 201 QG4 A N8  1 
HETATM 983  N  N9  . QG4 B 2 .   ? -2.022  -13.035 -12.600 1.00 32.73 ? 201 QG4 A N9  1 
HETATM 984  C  C   . ACT C 3 .   ? 2.689   -13.092 -16.741 1.00 24.91 ? 202 ACT A C   1 
HETATM 985  O  O   . ACT C 3 .   ? 2.377   -14.001 -17.605 1.00 28.58 ? 202 ACT A O   1 
HETATM 986  O  OXT . ACT C 3 .   ? 2.099   -12.875 -15.673 1.00 27.34 ? 202 ACT A OXT 1 
HETATM 987  C  CH3 . ACT C 3 .   ? 3.741   -12.171 -17.012 1.00 14.73 ? 202 ACT A CH3 1 
HETATM 988  C  C   . ACT D 3 .   ? 3.912   -22.884 -2.467  0.50 49.21 ? 203 ACT A C   1 
HETATM 989  O  O   . ACT D 3 .   ? 3.187   -23.812 -2.791  0.50 48.20 ? 203 ACT A O   1 
HETATM 990  O  OXT . ACT D 3 .   ? 4.228   -21.951 -3.201  0.50 47.36 ? 203 ACT A OXT 1 
HETATM 991  C  CH3 . ACT D 3 .   ? 4.413   -22.868 -1.050  0.50 48.12 ? 203 ACT A CH3 1 
HETATM 992  C  C   . ACT E 3 .   ? -8.271  -18.209 -8.596  0.50 51.53 ? 204 ACT A C   1 
HETATM 993  O  O   . ACT E 3 .   ? -7.446  -18.770 -9.329  0.50 51.73 ? 204 ACT A O   1 
HETATM 994  O  OXT . ACT E 3 .   ? -8.096  -18.032 -7.381  0.50 51.73 ? 204 ACT A OXT 1 
HETATM 995  C  CH3 . ACT E 3 .   ? -9.580  -17.708 -9.222  0.50 55.55 ? 204 ACT A CH3 1 
HETATM 996  O  O   . HOH F 4 .   ? -7.909  -9.030  11.264  1.00 42.93 ? 301 HOH A O   1 
HETATM 997  O  O   . HOH F 4 .   ? 3.353   -26.130 -3.276  1.00 38.06 ? 302 HOH A O   1 
HETATM 998  O  O   . HOH F 4 .   ? -6.351  -3.403  11.556  1.00 25.28 ? 303 HOH A O   1 
HETATM 999  O  O   . HOH F 4 .   ? -1.136  -23.207 -2.090  1.00 15.83 ? 304 HOH A O   1 
HETATM 1000 O  O   . HOH F 4 .   ? -3.206  -8.745  9.526   1.00 27.14 ? 305 HOH A O   1 
HETATM 1001 O  O   . HOH F 4 .   ? -10.032 -8.163  1.135   1.00 23.21 ? 306 HOH A O   1 
HETATM 1002 O  O   . HOH F 4 .   ? -12.495 -6.248  7.425   1.00 28.96 ? 307 HOH A O   1 
HETATM 1003 O  O   . HOH F 4 .   ? 6.260   -15.162 -12.936 1.00 37.46 ? 308 HOH A O   1 
HETATM 1004 O  O   . HOH F 4 .   ? 3.931   -18.290 -9.897  1.00 36.38 ? 309 HOH A O   1 
HETATM 1005 O  O   . HOH F 4 .   ? -12.559 6.763   5.352   1.00 22.49 ? 310 HOH A O   1 
HETATM 1006 O  O   . HOH F 4 .   ? -2.098  15.784  9.240   1.00 36.96 ? 311 HOH A O   1 
HETATM 1007 O  O   . HOH F 4 .   ? 0.855   -14.720 -4.528  1.00 13.89 ? 312 HOH A O   1 
HETATM 1008 O  O   . HOH F 4 .   ? 7.086   -2.517  -18.246 1.00 18.46 ? 313 HOH A O   1 
HETATM 1009 O  O   . HOH F 4 .   ? -4.549  -11.813 -1.192  1.00 16.47 ? 314 HOH A O   1 
HETATM 1010 O  O   . HOH F 4 .   ? -10.055 -11.093 5.094   1.00 41.65 ? 315 HOH A O   1 
HETATM 1011 O  O   . HOH F 4 .   ? -6.457  -18.880 1.176   1.00 46.67 ? 316 HOH A O   1 
HETATM 1012 O  O   . HOH F 4 .   ? -11.508 0.712   9.040   1.00 24.34 ? 317 HOH A O   1 
HETATM 1013 O  O   . HOH F 4 .   ? -1.582  19.615  6.707   1.00 34.53 ? 318 HOH A O   1 
HETATM 1014 O  O   . HOH F 4 .   ? 8.308   -2.236  8.875   1.00 41.75 ? 319 HOH A O   1 
HETATM 1015 O  O   . HOH F 4 .   ? -1.783  15.509  6.495   1.00 31.17 ? 320 HOH A O   1 
HETATM 1016 O  O   . HOH F 4 .   ? -7.681  -13.897 -0.008  1.00 30.59 ? 321 HOH A O   1 
HETATM 1017 O  O   . HOH F 4 .   ? 5.708   -9.207  1.186   1.00 12.97 ? 322 HOH A O   1 
HETATM 1018 O  O   . HOH F 4 .   ? 4.846   0.039   12.194  1.00 21.36 ? 323 HOH A O   1 
HETATM 1019 O  O   . HOH F 4 .   ? 8.345   -0.429  1.365   0.50 13.30 ? 324 HOH A O   1 
HETATM 1020 O  O   . HOH F 4 .   ? 12.674  -14.629 -22.806 1.00 36.82 ? 325 HOH A O   1 
HETATM 1021 O  O   . HOH F 4 .   ? 3.333   -8.028  8.935   1.00 24.44 ? 326 HOH A O   1 
HETATM 1022 O  O   . HOH F 4 .   ? -1.065  -15.590 4.660   1.00 22.20 ? 327 HOH A O   1 
HETATM 1023 O  O   . HOH F 4 .   ? -6.860  -9.172  5.451   1.00 21.39 ? 328 HOH A O   1 
HETATM 1024 O  O   . HOH F 4 .   ? -5.467  7.171   -6.187  1.00 30.85 ? 329 HOH A O   1 
HETATM 1025 O  O   . HOH F 4 .   ? -7.441  4.681   10.830  1.00 31.96 ? 330 HOH A O   1 
HETATM 1026 O  O   . HOH F 4 .   ? 9.088   9.966   8.785   1.00 16.29 ? 331 HOH A O   1 
HETATM 1027 O  O   . HOH F 4 .   ? 3.761   23.218  7.587   1.00 41.20 ? 332 HOH A O   1 
HETATM 1028 O  O   . HOH F 4 .   ? 3.883   14.540  3.940   1.00 14.12 ? 333 HOH A O   1 
HETATM 1029 O  O   . HOH F 4 .   ? -7.771  -13.211 -7.122  1.00 33.63 ? 334 HOH A O   1 
HETATM 1030 O  O   . HOH F 4 .   ? -4.859  13.135  -2.313  1.00 37.11 ? 335 HOH A O   1 
HETATM 1031 O  O   . HOH F 4 .   ? 12.095  -4.450  -15.343 1.00 19.53 ? 336 HOH A O   1 
HETATM 1032 O  O   . HOH F 4 .   ? -0.218  3.814   15.893  1.00 39.09 ? 337 HOH A O   1 
HETATM 1033 O  O   . HOH F 4 .   ? 15.181  -9.396  -16.295 1.00 39.13 ? 338 HOH A O   1 
HETATM 1034 O  O   . HOH F 4 .   ? -4.477  12.270  11.337  1.00 36.84 ? 339 HOH A O   1 
HETATM 1035 O  O   . HOH F 4 .   ? -12.147 2.712   -1.711  1.00 45.24 ? 340 HOH A O   1 
HETATM 1036 O  O   . HOH F 4 .   ? 10.918  1.376   9.041   1.00 24.41 ? 341 HOH A O   1 
HETATM 1037 O  O   . HOH F 4 .   ? 9.823   -9.406  -25.819 1.00 26.51 ? 342 HOH A O   1 
HETATM 1038 O  O   . HOH F 4 .   ? -0.647  -3.976  11.603  1.00 38.85 ? 343 HOH A O   1 
HETATM 1039 O  O   . HOH F 4 .   ? -5.077  17.366  2.124   1.00 38.14 ? 344 HOH A O   1 
HETATM 1040 O  O   . HOH F 4 .   ? 0.477   8.922   -5.837  1.00 15.85 ? 345 HOH A O   1 
HETATM 1041 O  O   . HOH F 4 .   ? -13.128 8.204   7.919   1.00 27.73 ? 346 HOH A O   1 
HETATM 1042 O  O   . HOH F 4 .   ? 13.730  -7.122  -25.644 1.00 30.47 ? 347 HOH A O   1 
HETATM 1043 O  O   . HOH F 4 .   ? 9.012   -15.502 -23.121 1.00 40.56 ? 348 HOH A O   1 
HETATM 1044 O  O   . HOH F 4 .   ? -11.512 -7.559  5.023   1.00 27.76 ? 349 HOH A O   1 
HETATM 1045 O  O   . HOH F 4 .   ? 2.105   11.807  10.193  1.00 21.04 ? 350 HOH A O   1 
HETATM 1046 O  O   . HOH F 4 .   ? 17.513  -12.944 -19.170 1.00 35.81 ? 351 HOH A O   1 
HETATM 1047 O  O   . HOH F 4 .   ? 10.313  -2.056  -18.152 1.00 24.85 ? 352 HOH A O   1 
HETATM 1048 O  O   . HOH F 4 .   ? 5.073   -11.862 -19.126 1.00 33.79 ? 353 HOH A O   1 
HETATM 1049 O  O   . HOH F 4 .   ? -3.589  -2.244  12.243  1.00 37.21 ? 354 HOH A O   1 
HETATM 1050 O  O   . HOH F 4 .   ? 11.398  8.891   7.731   1.00 17.75 ? 355 HOH A O   1 
HETATM 1051 O  O   . HOH F 4 .   ? 6.897   -20.771 -9.672  1.00 41.77 ? 356 HOH A O   1 
HETATM 1052 O  O   . HOH F 4 .   ? 4.017   -12.533 2.880   1.00 14.09 ? 357 HOH A O   1 
HETATM 1053 O  O   . HOH F 4 .   ? -3.522  11.272  13.737  1.00 40.87 ? 358 HOH A O   1 
HETATM 1054 O  O   . HOH F 4 .   ? 2.014   -14.309 -11.338 1.00 22.78 ? 359 HOH A O   1 
HETATM 1055 O  O   . HOH F 4 .   ? -6.224  -0.915  -9.329  1.00 25.91 ? 360 HOH A O   1 
HETATM 1056 O  O   . HOH F 4 .   ? -7.852  5.857   -7.594  1.00 22.98 ? 361 HOH A O   1 
HETATM 1057 O  O   . HOH F 4 .   ? -9.088  12.486  -0.713  1.00 37.52 ? 362 HOH A O   1 
HETATM 1058 O  O   . HOH F 4 .   ? 1.334   -17.084 4.536   1.00 30.23 ? 363 HOH A O   1 
HETATM 1059 O  O   . HOH F 4 .   ? -11.053 -11.332 -8.452  1.00 44.66 ? 364 HOH A O   1 
HETATM 1060 O  O   . HOH F 4 .   ? 7.349   -13.138 -16.282 1.00 37.66 ? 365 HOH A O   1 
HETATM 1061 O  O   . HOH F 4 .   ? 5.182   14.957  14.714  1.00 46.02 ? 366 HOH A O   1 
HETATM 1062 O  O   . HOH F 4 .   ? 1.501   26.581  2.579   1.00 52.35 ? 367 HOH A O   1 
HETATM 1063 O  O   . HOH F 4 .   ? 22.908  -9.444  -17.297 1.00 39.84 ? 368 HOH A O   1 
HETATM 1064 O  O   . HOH F 4 .   ? 2.931   17.374  4.214   1.00 22.02 ? 369 HOH A O   1 
HETATM 1065 O  O   . HOH F 4 .   ? -5.780  1.033   -11.237 1.00 16.87 ? 370 HOH A O   1 
HETATM 1066 O  O   . HOH F 4 .   ? -8.788  -0.607  -9.953  1.00 19.77 ? 371 HOH A O   1 
HETATM 1067 O  O   . HOH F 4 .   ? 9.809   -13.871 -25.134 1.00 49.34 ? 372 HOH A O   1 
HETATM 1068 O  O   . HOH F 4 .   ? 5.520   3.718   17.738  1.00 38.13 ? 373 HOH A O   1 
HETATM 1069 O  O   . HOH F 4 .   ? 6.802   -12.661 -5.170  1.00 13.52 ? 374 HOH A O   1 
HETATM 1070 O  O   . HOH F 4 .   ? 13.027  -6.031  -22.710 1.00 21.08 ? 375 HOH A O   1 
HETATM 1071 O  O   . HOH F 4 .   ? -8.461  -11.490 -10.533 1.00 27.60 ? 376 HOH A O   1 
HETATM 1072 O  O   . HOH F 4 .   ? -13.823 16.181  9.450   1.00 49.78 ? 377 HOH A O   1 
HETATM 1073 O  O   . HOH F 4 .   ? 1.426   -19.088 -9.192  1.00 33.41 ? 378 HOH A O   1 
HETATM 1074 O  O   . HOH F 4 .   ? 9.788   -13.326 -18.784 1.00 23.46 ? 379 HOH A O   1 
HETATM 1075 O  O   . HOH F 4 .   ? 16.383  -12.818 -22.125 1.00 26.36 ? 380 HOH A O   1 
HETATM 1076 O  O   . HOH F 4 .   ? -7.125  -15.470 4.732   1.00 48.08 ? 381 HOH A O   1 
HETATM 1077 O  O   . HOH F 4 .   ? -0.366  25.988  10.213  1.00 49.09 ? 382 HOH A O   1 
HETATM 1078 O  O   . HOH F 4 .   ? -4.643  -7.702  5.131   1.00 17.12 ? 383 HOH A O   1 
HETATM 1079 O  O   . HOH F 4 .   ? 1.994   -4.759  12.008  1.00 42.85 ? 384 HOH A O   1 
HETATM 1080 O  O   . HOH F 4 .   ? 9.146   -14.746 -12.722 1.00 25.81 ? 385 HOH A O   1 
HETATM 1081 O  O   . HOH F 4 .   ? 3.448   21.760  2.100   1.00 45.80 ? 386 HOH A O   1 
HETATM 1082 O  O   . HOH F 4 .   ? 13.286  6.302   12.024  1.00 47.44 ? 387 HOH A O   1 
HETATM 1083 O  O   . HOH F 4 .   ? -6.612  3.315   -15.011 1.00 32.43 ? 388 HOH A O   1 
HETATM 1084 O  O   . HOH F 4 .   ? 7.938   -19.969 -3.533  1.00 37.48 ? 389 HOH A O   1 
HETATM 1085 O  O   . HOH F 4 .   ? -4.774  15.728  5.696   1.00 36.68 ? 390 HOH A O   1 
HETATM 1086 O  O   . HOH F 4 .   ? -1.836  9.864   -5.083  1.00 24.67 ? 391 HOH A O   1 
HETATM 1087 O  O   . HOH F 4 .   ? -9.583  4.102   -13.884 1.00 42.05 ? 392 HOH A O   1 
HETATM 1088 O  O   . HOH F 4 .   ? -9.032  -9.073  7.409   1.00 30.00 ? 393 HOH A O   1 
HETATM 1089 O  O   . HOH F 4 .   ? -15.404 1.655   -4.353  1.00 39.76 ? 394 HOH A O   1 
HETATM 1090 O  O   . HOH F 4 .   ? -7.708  -20.485 -3.047  1.00 49.33 ? 395 HOH A O   1 
HETATM 1091 O  O   . HOH F 4 .   ? 1.195   -12.243 6.514   1.00 30.71 ? 396 HOH A O   1 
HETATM 1092 O  O   . HOH F 4 .   ? -5.012  18.277  6.606   1.00 49.06 ? 397 HOH A O   1 
HETATM 1093 O  O   . HOH F 4 .   ? 14.343  -4.136  -22.104 1.00 34.04 ? 398 HOH A O   1 
HETATM 1094 O  O   . HOH F 4 .   ? 4.156   1.505   16.682  1.00 44.70 ? 399 HOH A O   1 
HETATM 1095 O  O   . HOH F 4 .   ? 15.199  -14.788 -23.215 1.00 47.20 ? 400 HOH A O   1 
HETATM 1096 O  O   . HOH F 4 .   ? 1.984   -7.689  10.974  1.00 48.10 ? 401 HOH A O   1 
HETATM 1097 O  O   . HOH F 4 .   ? -10.904 -11.554 -1.473  1.00 56.52 ? 402 HOH A O   1 
HETATM 1098 O  O   . HOH F 4 .   ? -4.606  -10.344 -14.677 1.00 28.04 ? 403 HOH A O   1 
HETATM 1099 O  O   . HOH F 4 .   ? 2.280   -10.671 9.034   1.00 31.79 ? 404 HOH A O   1 
HETATM 1100 O  O   . HOH F 4 .   ? -0.482  28.440  10.677  1.00 51.19 ? 405 HOH A O   1 
HETATM 1101 O  O   . HOH F 4 .   ? 4.784   -11.924 9.380   1.00 45.74 ? 406 HOH A O   1 
HETATM 1102 O  O   . HOH F 4 .   ? 0.342   29.834  8.318   1.00 48.31 ? 407 HOH A O   1 
# 
loop_
_pdbx_poly_seq_scheme.asym_id 
_pdbx_poly_seq_scheme.entity_id 
_pdbx_poly_seq_scheme.seq_id 
_pdbx_poly_seq_scheme.mon_id 
_pdbx_poly_seq_scheme.ndb_seq_num 
_pdbx_poly_seq_scheme.pdb_seq_num 
_pdbx_poly_seq_scheme.auth_seq_num 
_pdbx_poly_seq_scheme.pdb_mon_id 
_pdbx_poly_seq_scheme.auth_mon_id 
_pdbx_poly_seq_scheme.pdb_strand_id 
_pdbx_poly_seq_scheme.pdb_ins_code 
_pdbx_poly_seq_scheme.hetero 
A 1 1   MET 1   1   ?   ?   ?   A . n 
A 1 2   ALA 2   2   ?   ?   ?   A . n 
A 1 3   SER 3   3   ?   ?   ?   A . n 
A 1 4   MET 4   4   ?   ?   ?   A . n 
A 1 5   THR 5   5   ?   ?   ?   A . n 
A 1 6   GLY 6   6   ?   ?   ?   A . n 
A 1 7   GLY 7   7   ?   ?   ?   A . n 
A 1 8   GLN 8   8   ?   ?   ?   A . n 
A 1 9   GLN 9   9   ?   ?   ?   A . n 
A 1 10  MET 10  10  ?   ?   ?   A . n 
A 1 11  GLY 11  11  11  GLY GLY A . n 
A 1 12  ARG 12  12  12  ARG ARG A . n 
A 1 13  ASP 13  13  13  ASP ASP A . n 
A 1 14  GLU 14  14  14  GLU GLU A . n 
A 1 15  ALA 15  15  15  ALA ALA A . n 
A 1 16  GLY 16  16  16  GLY GLY A . n 
A 1 17  ILE 17  17  17  ILE ILE A . n 
A 1 18  THR 18  18  18  THR THR A . n 
A 1 19  GLY 19  19  19  GLY GLY A . n 
A 1 20  THR 20  20  20  THR THR A . n 
A 1 21  TRP 21  21  21  TRP TRP A . n 
A 1 22  TYR 22  22  22  TYR TYR A . n 
A 1 23  ASN 23  23  23  ASN ASN A . n 
A 1 24  GLN 24  24  24  GLN GLN A . n 
A 1 25  LEU 25  25  25  LEU LEU A . n 
A 1 26  GLY 26  26  26  GLY GLY A . n 
A 1 27  SER 27  27  27  SER SER A . n 
A 1 28  THR 28  28  28  THR THR A . n 
A 1 29  PHE 29  29  29  PHE PHE A . n 
A 1 30  ILE 30  30  30  ILE ILE A . n 
A 1 31  VAL 31  31  31  VAL VAL A . n 
A 1 32  THR 32  32  32  THR THR A . n 
A 1 33  ALA 33  33  33  ALA ALA A . n 
A 1 34  GLY 34  34  34  GLY GLY A . n 
A 1 35  ALA 35  35  35  ALA ALA A . n 
A 1 36  ASP 36  36  36  ASP ASP A . n 
A 1 37  GLY 37  37  37  GLY GLY A . n 
A 1 38  ALA 38  38  38  ALA ALA A . n 
A 1 39  LEU 39  39  39  LEU LEU A . n 
A 1 40  THR 40  40  40  THR THR A . n 
A 1 41  GLY 41  41  41  GLY GLY A . n 
A 1 42  THR 42  42  42  THR THR A . n 
A 1 43  TYR 43  43  43  TYR TYR A . n 
A 1 44  GLU 44  44  44  GLU GLU A . n 
A 1 45  SER 45  45  45  SER SER A . n 
A 1 46  ALA 46  46  46  ALA ALA A . n 
A 1 47  VAL 47  47  47  VAL VAL A . n 
A 1 48  GLY 48  48  48  GLY GLY A . n 
A 1 49  ASN 49  49  49  ASN ASN A . n 
A 1 50  ALA 50  50  50  ALA ALA A . n 
A 1 51  GLU 51  51  51  GLU GLU A . n 
A 1 52  SER 52  52  52  SER SER A . n 
A 1 53  ARG 53  53  53  ARG ARG A . n 
A 1 54  TYR 54  54  54  TYR TYR A . n 
A 1 55  VAL 55  55  55  VAL VAL A . n 
A 1 56  LEU 56  56  56  LEU LEU A . n 
A 1 57  THR 57  57  57  THR THR A . n 
A 1 58  GLY 58  58  58  GLY GLY A . n 
A 1 59  ARG 59  59  59  ARG ARG A . n 
A 1 60  TYR 60  60  60  TYR TYR A . n 
A 1 61  ASP 61  61  61  ASP ASP A . n 
A 1 62  SER 62  62  62  SER SER A . n 
A 1 63  ALA 63  63  63  ALA ALA A . n 
A 1 64  PRO 64  64  64  PRO PRO A . n 
A 1 65  ALA 65  65  65  ALA ALA A . n 
A 1 66  THR 66  66  66  THR THR A . n 
A 1 67  ASP 67  67  67  ASP ASP A . n 
A 1 68  GLY 68  68  68  GLY GLY A . n 
A 1 69  SER 69  69  69  SER SER A . n 
A 1 70  GLY 70  70  70  GLY GLY A . n 
A 1 71  THR 71  71  71  THR THR A . n 
A 1 72  ALA 72  72  72  ALA ALA A . n 
A 1 73  LEU 73  73  73  LEU LEU A . n 
A 1 74  GLY 74  74  74  GLY GLY A . n 
A 1 75  TRP 75  75  75  TRP TRP A . n 
A 1 76  THR 76  76  76  THR THR A . n 
A 1 77  VAL 77  77  77  VAL VAL A . n 
A 1 78  ALA 78  78  78  ALA ALA A . n 
A 1 79  TRP 79  79  79  TRP TRP A . n 
A 1 80  LYS 80  80  80  LYS LYS A . n 
A 1 81  ASN 81  81  81  ASN ASN A . n 
A 1 82  ASN 82  82  82  ASN ASN A . n 
A 1 83  TYR 83  83  83  TYR TYR A . n 
A 1 84  ARG 84  84  84  ARG ARG A . n 
A 1 85  ASN 85  85  85  ASN ASN A . n 
A 1 86  ALA 86  86  86  ALA ALA A . n 
A 1 87  HIS 87  87  87  HIS HIS A . n 
A 1 88  SER 88  88  88  SER SER A . n 
A 1 89  ALA 89  89  89  ALA ALA A . n 
A 1 90  THR 90  90  90  THR THR A . n 
A 1 91  THR 91  91  91  THR THR A . n 
A 1 92  TRP 92  92  92  TRP TRP A . n 
A 1 93  SER 93  93  93  SER SER A . n 
A 1 94  GLY 94  94  94  GLY GLY A . n 
A 1 95  GLN 95  95  95  GLN GLN A . n 
A 1 96  TYR 96  96  96  TYR TYR A . n 
A 1 97  VAL 97  97  97  VAL VAL A . n 
A 1 98  GLY 98  98  98  GLY GLY A . n 
A 1 99  GLY 99  99  99  GLY GLY A . n 
A 1 100 ALA 100 100 100 ALA ALA A . n 
A 1 101 GLN 101 101 101 GLN GLN A . n 
A 1 102 ALA 102 102 102 ALA ALA A . n 
A 1 103 ARG 103 103 103 ARG ARG A . n 
A 1 104 ILE 104 104 104 ILE ILE A . n 
A 1 105 ASN 105 105 105 ASN ASN A . n 
A 1 106 THR 106 106 106 THR THR A . n 
A 1 107 GLN 107 107 107 GLN GLN A . n 
A 1 108 TRP 108 108 108 TRP TRP A . n 
A 1 109 LEU 109 109 109 LEU LEU A . n 
A 1 110 LEU 110 110 110 LEU LEU A . n 
A 1 111 THR 111 111 111 THR THR A . n 
A 1 112 GLU 112 112 112 GLU GLU A . n 
A 1 113 GLY 113 113 113 GLY GLY A . n 
A 1 114 THR 114 114 114 THR THR A . n 
A 1 115 THR 115 115 115 THR THR A . n 
A 1 116 GLU 116 116 116 GLU GLU A . n 
A 1 117 ALA 117 117 117 ALA ALA A . n 
A 1 118 ASN 118 118 118 ASN ASN A . n 
A 1 119 ALA 119 119 119 ALA ALA A . n 
A 1 120 TRP 120 120 120 TRP TRP A . n 
A 1 121 ALA 121 121 121 ALA ALA A . n 
A 1 122 SER 122 122 122 SER SER A . n 
A 1 123 THR 123 123 123 THR THR A . n 
A 1 124 LEU 124 124 124 LEU LEU A . n 
A 1 125 VAL 125 125 125 VAL VAL A . n 
A 1 126 GLY 126 126 126 GLY GLY A . n 
A 1 127 HIS 127 127 127 HIS HIS A . n 
A 1 128 ASP 128 128 128 ASP ASP A . n 
A 1 129 THR 129 129 129 THR THR A . n 
A 1 130 PHE 130 130 130 PHE PHE A . n 
A 1 131 THR 131 131 131 THR THR A . n 
A 1 132 LYS 132 132 132 LYS LYS A . n 
A 1 133 VAL 133 133 133 VAL VAL A . n 
A 1 134 LYS 134 134 134 LYS LYS A . n 
A 1 135 PRO 135 135 ?   ?   ?   A . n 
A 1 136 SER 136 136 ?   ?   ?   A . n 
A 1 137 ALA 137 137 ?   ?   ?   A . n 
A 1 138 ALA 138 138 ?   ?   ?   A . n 
A 1 139 SER 139 139 ?   ?   ?   A . n 
A 1 140 ILE 140 140 ?   ?   ?   A . n 
A 1 141 ASP 141 141 ?   ?   ?   A . n 
A 1 142 ALA 142 142 ?   ?   ?   A . n 
A 1 143 ALA 143 143 ?   ?   ?   A . n 
A 1 144 LYS 144 144 ?   ?   ?   A . n 
A 1 145 LYS 145 145 ?   ?   ?   A . n 
A 1 146 ALA 146 146 ?   ?   ?   A . n 
A 1 147 GLY 147 147 ?   ?   ?   A . n 
A 1 148 VAL 148 148 ?   ?   ?   A . n 
A 1 149 ASN 149 149 ?   ?   ?   A . n 
A 1 150 ASN 150 150 ?   ?   ?   A . n 
A 1 151 GLY 151 151 ?   ?   ?   A . n 
A 1 152 ASN 152 152 ?   ?   ?   A . n 
A 1 153 PRO 153 153 ?   ?   ?   A . n 
A 1 154 LEU 154 154 ?   ?   ?   A . n 
A 1 155 ASP 155 155 ?   ?   ?   A . n 
A 1 156 ALA 156 156 ?   ?   ?   A . n 
A 1 157 VAL 157 157 ?   ?   ?   A . n 
A 1 158 GLN 158 158 ?   ?   ?   A . n 
A 1 159 GLN 159 159 ?   ?   ?   A . n 
# 
loop_
_pdbx_nonpoly_scheme.asym_id 
_pdbx_nonpoly_scheme.entity_id 
_pdbx_nonpoly_scheme.mon_id 
_pdbx_nonpoly_scheme.ndb_seq_num 
_pdbx_nonpoly_scheme.pdb_seq_num 
_pdbx_nonpoly_scheme.auth_seq_num 
_pdbx_nonpoly_scheme.pdb_mon_id 
_pdbx_nonpoly_scheme.auth_mon_id 
_pdbx_nonpoly_scheme.pdb_strand_id 
_pdbx_nonpoly_scheme.pdb_ins_code 
B 2 QG4 1   201 1   QG4 KM4 A . 
C 3 ACT 1   202 1   ACT ACT A . 
D 3 ACT 1   203 2   ACT ACT A . 
E 3 ACT 1   204 3   ACT ACT A . 
F 4 HOH 1   301 99  HOH HOH A . 
F 4 HOH 2   302 142 HOH HOH A . 
F 4 HOH 3   303 50  HOH HOH A . 
F 4 HOH 4   304 17  HOH HOH A . 
F 4 HOH 5   305 47  HOH HOH A . 
F 4 HOH 6   306 41  HOH HOH A . 
F 4 HOH 7   307 38  HOH HOH A . 
F 4 HOH 8   308 62  HOH HOH A . 
F 4 HOH 9   309 49  HOH HOH A . 
F 4 HOH 10  310 52  HOH HOH A . 
F 4 HOH 11  311 44  HOH HOH A . 
F 4 HOH 12  312 3   HOH HOH A . 
F 4 HOH 13  313 16  HOH HOH A . 
F 4 HOH 14  314 27  HOH HOH A . 
F 4 HOH 15  315 46  HOH HOH A . 
F 4 HOH 16  316 45  HOH HOH A . 
F 4 HOH 17  317 4   HOH HOH A . 
F 4 HOH 18  318 34  HOH HOH A . 
F 4 HOH 19  319 58  HOH HOH A . 
F 4 HOH 20  320 73  HOH HOH A . 
F 4 HOH 21  321 26  HOH HOH A . 
F 4 HOH 22  322 6   HOH HOH A . 
F 4 HOH 23  323 31  HOH HOH A . 
F 4 HOH 24  324 18  HOH HOH A . 
F 4 HOH 25  325 66  HOH HOH A . 
F 4 HOH 26  326 19  HOH HOH A . 
F 4 HOH 27  327 30  HOH HOH A . 
F 4 HOH 28  328 23  HOH HOH A . 
F 4 HOH 29  329 33  HOH HOH A . 
F 4 HOH 30  330 15  HOH HOH A . 
F 4 HOH 31  331 24  HOH HOH A . 
F 4 HOH 32  332 59  HOH HOH A . 
F 4 HOH 33  333 7   HOH HOH A . 
F 4 HOH 34  334 39  HOH HOH A . 
F 4 HOH 35  335 80  HOH HOH A . 
F 4 HOH 36  336 22  HOH HOH A . 
F 4 HOH 37  337 124 HOH HOH A . 
F 4 HOH 38  338 110 HOH HOH A . 
F 4 HOH 39  339 104 HOH HOH A . 
F 4 HOH 40  340 126 HOH HOH A . 
F 4 HOH 41  341 42  HOH HOH A . 
F 4 HOH 42  342 35  HOH HOH A . 
F 4 HOH 43  343 88  HOH HOH A . 
F 4 HOH 44  344 86  HOH HOH A . 
F 4 HOH 45  345 25  HOH HOH A . 
F 4 HOH 46  346 75  HOH HOH A . 
F 4 HOH 47  347 55  HOH HOH A . 
F 4 HOH 48  348 84  HOH HOH A . 
F 4 HOH 49  349 51  HOH HOH A . 
F 4 HOH 50  350 13  HOH HOH A . 
F 4 HOH 51  351 53  HOH HOH A . 
F 4 HOH 52  352 36  HOH HOH A . 
F 4 HOH 53  353 2   HOH HOH A . 
F 4 HOH 54  354 61  HOH HOH A . 
F 4 HOH 55  355 14  HOH HOH A . 
F 4 HOH 56  356 11  HOH HOH A . 
F 4 HOH 57  357 12  HOH HOH A . 
F 4 HOH 58  358 139 HOH HOH A . 
F 4 HOH 59  359 1   HOH HOH A . 
F 4 HOH 60  360 54  HOH HOH A . 
F 4 HOH 61  361 9   HOH HOH A . 
F 4 HOH 62  362 56  HOH HOH A . 
F 4 HOH 63  363 40  HOH HOH A . 
F 4 HOH 64  364 70  HOH HOH A . 
F 4 HOH 65  365 143 HOH HOH A . 
F 4 HOH 66  366 92  HOH HOH A . 
F 4 HOH 67  367 87  HOH HOH A . 
F 4 HOH 68  368 81  HOH HOH A . 
F 4 HOH 69  369 140 HOH HOH A . 
F 4 HOH 70  370 21  HOH HOH A . 
F 4 HOH 71  371 5   HOH HOH A . 
F 4 HOH 72  372 133 HOH HOH A . 
F 4 HOH 73  373 43  HOH HOH A . 
F 4 HOH 74  374 138 HOH HOH A . 
F 4 HOH 75  375 8   HOH HOH A . 
F 4 HOH 76  376 29  HOH HOH A . 
F 4 HOH 77  377 68  HOH HOH A . 
F 4 HOH 78  378 64  HOH HOH A . 
F 4 HOH 79  379 37  HOH HOH A . 
F 4 HOH 80  380 32  HOH HOH A . 
F 4 HOH 81  381 63  HOH HOH A . 
F 4 HOH 82  382 98  HOH HOH A . 
F 4 HOH 83  383 20  HOH HOH A . 
F 4 HOH 84  384 78  HOH HOH A . 
F 4 HOH 85  385 141 HOH HOH A . 
F 4 HOH 86  386 67  HOH HOH A . 
F 4 HOH 87  387 108 HOH HOH A . 
F 4 HOH 88  388 89  HOH HOH A . 
F 4 HOH 89  389 10  HOH HOH A . 
F 4 HOH 90  390 74  HOH HOH A . 
F 4 HOH 91  391 48  HOH HOH A . 
F 4 HOH 92  392 113 HOH HOH A . 
F 4 HOH 93  393 144 HOH HOH A . 
F 4 HOH 94  394 97  HOH HOH A . 
F 4 HOH 95  395 28  HOH HOH A . 
F 4 HOH 96  396 128 HOH HOH A . 
F 4 HOH 97  397 109 HOH HOH A . 
F 4 HOH 98  398 121 HOH HOH A . 
F 4 HOH 99  399 91  HOH HOH A . 
F 4 HOH 100 400 96  HOH HOH A . 
F 4 HOH 101 401 105 HOH HOH A . 
F 4 HOH 102 402 129 HOH HOH A . 
F 4 HOH 103 403 137 HOH HOH A . 
F 4 HOH 104 404 60  HOH HOH A . 
F 4 HOH 105 405 130 HOH HOH A . 
F 4 HOH 106 406 82  HOH HOH A . 
F 4 HOH 107 407 136 HOH HOH A . 
# 
_pdbx_struct_assembly.id                   1 
_pdbx_struct_assembly.details              author_and_software_defined_assembly 
_pdbx_struct_assembly.method_details       PISA 
_pdbx_struct_assembly.oligomeric_details   tetrameric 
_pdbx_struct_assembly.oligomeric_count     4 
# 
_pdbx_struct_assembly_gen.assembly_id       1 
_pdbx_struct_assembly_gen.oper_expression   1,2,3,4 
_pdbx_struct_assembly_gen.asym_id_list      A,B,C,D,E,F 
# 
loop_
_pdbx_struct_assembly_prop.biol_id 
_pdbx_struct_assembly_prop.type 
_pdbx_struct_assembly_prop.value 
_pdbx_struct_assembly_prop.details 
1 'ABSA (A^2)' 10980 ? 
1 MORE         -60   ? 
1 'SSA (A^2)'  19300 ? 
# 
loop_
_pdbx_struct_oper_list.id 
_pdbx_struct_oper_list.type 
_pdbx_struct_oper_list.name 
_pdbx_struct_oper_list.symmetry_operation 
_pdbx_struct_oper_list.matrix[1][1] 
_pdbx_struct_oper_list.matrix[1][2] 
_pdbx_struct_oper_list.matrix[1][3] 
_pdbx_struct_oper_list.vector[1] 
_pdbx_struct_oper_list.matrix[2][1] 
_pdbx_struct_oper_list.matrix[2][2] 
_pdbx_struct_oper_list.matrix[2][3] 
_pdbx_struct_oper_list.vector[2] 
_pdbx_struct_oper_list.matrix[3][1] 
_pdbx_struct_oper_list.matrix[3][2] 
_pdbx_struct_oper_list.matrix[3][3] 
_pdbx_struct_oper_list.vector[3] 
1 'identity operation'         1_555  x,y,z        1.0000000000  0.0000000000  0.0000000000  0.0000000000  0.0000000000  1.0000000000  0.0000000000  0.0000000000  0.0000000000  0.0000000000  1.0000000000  0.0000000000   
2 'crystal symmetry operation' 8_665  -y+1,-x+1,-z 0.7663806464  -0.2149333979 -0.6053629815 -6.4930549190 -0.2149333979 -0.9738468797 0.0736606364  12.8192265132 -0.6053629815 0.0736606364  -0.7925337666 -23.4974501122 
3 'crystal symmetry operation' 10_665 -x+1,-y+1,z  -0.9078820689 0.3995482155  0.1269305812  6.7429396803  0.3995482155  0.7329826519  0.5505430551  7.7724754885  0.1269305812  0.5505430551  -0.8251005830 -29.3595469996 
4 'crystal symmetry operation' 15_555 y,x,-z       -0.8584985774 -0.1846148176 0.4784324003  14.7772218918 -0.1846148176 -0.7591357722 -0.6242036915 1.6380996568  0.4784324003  -0.6242036915 0.6176343497  -3.7384183193 
# 
loop_
_pdbx_struct_special_symmetry.id 
_pdbx_struct_special_symmetry.PDB_model_num 
_pdbx_struct_special_symmetry.auth_asym_id 
_pdbx_struct_special_symmetry.auth_comp_id 
_pdbx_struct_special_symmetry.auth_seq_id 
_pdbx_struct_special_symmetry.PDB_ins_code 
_pdbx_struct_special_symmetry.label_asym_id 
_pdbx_struct_special_symmetry.label_comp_id 
_pdbx_struct_special_symmetry.label_seq_id 
1 1 A ACT 204 ? E ACT . 
2 1 A ACT 204 ? E ACT . 
3 1 A HOH 324 ? F HOH . 
# 
loop_
_pdbx_struct_conn_angle.id 
_pdbx_struct_conn_angle.ptnr1_label_atom_id 
_pdbx_struct_conn_angle.ptnr1_label_alt_id 
_pdbx_struct_conn_angle.ptnr1_label_asym_id 
_pdbx_struct_conn_angle.ptnr1_label_comp_id 
_pdbx_struct_conn_angle.ptnr1_label_seq_id 
_pdbx_struct_conn_angle.ptnr1_auth_atom_id 
_pdbx_struct_conn_angle.ptnr1_auth_asym_id 
_pdbx_struct_conn_angle.ptnr1_auth_comp_id 
_pdbx_struct_conn_angle.ptnr1_auth_seq_id 
_pdbx_struct_conn_angle.ptnr1_PDB_ins_code 
_pdbx_struct_conn_angle.ptnr1_symmetry 
_pdbx_struct_conn_angle.ptnr2_label_atom_id 
_pdbx_struct_conn_angle.ptnr2_label_alt_id 
_pdbx_struct_conn_angle.ptnr2_label_asym_id 
_pdbx_struct_conn_angle.ptnr2_label_comp_id 
_pdbx_struct_conn_angle.ptnr2_label_seq_id 
_pdbx_struct_conn_angle.ptnr2_auth_atom_id 
_pdbx_struct_conn_angle.ptnr2_auth_asym_id 
_pdbx_struct_conn_angle.ptnr2_auth_comp_id 
_pdbx_struct_conn_angle.ptnr2_auth_seq_id 
_pdbx_struct_conn_angle.ptnr2_PDB_ins_code 
_pdbx_struct_conn_angle.ptnr2_symmetry 
_pdbx_struct_conn_angle.ptnr3_label_atom_id 
_pdbx_struct_conn_angle.ptnr3_label_alt_id 
_pdbx_struct_conn_angle.ptnr3_label_asym_id 
_pdbx_struct_conn_angle.ptnr3_label_comp_id 
_pdbx_struct_conn_angle.ptnr3_label_seq_id 
_pdbx_struct_conn_angle.ptnr3_auth_atom_id 
_pdbx_struct_conn_angle.ptnr3_auth_asym_id 
_pdbx_struct_conn_angle.ptnr3_auth_comp_id 
_pdbx_struct_conn_angle.ptnr3_auth_seq_id 
_pdbx_struct_conn_angle.ptnr3_PDB_ins_code 
_pdbx_struct_conn_angle.ptnr3_symmetry 
_pdbx_struct_conn_angle.value 
_pdbx_struct_conn_angle.value_esd 
1  OE1 A A GLU 112 ? A GLU 112 ? 1_555 FE1 ? B QG4 . ? A QG4 201 ? 1_555 N7  ? B QG4 . ? A QG4 201 ? 1_555 110.0 ? 
2  OE1 A A GLU 112 ? A GLU 112 ? 1_555 FE1 ? B QG4 . ? A QG4 201 ? 1_555 N5  ? B QG4 . ? A QG4 201 ? 1_555 146.3 ? 
3  N7  ? B QG4 .   ? A QG4 201 ? 1_555 FE1 ? B QG4 . ? A QG4 201 ? 1_555 N5  ? B QG4 . ? A QG4 201 ? 1_555 103.5 ? 
4  OE1 A A GLU 112 ? A GLU 112 ? 1_555 FE1 ? B QG4 . ? A QG4 201 ? 1_555 N3  ? B QG4 . ? A QG4 201 ? 1_555 95.1  ? 
5  N7  ? B QG4 .   ? A QG4 201 ? 1_555 FE1 ? B QG4 . ? A QG4 201 ? 1_555 N3  ? B QG4 . ? A QG4 201 ? 1_555 100.7 ? 
6  N5  ? B QG4 .   ? A QG4 201 ? 1_555 FE1 ? B QG4 . ? A QG4 201 ? 1_555 N3  ? B QG4 . ? A QG4 201 ? 1_555 82.6  ? 
7  OE1 A A GLU 112 ? A GLU 112 ? 1_555 FE1 ? B QG4 . ? A QG4 201 ? 1_555 N4  ? B QG4 . ? A QG4 201 ? 1_555 75.1  ? 
8  N7  ? B QG4 .   ? A QG4 201 ? 1_555 FE1 ? B QG4 . ? A QG4 201 ? 1_555 N4  ? B QG4 . ? A QG4 201 ? 1_555 175.0 ? 
9  N5  ? B QG4 .   ? A QG4 201 ? 1_555 FE1 ? B QG4 . ? A QG4 201 ? 1_555 N4  ? B QG4 . ? A QG4 201 ? 1_555 71.5  ? 
10 N3  ? B QG4 .   ? A QG4 201 ? 1_555 FE1 ? B QG4 . ? A QG4 201 ? 1_555 N4  ? B QG4 . ? A QG4 201 ? 1_555 78.9  ? 
11 OE1 A A GLU 112 ? A GLU 112 ? 1_555 FE1 ? B QG4 . ? A QG4 201 ? 1_555 OXT ? C ACT . ? A ACT 202 ? 1_555 87.2  ? 
12 N7  ? B QG4 .   ? A QG4 201 ? 1_555 FE1 ? B QG4 . ? A QG4 201 ? 1_555 OXT ? C ACT . ? A ACT 202 ? 1_555 89.0  ? 
13 N5  ? B QG4 .   ? A QG4 201 ? 1_555 FE1 ? B QG4 . ? A QG4 201 ? 1_555 OXT ? C ACT . ? A ACT 202 ? 1_555 89.2  ? 
14 N3  ? B QG4 .   ? A QG4 201 ? 1_555 FE1 ? B QG4 . ? A QG4 201 ? 1_555 OXT ? C ACT . ? A ACT 202 ? 1_555 168.5 ? 
15 N4  ? B QG4 .   ? A QG4 201 ? 1_555 FE1 ? B QG4 . ? A QG4 201 ? 1_555 OXT ? C ACT . ? A ACT 202 ? 1_555 90.9  ? 
# 
loop_
_pdbx_audit_revision_history.ordinal 
_pdbx_audit_revision_history.data_content_type 
_pdbx_audit_revision_history.major_revision 
_pdbx_audit_revision_history.minor_revision 
_pdbx_audit_revision_history.revision_date 
1 'Structure model' 1 0 2020-05-06 
2 'Structure model' 1 1 2020-05-13 
3 'Structure model' 1 2 2023-10-11 
# 
_pdbx_audit_revision_details.ordinal             1 
_pdbx_audit_revision_details.revision_ordinal    1 
_pdbx_audit_revision_details.data_content_type   'Structure model' 
_pdbx_audit_revision_details.provider            repository 
_pdbx_audit_revision_details.type                'Initial release' 
_pdbx_audit_revision_details.description         ? 
_pdbx_audit_revision_details.details             ? 
# 
loop_
_pdbx_audit_revision_group.ordinal 
_pdbx_audit_revision_group.revision_ordinal 
_pdbx_audit_revision_group.data_content_type 
_pdbx_audit_revision_group.group 
1 2 'Structure model' 'Database references'    
2 3 'Structure model' 'Data collection'        
3 3 'Structure model' 'Database references'    
4 3 'Structure model' 'Refinement description' 
# 
loop_
_pdbx_audit_revision_category.ordinal 
_pdbx_audit_revision_category.revision_ordinal 
_pdbx_audit_revision_category.data_content_type 
_pdbx_audit_revision_category.category 
1 2 'Structure model' citation                      
2 3 'Structure model' chem_comp_atom                
3 3 'Structure model' chem_comp_bond                
4 3 'Structure model' database_2                    
5 3 'Structure model' pdbx_initial_refinement_model 
# 
loop_
_pdbx_audit_revision_item.ordinal 
_pdbx_audit_revision_item.revision_ordinal 
_pdbx_audit_revision_item.data_content_type 
_pdbx_audit_revision_item.item 
1 2 'Structure model' '_citation.journal_volume'            
2 2 'Structure model' '_citation.page_first'                
3 2 'Structure model' '_citation.page_last'                 
4 3 'Structure model' '_database_2.pdbx_DOI'                
5 3 'Structure model' '_database_2.pdbx_database_accession' 
# 
loop_
_software.citation_id 
_software.classification 
_software.compiler_name 
_software.compiler_version 
_software.contact_author 
_software.contact_author_email 
_software.date 
_software.description 
_software.dependencies 
_software.hardware 
_software.language 
_software.location 
_software.mods 
_software.name 
_software.os 
_software.os_version 
_software.type 
_software.version 
_software.pdbx_ordinal 
? 'data scaling'    ? ? ? ? ? ? ? ? ? ? ? Aimless     ? ? ? 0.7.3    1 
? refinement        ? ? ? ? ? ? ? ? ? ? ? REFMAC      ? ? ? 5.8.0238 2 
? 'data extraction' ? ? ? ? ? ? ? ? ? ? ? PDB_EXTRACT ? ? ? 3.25     3 
? 'data reduction'  ? ? ? ? ? ? ? ? ? ? ? XDS         ? ? ? .        4 
? phasing           ? ? ? ? ? ? ? ? ? ? ? PHASER      ? ? ? .        5 
# 
_pdbx_entry_details.entry_id                 6UIZ 
_pdbx_entry_details.nonpolymer_details       ? 
_pdbx_entry_details.sequence_details         ? 
_pdbx_entry_details.compound_details         ? 
_pdbx_entry_details.source_details           ? 
_pdbx_entry_details.has_ligand_of_interest   Y 
# 
loop_
_pdbx_validate_torsion.id 
_pdbx_validate_torsion.PDB_model_num 
_pdbx_validate_torsion.auth_comp_id 
_pdbx_validate_torsion.auth_asym_id 
_pdbx_validate_torsion.auth_seq_id 
_pdbx_validate_torsion.PDB_ins_code 
_pdbx_validate_torsion.label_alt_id 
_pdbx_validate_torsion.phi 
_pdbx_validate_torsion.psi 
1 1 SER A 52  ? ? 66.94   -161.16 
2 1 GLN A 101 ? ? -106.82 66.07   
# 
loop_
_pdbx_distant_solvent_atoms.id 
_pdbx_distant_solvent_atoms.PDB_model_num 
_pdbx_distant_solvent_atoms.auth_atom_id 
_pdbx_distant_solvent_atoms.label_alt_id 
_pdbx_distant_solvent_atoms.auth_asym_id 
_pdbx_distant_solvent_atoms.auth_comp_id 
_pdbx_distant_solvent_atoms.auth_seq_id 
_pdbx_distant_solvent_atoms.PDB_ins_code 
_pdbx_distant_solvent_atoms.neighbor_macromolecule_distance 
_pdbx_distant_solvent_atoms.neighbor_ligand_distance 
1 1 O ? A HOH 406 ? 6.17 . 
2 1 O ? A HOH 407 ? 6.57 . 
# 
loop_
_pdbx_unobs_or_zero_occ_residues.id 
_pdbx_unobs_or_zero_occ_residues.PDB_model_num 
_pdbx_unobs_or_zero_occ_residues.polymer_flag 
_pdbx_unobs_or_zero_occ_residues.occupancy_flag 
_pdbx_unobs_or_zero_occ_residues.auth_asym_id 
_pdbx_unobs_or_zero_occ_residues.auth_comp_id 
_pdbx_unobs_or_zero_occ_residues.auth_seq_id 
_pdbx_unobs_or_zero_occ_residues.PDB_ins_code 
_pdbx_unobs_or_zero_occ_residues.label_asym_id 
_pdbx_unobs_or_zero_occ_residues.label_comp_id 
_pdbx_unobs_or_zero_occ_residues.label_seq_id 
1  1 Y 1 A MET 1   ? A MET 1   
2  1 Y 1 A ALA 2   ? A ALA 2   
3  1 Y 1 A SER 3   ? A SER 3   
4  1 Y 1 A MET 4   ? A MET 4   
5  1 Y 1 A THR 5   ? A THR 5   
6  1 Y 1 A GLY 6   ? A GLY 6   
7  1 Y 1 A GLY 7   ? A GLY 7   
8  1 Y 1 A GLN 8   ? A GLN 8   
9  1 Y 1 A GLN 9   ? A GLN 9   
10 1 Y 1 A MET 10  ? A MET 10  
11 1 Y 1 A PRO 135 ? A PRO 135 
12 1 Y 1 A SER 136 ? A SER 136 
13 1 Y 1 A ALA 137 ? A ALA 137 
14 1 Y 1 A ALA 138 ? A ALA 138 
15 1 Y 1 A SER 139 ? A SER 139 
16 1 Y 1 A ILE 140 ? A ILE 140 
17 1 Y 1 A ASP 141 ? A ASP 141 
18 1 Y 1 A ALA 142 ? A ALA 142 
19 1 Y 1 A ALA 143 ? A ALA 143 
20 1 Y 1 A LYS 144 ? A LYS 144 
21 1 Y 1 A LYS 145 ? A LYS 145 
22 1 Y 1 A ALA 146 ? A ALA 146 
23 1 Y 1 A GLY 147 ? A GLY 147 
24 1 Y 1 A VAL 148 ? A VAL 148 
25 1 Y 1 A ASN 149 ? A ASN 149 
26 1 Y 1 A ASN 150 ? A ASN 150 
27 1 Y 1 A GLY 151 ? A GLY 151 
28 1 Y 1 A ASN 152 ? A ASN 152 
29 1 Y 1 A PRO 153 ? A PRO 153 
30 1 Y 1 A LEU 154 ? A LEU 154 
31 1 Y 1 A ASP 155 ? A ASP 155 
32 1 Y 1 A ALA 156 ? A ALA 156 
33 1 Y 1 A VAL 157 ? A VAL 157 
34 1 Y 1 A GLN 158 ? A GLN 158 
35 1 Y 1 A GLN 159 ? A GLN 159 
# 
loop_
_chem_comp_atom.comp_id 
_chem_comp_atom.atom_id 
_chem_comp_atom.type_symbol 
_chem_comp_atom.pdbx_aromatic_flag 
_chem_comp_atom.pdbx_stereo_config 
_chem_comp_atom.pdbx_ordinal 
ACT C    C  N N 1   
ACT O    O  N N 2   
ACT OXT  O  N N 3   
ACT CH3  C  N N 4   
ACT H1   H  N N 5   
ACT H2   H  N N 6   
ACT H3   H  N N 7   
ALA N    N  N N 8   
ALA CA   C  N S 9   
ALA C    C  N N 10  
ALA O    O  N N 11  
ALA CB   C  N N 12  
ALA OXT  O  N N 13  
ALA H    H  N N 14  
ALA H2   H  N N 15  
ALA HA   H  N N 16  
ALA HB1  H  N N 17  
ALA HB2  H  N N 18  
ALA HB3  H  N N 19  
ALA HXT  H  N N 20  
ARG N    N  N N 21  
ARG CA   C  N S 22  
ARG C    C  N N 23  
ARG O    O  N N 24  
ARG CB   C  N N 25  
ARG CG   C  N N 26  
ARG CD   C  N N 27  
ARG NE   N  N N 28  
ARG CZ   C  N N 29  
ARG NH1  N  N N 30  
ARG NH2  N  N N 31  
ARG OXT  O  N N 32  
ARG H    H  N N 33  
ARG H2   H  N N 34  
ARG HA   H  N N 35  
ARG HB2  H  N N 36  
ARG HB3  H  N N 37  
ARG HG2  H  N N 38  
ARG HG3  H  N N 39  
ARG HD2  H  N N 40  
ARG HD3  H  N N 41  
ARG HE   H  N N 42  
ARG HH11 H  N N 43  
ARG HH12 H  N N 44  
ARG HH21 H  N N 45  
ARG HH22 H  N N 46  
ARG HXT  H  N N 47  
ASN N    N  N N 48  
ASN CA   C  N S 49  
ASN C    C  N N 50  
ASN O    O  N N 51  
ASN CB   C  N N 52  
ASN CG   C  N N 53  
ASN OD1  O  N N 54  
ASN ND2  N  N N 55  
ASN OXT  O  N N 56  
ASN H    H  N N 57  
ASN H2   H  N N 58  
ASN HA   H  N N 59  
ASN HB2  H  N N 60  
ASN HB3  H  N N 61  
ASN HD21 H  N N 62  
ASN HD22 H  N N 63  
ASN HXT  H  N N 64  
ASP N    N  N N 65  
ASP CA   C  N S 66  
ASP C    C  N N 67  
ASP O    O  N N 68  
ASP CB   C  N N 69  
ASP CG   C  N N 70  
ASP OD1  O  N N 71  
ASP OD2  O  N N 72  
ASP OXT  O  N N 73  
ASP H    H  N N 74  
ASP H2   H  N N 75  
ASP HA   H  N N 76  
ASP HB2  H  N N 77  
ASP HB3  H  N N 78  
ASP HD2  H  N N 79  
ASP HXT  H  N N 80  
GLN N    N  N N 81  
GLN CA   C  N S 82  
GLN C    C  N N 83  
GLN O    O  N N 84  
GLN CB   C  N N 85  
GLN CG   C  N N 86  
GLN CD   C  N N 87  
GLN OE1  O  N N 88  
GLN NE2  N  N N 89  
GLN OXT  O  N N 90  
GLN H    H  N N 91  
GLN H2   H  N N 92  
GLN HA   H  N N 93  
GLN HB2  H  N N 94  
GLN HB3  H  N N 95  
GLN HG2  H  N N 96  
GLN HG3  H  N N 97  
GLN HE21 H  N N 98  
GLN HE22 H  N N 99  
GLN HXT  H  N N 100 
GLU N    N  N N 101 
GLU CA   C  N S 102 
GLU C    C  N N 103 
GLU O    O  N N 104 
GLU CB   C  N N 105 
GLU CG   C  N N 106 
GLU CD   C  N N 107 
GLU OE1  O  N N 108 
GLU OE2  O  N N 109 
GLU OXT  O  N N 110 
GLU H    H  N N 111 
GLU H2   H  N N 112 
GLU HA   H  N N 113 
GLU HB2  H  N N 114 
GLU HB3  H  N N 115 
GLU HG2  H  N N 116 
GLU HG3  H  N N 117 
GLU HE2  H  N N 118 
GLU HXT  H  N N 119 
GLY N    N  N N 120 
GLY CA   C  N N 121 
GLY C    C  N N 122 
GLY O    O  N N 123 
GLY OXT  O  N N 124 
GLY H    H  N N 125 
GLY H2   H  N N 126 
GLY HA2  H  N N 127 
GLY HA3  H  N N 128 
GLY HXT  H  N N 129 
HIS N    N  N N 130 
HIS CA   C  N S 131 
HIS C    C  N N 132 
HIS O    O  N N 133 
HIS CB   C  N N 134 
HIS CG   C  Y N 135 
HIS ND1  N  Y N 136 
HIS CD2  C  Y N 137 
HIS CE1  C  Y N 138 
HIS NE2  N  Y N 139 
HIS OXT  O  N N 140 
HIS H    H  N N 141 
HIS H2   H  N N 142 
HIS HA   H  N N 143 
HIS HB2  H  N N 144 
HIS HB3  H  N N 145 
HIS HD1  H  N N 146 
HIS HD2  H  N N 147 
HIS HE1  H  N N 148 
HIS HE2  H  N N 149 
HIS HXT  H  N N 150 
HOH O    O  N N 151 
HOH H1   H  N N 152 
HOH H2   H  N N 153 
ILE N    N  N N 154 
ILE CA   C  N S 155 
ILE C    C  N N 156 
ILE O    O  N N 157 
ILE CB   C  N S 158 
ILE CG1  C  N N 159 
ILE CG2  C  N N 160 
ILE CD1  C  N N 161 
ILE OXT  O  N N 162 
ILE H    H  N N 163 
ILE H2   H  N N 164 
ILE HA   H  N N 165 
ILE HB   H  N N 166 
ILE HG12 H  N N 167 
ILE HG13 H  N N 168 
ILE HG21 H  N N 169 
ILE HG22 H  N N 170 
ILE HG23 H  N N 171 
ILE HD11 H  N N 172 
ILE HD12 H  N N 173 
ILE HD13 H  N N 174 
ILE HXT  H  N N 175 
LEU N    N  N N 176 
LEU CA   C  N S 177 
LEU C    C  N N 178 
LEU O    O  N N 179 
LEU CB   C  N N 180 
LEU CG   C  N N 181 
LEU CD1  C  N N 182 
LEU CD2  C  N N 183 
LEU OXT  O  N N 184 
LEU H    H  N N 185 
LEU H2   H  N N 186 
LEU HA   H  N N 187 
LEU HB2  H  N N 188 
LEU HB3  H  N N 189 
LEU HG   H  N N 190 
LEU HD11 H  N N 191 
LEU HD12 H  N N 192 
LEU HD13 H  N N 193 
LEU HD21 H  N N 194 
LEU HD22 H  N N 195 
LEU HD23 H  N N 196 
LEU HXT  H  N N 197 
LYS N    N  N N 198 
LYS CA   C  N S 199 
LYS C    C  N N 200 
LYS O    O  N N 201 
LYS CB   C  N N 202 
LYS CG   C  N N 203 
LYS CD   C  N N 204 
LYS CE   C  N N 205 
LYS NZ   N  N N 206 
LYS OXT  O  N N 207 
LYS H    H  N N 208 
LYS H2   H  N N 209 
LYS HA   H  N N 210 
LYS HB2  H  N N 211 
LYS HB3  H  N N 212 
LYS HG2  H  N N 213 
LYS HG3  H  N N 214 
LYS HD2  H  N N 215 
LYS HD3  H  N N 216 
LYS HE2  H  N N 217 
LYS HE3  H  N N 218 
LYS HZ1  H  N N 219 
LYS HZ2  H  N N 220 
LYS HZ3  H  N N 221 
LYS HXT  H  N N 222 
MET N    N  N N 223 
MET CA   C  N S 224 
MET C    C  N N 225 
MET O    O  N N 226 
MET CB   C  N N 227 
MET CG   C  N N 228 
MET SD   S  N N 229 
MET CE   C  N N 230 
MET OXT  O  N N 231 
MET H    H  N N 232 
MET H2   H  N N 233 
MET HA   H  N N 234 
MET HB2  H  N N 235 
MET HB3  H  N N 236 
MET HG2  H  N N 237 
MET HG3  H  N N 238 
MET HE1  H  N N 239 
MET HE2  H  N N 240 
MET HE3  H  N N 241 
MET HXT  H  N N 242 
PHE N    N  N N 243 
PHE CA   C  N S 244 
PHE C    C  N N 245 
PHE O    O  N N 246 
PHE CB   C  N N 247 
PHE CG   C  Y N 248 
PHE CD1  C  Y N 249 
PHE CD2  C  Y N 250 
PHE CE1  C  Y N 251 
PHE CE2  C  Y N 252 
PHE CZ   C  Y N 253 
PHE OXT  O  N N 254 
PHE H    H  N N 255 
PHE H2   H  N N 256 
PHE HA   H  N N 257 
PHE HB2  H  N N 258 
PHE HB3  H  N N 259 
PHE HD1  H  N N 260 
PHE HD2  H  N N 261 
PHE HE1  H  N N 262 
PHE HE2  H  N N 263 
PHE HZ   H  N N 264 
PHE HXT  H  N N 265 
PRO N    N  N N 266 
PRO CA   C  N S 267 
PRO C    C  N N 268 
PRO O    O  N N 269 
PRO CB   C  N N 270 
PRO CG   C  N N 271 
PRO CD   C  N N 272 
PRO OXT  O  N N 273 
PRO H    H  N N 274 
PRO HA   H  N N 275 
PRO HB2  H  N N 276 
PRO HB3  H  N N 277 
PRO HG2  H  N N 278 
PRO HG3  H  N N 279 
PRO HD2  H  N N 280 
PRO HD3  H  N N 281 
PRO HXT  H  N N 282 
QG4 O2   O  N N 283 
QG4 C9   C  N N 284 
QG4 N1   N  N N 285 
QG4 N2   N  N N 286 
QG4 C10  C  N S 287 
QG4 C8   C  N R 288 
QG4 C7   C  N N 289 
QG4 S1   S  N N 290 
QG4 C6   C  N S 291 
QG4 C5   C  N N 292 
QG4 C4   C  N N 293 
QG4 C3   C  N N 294 
QG4 C2   C  N N 295 
QG4 C1   C  N N 296 
QG4 C24  C  N N 297 
QG4 O1   O  N N 298 
QG4 N6   N  N N 299 
QG4 C23  C  N N 300 
QG4 N3   N  N N 301 
QG4 C11  C  N N 302 
QG4 C17  C  N N 303 
QG4 FE1  FE N N 304 
QG4 N4   N  Y N 305 
QG4 C16  C  Y N 306 
QG4 C15  C  Y N 307 
QG4 C14  C  Y N 308 
QG4 C13  C  Y N 309 
QG4 C12  C  Y N 310 
QG4 N5   N  Y N 311 
QG4 C18  C  Y N 312 
QG4 C22  C  Y N 313 
QG4 C21  C  Y N 314 
QG4 C20  C  Y N 315 
QG4 C19  C  Y N 316 
QG4 N7   N  N N 317 
QG4 N8   N  N N 318 
QG4 N9   N  N N 319 
QG4 H1   H  N N 320 
QG4 H2   H  N N 321 
QG4 H3   H  N N 322 
QG4 H4   H  N N 323 
QG4 H5   H  N N 324 
QG4 H6   H  N N 325 
QG4 H7   H  N N 326 
QG4 H8   H  N N 327 
QG4 H9   H  N N 328 
QG4 H10  H  N N 329 
QG4 H11  H  N N 330 
QG4 H12  H  N N 331 
QG4 H13  H  N N 332 
QG4 H14  H  N N 333 
QG4 H15  H  N N 334 
QG4 H16  H  N N 335 
QG4 H17  H  N N 336 
QG4 H18  H  N N 337 
QG4 H19  H  N N 338 
QG4 H20  H  N N 339 
QG4 H21  H  N N 340 
QG4 H22  H  N N 341 
QG4 H23  H  N N 342 
QG4 H24  H  N N 343 
QG4 H25  H  N N 344 
QG4 H26  H  N N 345 
QG4 H27  H  N N 346 
QG4 H28  H  N N 347 
QG4 H29  H  N N 348 
QG4 H30  H  N N 349 
QG4 H31  H  N N 350 
QG4 H32  H  N N 351 
QG4 H33  H  N N 352 
SER N    N  N N 353 
SER CA   C  N S 354 
SER C    C  N N 355 
SER O    O  N N 356 
SER CB   C  N N 357 
SER OG   O  N N 358 
SER OXT  O  N N 359 
SER H    H  N N 360 
SER H2   H  N N 361 
SER HA   H  N N 362 
SER HB2  H  N N 363 
SER HB3  H  N N 364 
SER HG   H  N N 365 
SER HXT  H  N N 366 
THR N    N  N N 367 
THR CA   C  N S 368 
THR C    C  N N 369 
THR O    O  N N 370 
THR CB   C  N R 371 
THR OG1  O  N N 372 
THR CG2  C  N N 373 
THR OXT  O  N N 374 
THR H    H  N N 375 
THR H2   H  N N 376 
THR HA   H  N N 377 
THR HB   H  N N 378 
THR HG1  H  N N 379 
THR HG21 H  N N 380 
THR HG22 H  N N 381 
THR HG23 H  N N 382 
THR HXT  H  N N 383 
TRP N    N  N N 384 
TRP CA   C  N S 385 
TRP C    C  N N 386 
TRP O    O  N N 387 
TRP CB   C  N N 388 
TRP CG   C  Y N 389 
TRP CD1  C  Y N 390 
TRP CD2  C  Y N 391 
TRP NE1  N  Y N 392 
TRP CE2  C  Y N 393 
TRP CE3  C  Y N 394 
TRP CZ2  C  Y N 395 
TRP CZ3  C  Y N 396 
TRP CH2  C  Y N 397 
TRP OXT  O  N N 398 
TRP H    H  N N 399 
TRP H2   H  N N 400 
TRP HA   H  N N 401 
TRP HB2  H  N N 402 
TRP HB3  H  N N 403 
TRP HD1  H  N N 404 
TRP HE1  H  N N 405 
TRP HE3  H  N N 406 
TRP HZ2  H  N N 407 
TRP HZ3  H  N N 408 
TRP HH2  H  N N 409 
TRP HXT  H  N N 410 
TYR N    N  N N 411 
TYR CA   C  N S 412 
TYR C    C  N N 413 
TYR O    O  N N 414 
TYR CB   C  N N 415 
TYR CG   C  Y N 416 
TYR CD1  C  Y N 417 
TYR CD2  C  Y N 418 
TYR CE1  C  Y N 419 
TYR CE2  C  Y N 420 
TYR CZ   C  Y N 421 
TYR OH   O  N N 422 
TYR OXT  O  N N 423 
TYR H    H  N N 424 
TYR H2   H  N N 425 
TYR HA   H  N N 426 
TYR HB2  H  N N 427 
TYR HB3  H  N N 428 
TYR HD1  H  N N 429 
TYR HD2  H  N N 430 
TYR HE1  H  N N 431 
TYR HE2  H  N N 432 
TYR HH   H  N N 433 
TYR HXT  H  N N 434 
VAL N    N  N N 435 
VAL CA   C  N S 436 
VAL C    C  N N 437 
VAL O    O  N N 438 
VAL CB   C  N N 439 
VAL CG1  C  N N 440 
VAL CG2  C  N N 441 
VAL OXT  O  N N 442 
VAL H    H  N N 443 
VAL H2   H  N N 444 
VAL HA   H  N N 445 
VAL HB   H  N N 446 
VAL HG11 H  N N 447 
VAL HG12 H  N N 448 
VAL HG13 H  N N 449 
VAL HG21 H  N N 450 
VAL HG22 H  N N 451 
VAL HG23 H  N N 452 
VAL HXT  H  N N 453 
# 
loop_
_chem_comp_bond.comp_id 
_chem_comp_bond.atom_id_1 
_chem_comp_bond.atom_id_2 
_chem_comp_bond.value_order 
_chem_comp_bond.pdbx_aromatic_flag 
_chem_comp_bond.pdbx_stereo_config 
_chem_comp_bond.pdbx_ordinal 
ACT C   O    doub N N 1   
ACT C   OXT  sing N N 2   
ACT C   CH3  sing N N 3   
ACT CH3 H1   sing N N 4   
ACT CH3 H2   sing N N 5   
ACT CH3 H3   sing N N 6   
ALA N   CA   sing N N 7   
ALA N   H    sing N N 8   
ALA N   H2   sing N N 9   
ALA CA  C    sing N N 10  
ALA CA  CB   sing N N 11  
ALA CA  HA   sing N N 12  
ALA C   O    doub N N 13  
ALA C   OXT  sing N N 14  
ALA CB  HB1  sing N N 15  
ALA CB  HB2  sing N N 16  
ALA CB  HB3  sing N N 17  
ALA OXT HXT  sing N N 18  
ARG N   CA   sing N N 19  
ARG N   H    sing N N 20  
ARG N   H2   sing N N 21  
ARG CA  C    sing N N 22  
ARG CA  CB   sing N N 23  
ARG CA  HA   sing N N 24  
ARG C   O    doub N N 25  
ARG C   OXT  sing N N 26  
ARG CB  CG   sing N N 27  
ARG CB  HB2  sing N N 28  
ARG CB  HB3  sing N N 29  
ARG CG  CD   sing N N 30  
ARG CG  HG2  sing N N 31  
ARG CG  HG3  sing N N 32  
ARG CD  NE   sing N N 33  
ARG CD  HD2  sing N N 34  
ARG CD  HD3  sing N N 35  
ARG NE  CZ   sing N N 36  
ARG NE  HE   sing N N 37  
ARG CZ  NH1  sing N N 38  
ARG CZ  NH2  doub N N 39  
ARG NH1 HH11 sing N N 40  
ARG NH1 HH12 sing N N 41  
ARG NH2 HH21 sing N N 42  
ARG NH2 HH22 sing N N 43  
ARG OXT HXT  sing N N 44  
ASN N   CA   sing N N 45  
ASN N   H    sing N N 46  
ASN N   H2   sing N N 47  
ASN CA  C    sing N N 48  
ASN CA  CB   sing N N 49  
ASN CA  HA   sing N N 50  
ASN C   O    doub N N 51  
ASN C   OXT  sing N N 52  
ASN CB  CG   sing N N 53  
ASN CB  HB2  sing N N 54  
ASN CB  HB3  sing N N 55  
ASN CG  OD1  doub N N 56  
ASN CG  ND2  sing N N 57  
ASN ND2 HD21 sing N N 58  
ASN ND2 HD22 sing N N 59  
ASN OXT HXT  sing N N 60  
ASP N   CA   sing N N 61  
ASP N   H    sing N N 62  
ASP N   H2   sing N N 63  
ASP CA  C    sing N N 64  
ASP CA  CB   sing N N 65  
ASP CA  HA   sing N N 66  
ASP C   O    doub N N 67  
ASP C   OXT  sing N N 68  
ASP CB  CG   sing N N 69  
ASP CB  HB2  sing N N 70  
ASP CB  HB3  sing N N 71  
ASP CG  OD1  doub N N 72  
ASP CG  OD2  sing N N 73  
ASP OD2 HD2  sing N N 74  
ASP OXT HXT  sing N N 75  
GLN N   CA   sing N N 76  
GLN N   H    sing N N 77  
GLN N   H2   sing N N 78  
GLN CA  C    sing N N 79  
GLN CA  CB   sing N N 80  
GLN CA  HA   sing N N 81  
GLN C   O    doub N N 82  
GLN C   OXT  sing N N 83  
GLN CB  CG   sing N N 84  
GLN CB  HB2  sing N N 85  
GLN CB  HB3  sing N N 86  
GLN CG  CD   sing N N 87  
GLN CG  HG2  sing N N 88  
GLN CG  HG3  sing N N 89  
GLN CD  OE1  doub N N 90  
GLN CD  NE2  sing N N 91  
GLN NE2 HE21 sing N N 92  
GLN NE2 HE22 sing N N 93  
GLN OXT HXT  sing N N 94  
GLU N   CA   sing N N 95  
GLU N   H    sing N N 96  
GLU N   H2   sing N N 97  
GLU CA  C    sing N N 98  
GLU CA  CB   sing N N 99  
GLU CA  HA   sing N N 100 
GLU C   O    doub N N 101 
GLU C   OXT  sing N N 102 
GLU CB  CG   sing N N 103 
GLU CB  HB2  sing N N 104 
GLU CB  HB3  sing N N 105 
GLU CG  CD   sing N N 106 
GLU CG  HG2  sing N N 107 
GLU CG  HG3  sing N N 108 
GLU CD  OE1  doub N N 109 
GLU CD  OE2  sing N N 110 
GLU OE2 HE2  sing N N 111 
GLU OXT HXT  sing N N 112 
GLY N   CA   sing N N 113 
GLY N   H    sing N N 114 
GLY N   H2   sing N N 115 
GLY CA  C    sing N N 116 
GLY CA  HA2  sing N N 117 
GLY CA  HA3  sing N N 118 
GLY C   O    doub N N 119 
GLY C   OXT  sing N N 120 
GLY OXT HXT  sing N N 121 
HIS N   CA   sing N N 122 
HIS N   H    sing N N 123 
HIS N   H2   sing N N 124 
HIS CA  C    sing N N 125 
HIS CA  CB   sing N N 126 
HIS CA  HA   sing N N 127 
HIS C   O    doub N N 128 
HIS C   OXT  sing N N 129 
HIS CB  CG   sing N N 130 
HIS CB  HB2  sing N N 131 
HIS CB  HB3  sing N N 132 
HIS CG  ND1  sing Y N 133 
HIS CG  CD2  doub Y N 134 
HIS ND1 CE1  doub Y N 135 
HIS ND1 HD1  sing N N 136 
HIS CD2 NE2  sing Y N 137 
HIS CD2 HD2  sing N N 138 
HIS CE1 NE2  sing Y N 139 
HIS CE1 HE1  sing N N 140 
HIS NE2 HE2  sing N N 141 
HIS OXT HXT  sing N N 142 
HOH O   H1   sing N N 143 
HOH O   H2   sing N N 144 
ILE N   CA   sing N N 145 
ILE N   H    sing N N 146 
ILE N   H2   sing N N 147 
ILE CA  C    sing N N 148 
ILE CA  CB   sing N N 149 
ILE CA  HA   sing N N 150 
ILE C   O    doub N N 151 
ILE C   OXT  sing N N 152 
ILE CB  CG1  sing N N 153 
ILE CB  CG2  sing N N 154 
ILE CB  HB   sing N N 155 
ILE CG1 CD1  sing N N 156 
ILE CG1 HG12 sing N N 157 
ILE CG1 HG13 sing N N 158 
ILE CG2 HG21 sing N N 159 
ILE CG2 HG22 sing N N 160 
ILE CG2 HG23 sing N N 161 
ILE CD1 HD11 sing N N 162 
ILE CD1 HD12 sing N N 163 
ILE CD1 HD13 sing N N 164 
ILE OXT HXT  sing N N 165 
LEU N   CA   sing N N 166 
LEU N   H    sing N N 167 
LEU N   H2   sing N N 168 
LEU CA  C    sing N N 169 
LEU CA  CB   sing N N 170 
LEU CA  HA   sing N N 171 
LEU C   O    doub N N 172 
LEU C   OXT  sing N N 173 
LEU CB  CG   sing N N 174 
LEU CB  HB2  sing N N 175 
LEU CB  HB3  sing N N 176 
LEU CG  CD1  sing N N 177 
LEU CG  CD2  sing N N 178 
LEU CG  HG   sing N N 179 
LEU CD1 HD11 sing N N 180 
LEU CD1 HD12 sing N N 181 
LEU CD1 HD13 sing N N 182 
LEU CD2 HD21 sing N N 183 
LEU CD2 HD22 sing N N 184 
LEU CD2 HD23 sing N N 185 
LEU OXT HXT  sing N N 186 
LYS N   CA   sing N N 187 
LYS N   H    sing N N 188 
LYS N   H2   sing N N 189 
LYS CA  C    sing N N 190 
LYS CA  CB   sing N N 191 
LYS CA  HA   sing N N 192 
LYS C   O    doub N N 193 
LYS C   OXT  sing N N 194 
LYS CB  CG   sing N N 195 
LYS CB  HB2  sing N N 196 
LYS CB  HB3  sing N N 197 
LYS CG  CD   sing N N 198 
LYS CG  HG2  sing N N 199 
LYS CG  HG3  sing N N 200 
LYS CD  CE   sing N N 201 
LYS CD  HD2  sing N N 202 
LYS CD  HD3  sing N N 203 
LYS CE  NZ   sing N N 204 
LYS CE  HE2  sing N N 205 
LYS CE  HE3  sing N N 206 
LYS NZ  HZ1  sing N N 207 
LYS NZ  HZ2  sing N N 208 
LYS NZ  HZ3  sing N N 209 
LYS OXT HXT  sing N N 210 
MET N   CA   sing N N 211 
MET N   H    sing N N 212 
MET N   H2   sing N N 213 
MET CA  C    sing N N 214 
MET CA  CB   sing N N 215 
MET CA  HA   sing N N 216 
MET C   O    doub N N 217 
MET C   OXT  sing N N 218 
MET CB  CG   sing N N 219 
MET CB  HB2  sing N N 220 
MET CB  HB3  sing N N 221 
MET CG  SD   sing N N 222 
MET CG  HG2  sing N N 223 
MET CG  HG3  sing N N 224 
MET SD  CE   sing N N 225 
MET CE  HE1  sing N N 226 
MET CE  HE2  sing N N 227 
MET CE  HE3  sing N N 228 
MET OXT HXT  sing N N 229 
PHE N   CA   sing N N 230 
PHE N   H    sing N N 231 
PHE N   H2   sing N N 232 
PHE CA  C    sing N N 233 
PHE CA  CB   sing N N 234 
PHE CA  HA   sing N N 235 
PHE C   O    doub N N 236 
PHE C   OXT  sing N N 237 
PHE CB  CG   sing N N 238 
PHE CB  HB2  sing N N 239 
PHE CB  HB3  sing N N 240 
PHE CG  CD1  doub Y N 241 
PHE CG  CD2  sing Y N 242 
PHE CD1 CE1  sing Y N 243 
PHE CD1 HD1  sing N N 244 
PHE CD2 CE2  doub Y N 245 
PHE CD2 HD2  sing N N 246 
PHE CE1 CZ   doub Y N 247 
PHE CE1 HE1  sing N N 248 
PHE CE2 CZ   sing Y N 249 
PHE CE2 HE2  sing N N 250 
PHE CZ  HZ   sing N N 251 
PHE OXT HXT  sing N N 252 
PRO N   CA   sing N N 253 
PRO N   CD   sing N N 254 
PRO N   H    sing N N 255 
PRO CA  C    sing N N 256 
PRO CA  CB   sing N N 257 
PRO CA  HA   sing N N 258 
PRO C   O    doub N N 259 
PRO C   OXT  sing N N 260 
PRO CB  CG   sing N N 261 
PRO CB  HB2  sing N N 262 
PRO CB  HB3  sing N N 263 
PRO CG  CD   sing N N 264 
PRO CG  HG2  sing N N 265 
PRO CG  HG3  sing N N 266 
PRO CD  HD2  sing N N 267 
PRO CD  HD3  sing N N 268 
PRO OXT HXT  sing N N 269 
QG4 N9  N8   doub N N 270 
QG4 N7  N8   doub N N 271 
QG4 N7  FE1  sing N N 272 
QG4 C22 C21  doub Y N 273 
QG4 C22 N5   sing Y N 274 
QG4 C21 C20  sing Y N 275 
QG4 FE1 N5   sing N N 276 
QG4 FE1 N3   sing N N 277 
QG4 N5  C18  doub Y N 278 
QG4 C20 C19  doub Y N 279 
QG4 C18 C19  sing Y N 280 
QG4 C18 C17  sing N N 281 
QG4 C24 C23  sing N N 282 
QG4 C24 N6   sing N N 283 
QG4 O1  C1   doub N N 284 
QG4 N4  C16  doub Y N 285 
QG4 N4  C12  sing Y N 286 
QG4 C17 N3   sing N N 287 
QG4 C16 C15  sing Y N 288 
QG4 N3  C23  sing N N 289 
QG4 N3  C11  sing N N 290 
QG4 C1  N6   sing N N 291 
QG4 C1  C2   sing N N 292 
QG4 C11 C12  sing N N 293 
QG4 C2  C3   sing N N 294 
QG4 C12 C13  doub Y N 295 
QG4 C15 C14  doub Y N 296 
QG4 C3  C4   sing N N 297 
QG4 C13 C14  sing Y N 298 
QG4 C4  C5   sing N N 299 
QG4 C5  C6   sing N N 300 
QG4 C6  C10  sing N N 301 
QG4 C6  S1   sing N N 302 
QG4 N2  C10  sing N N 303 
QG4 N2  C9   sing N N 304 
QG4 C10 C8   sing N N 305 
QG4 S1  C7   sing N N 306 
QG4 C9  O2   doub N N 307 
QG4 C9  N1   sing N N 308 
QG4 C8  C7   sing N N 309 
QG4 C8  N1   sing N N 310 
QG4 N1  H1   sing N N 311 
QG4 N2  H2   sing N N 312 
QG4 C10 H3   sing N N 313 
QG4 C8  H4   sing N N 314 
QG4 C7  H5   sing N N 315 
QG4 C7  H6   sing N N 316 
QG4 C6  H7   sing N N 317 
QG4 C5  H8   sing N N 318 
QG4 C5  H9   sing N N 319 
QG4 C4  H10  sing N N 320 
QG4 C4  H11  sing N N 321 
QG4 C3  H12  sing N N 322 
QG4 C3  H13  sing N N 323 
QG4 C2  H14  sing N N 324 
QG4 C2  H15  sing N N 325 
QG4 C24 H16  sing N N 326 
QG4 C24 H17  sing N N 327 
QG4 N6  H18  sing N N 328 
QG4 C23 H19  sing N N 329 
QG4 C23 H20  sing N N 330 
QG4 C11 H21  sing N N 331 
QG4 C11 H22  sing N N 332 
QG4 C17 H23  sing N N 333 
QG4 C17 H24  sing N N 334 
QG4 C16 H25  sing N N 335 
QG4 C15 H26  sing N N 336 
QG4 C14 H27  sing N N 337 
QG4 C13 H28  sing N N 338 
QG4 C22 H29  sing N N 339 
QG4 C21 H30  sing N N 340 
QG4 C20 H31  sing N N 341 
QG4 C19 H32  sing N N 342 
QG4 N9  H33  sing N N 343 
QG4 FE1 N4   sing N N 344 
SER N   CA   sing N N 345 
SER N   H    sing N N 346 
SER N   H2   sing N N 347 
SER CA  C    sing N N 348 
SER CA  CB   sing N N 349 
SER CA  HA   sing N N 350 
SER C   O    doub N N 351 
SER C   OXT  sing N N 352 
SER CB  OG   sing N N 353 
SER CB  HB2  sing N N 354 
SER CB  HB3  sing N N 355 
SER OG  HG   sing N N 356 
SER OXT HXT  sing N N 357 
THR N   CA   sing N N 358 
THR N   H    sing N N 359 
THR N   H2   sing N N 360 
THR CA  C    sing N N 361 
THR CA  CB   sing N N 362 
THR CA  HA   sing N N 363 
THR C   O    doub N N 364 
THR C   OXT  sing N N 365 
THR CB  OG1  sing N N 366 
THR CB  CG2  sing N N 367 
THR CB  HB   sing N N 368 
THR OG1 HG1  sing N N 369 
THR CG2 HG21 sing N N 370 
THR CG2 HG22 sing N N 371 
THR CG2 HG23 sing N N 372 
THR OXT HXT  sing N N 373 
TRP N   CA   sing N N 374 
TRP N   H    sing N N 375 
TRP N   H2   sing N N 376 
TRP CA  C    sing N N 377 
TRP CA  CB   sing N N 378 
TRP CA  HA   sing N N 379 
TRP C   O    doub N N 380 
TRP C   OXT  sing N N 381 
TRP CB  CG   sing N N 382 
TRP CB  HB2  sing N N 383 
TRP CB  HB3  sing N N 384 
TRP CG  CD1  doub Y N 385 
TRP CG  CD2  sing Y N 386 
TRP CD1 NE1  sing Y N 387 
TRP CD1 HD1  sing N N 388 
TRP CD2 CE2  doub Y N 389 
TRP CD2 CE3  sing Y N 390 
TRP NE1 CE2  sing Y N 391 
TRP NE1 HE1  sing N N 392 
TRP CE2 CZ2  sing Y N 393 
TRP CE3 CZ3  doub Y N 394 
TRP CE3 HE3  sing N N 395 
TRP CZ2 CH2  doub Y N 396 
TRP CZ2 HZ2  sing N N 397 
TRP CZ3 CH2  sing Y N 398 
TRP CZ3 HZ3  sing N N 399 
TRP CH2 HH2  sing N N 400 
TRP OXT HXT  sing N N 401 
TYR N   CA   sing N N 402 
TYR N   H    sing N N 403 
TYR N   H2   sing N N 404 
TYR CA  C    sing N N 405 
TYR CA  CB   sing N N 406 
TYR CA  HA   sing N N 407 
TYR C   O    doub N N 408 
TYR C   OXT  sing N N 409 
TYR CB  CG   sing N N 410 
TYR CB  HB2  sing N N 411 
TYR CB  HB3  sing N N 412 
TYR CG  CD1  doub Y N 413 
TYR CG  CD2  sing Y N 414 
TYR CD1 CE1  sing Y N 415 
TYR CD1 HD1  sing N N 416 
TYR CD2 CE2  doub Y N 417 
TYR CD2 HD2  sing N N 418 
TYR CE1 CZ   doub Y N 419 
TYR CE1 HE1  sing N N 420 
TYR CE2 CZ   sing Y N 421 
TYR CE2 HE2  sing N N 422 
TYR CZ  OH   sing N N 423 
TYR OH  HH   sing N N 424 
TYR OXT HXT  sing N N 425 
VAL N   CA   sing N N 426 
VAL N   H    sing N N 427 
VAL N   H2   sing N N 428 
VAL CA  C    sing N N 429 
VAL CA  CB   sing N N 430 
VAL CA  HA   sing N N 431 
VAL C   O    doub N N 432 
VAL C   OXT  sing N N 433 
VAL CB  CG1  sing N N 434 
VAL CB  CG2  sing N N 435 
VAL CB  HB   sing N N 436 
VAL CG1 HG11 sing N N 437 
VAL CG1 HG12 sing N N 438 
VAL CG1 HG13 sing N N 439 
VAL CG2 HG21 sing N N 440 
VAL CG2 HG22 sing N N 441 
VAL CG2 HG23 sing N N 442 
VAL OXT HXT  sing N N 443 
# 
_pdbx_audit_support.funding_organization   
'National Institutes of Health/National Institute of General Medical Sciences (NIH/NIGMS)' 
_pdbx_audit_support.country                'United States' 
_pdbx_audit_support.grant_number           RO1GM120349 
_pdbx_audit_support.ordinal                1 
# 
_pdbx_entity_instance_feature.ordinal        1 
_pdbx_entity_instance_feature.comp_id        QG4 
_pdbx_entity_instance_feature.asym_id        ? 
_pdbx_entity_instance_feature.seq_num        ? 
_pdbx_entity_instance_feature.auth_comp_id   QG4 
_pdbx_entity_instance_feature.auth_asym_id   ? 
_pdbx_entity_instance_feature.auth_seq_num   ? 
_pdbx_entity_instance_feature.feature_type   'SUBJECT OF INVESTIGATION' 
_pdbx_entity_instance_feature.details        ? 
# 
loop_
_pdbx_entity_nonpoly.entity_id 
_pdbx_entity_nonpoly.name 
_pdbx_entity_nonpoly.comp_id 
2 
;{N-(2-{bis[(pyridin-2-yl-kappaN)methyl]amino-kappaN}ethyl)-5-[(3aS,4S,6aR)-2-oxohexahydro-1H-thieno[3,4-d]imidazol-4-yl]pentanamide}(triaza-1,2-dien-2-ium-1-ide-kappaN~1~)iron(4+)
;
QG4 
3 'ACETATE ION' ACT 
4 water HOH 
# 
_pdbx_initial_refinement_model.id               1 
_pdbx_initial_refinement_model.entity_id_list   ? 
_pdbx_initial_refinement_model.type             'experimental model' 
_pdbx_initial_refinement_model.source_name      PDB 
_pdbx_initial_refinement_model.accession_code   2QCB 
_pdbx_initial_refinement_model.details          ? 
# 
_pdbx_struct_assembly_auth_evidence.id                     1 
_pdbx_struct_assembly_auth_evidence.assembly_id            1 
_pdbx_struct_assembly_auth_evidence.experimental_support   'gel filtration' 
_pdbx_struct_assembly_auth_evidence.details                ? 
# 
